data_7BTJ
#
_entry.id   7BTJ
#
_cell.length_a   65.730
_cell.length_b   79.118
_cell.length_c   90.687
_cell.angle_alpha   96.390
_cell.angle_beta   97.270
_cell.angle_gamma   111.920
#
_symmetry.space_group_name_H-M   'P 1'
#
loop_
_entity.id
_entity.type
_entity.pdbx_description
1 polymer 'Pennisetum glaucum monodehydroascorbate reductase'
2 non-polymer NICOTINAMIDE-ADENINE-DINUCLEOTIDE
3 non-polymer 'DIHYDROFLAVINE-ADENINE DINUCLEOTIDE'
4 water water
#
_entity_poly.entity_id   1
_entity_poly.type   'polypeptide(L)'
_entity_poly.pdbx_seq_one_letter_code
;MASEKHFKYVILGGGVAAGYAAREFAKQGVKPGELAIISKEAVAPYERPALSKGYLFPQNAARLPGFHVCVGSGGERQLP
EWYSEKGIELILSTEIVKADLSTKTLTSAAGATFTYEILIIATGSSVIKLTDFGTQGADSNNILYLREIDDADKLVAAIQ
AKKGGKAVVVGGGYIGLELSAALKINDFDVTMVFPEPWCMPRLFTADIAAFYEAYYTNKGVKVLKGTLAVGFDANANGDV
TAVKLKDGKVLEADIVVVGVGGRPLTTLFKGQVAEEKGGIKTDAFFETSVPGVYAIGDVATFPLKMYNELRRVEHVDHSR
KSAEQAVKAIKGKESGESVPEYDYLPYFYSRSFDLGWQFYGDNVGETILFGDSDPTSSKPKFGSYWIKDGKVFGAFLEGG
SPDENNAIAKVAKTQPPVASIEELKKEGLQFASKI
;
_entity_poly.pdbx_strand_id   A,B,C,D
#
# COMPACT_ATOMS: atom_id res chain seq x y z
N GLU A 4 52.20 7.21 3.09
CA GLU A 4 51.07 6.31 2.90
C GLU A 4 50.50 5.79 4.23
N LYS A 5 49.19 5.99 4.44
CA LYS A 5 48.50 5.55 5.64
C LYS A 5 47.44 4.53 5.21
N HIS A 6 47.42 3.36 5.84
CA HIS A 6 46.46 2.34 5.47
C HIS A 6 45.42 2.17 6.54
N PHE A 7 44.17 2.01 6.12
CA PHE A 7 43.06 1.79 7.02
C PHE A 7 42.19 0.74 6.38
N LYS A 8 41.58 -0.12 7.21
CA LYS A 8 40.65 -1.12 6.74
C LYS A 8 39.44 -0.41 6.05
N TYR A 9 38.93 0.66 6.66
CA TYR A 9 37.80 1.43 6.14
C TYR A 9 38.15 2.89 6.00
N VAL A 10 37.82 3.48 4.85
CA VAL A 10 38.02 4.91 4.65
C VAL A 10 36.73 5.51 4.20
N ILE A 11 36.26 6.50 4.94
CA ILE A 11 35.10 7.26 4.52
C ILE A 11 35.68 8.51 3.82
N LEU A 12 35.36 8.71 2.53
CA LEU A 12 35.84 9.88 1.82
C LEU A 12 34.80 10.99 1.85
N GLY A 13 35.06 12.00 2.66
CA GLY A 13 34.17 13.13 2.89
C GLY A 13 33.83 13.26 4.36
N GLY A 14 33.65 14.47 4.89
CA GLY A 14 33.34 14.66 6.31
C GLY A 14 32.04 15.41 6.57
N GLY A 15 31.00 14.99 5.86
CA GLY A 15 29.69 15.63 5.96
C GLY A 15 28.75 14.82 6.80
N VAL A 16 27.47 14.92 6.50
CA VAL A 16 26.43 14.27 7.27
C VAL A 16 26.48 12.73 7.13
N ALA A 17 26.59 12.20 5.91
CA ALA A 17 26.66 10.74 5.73
C ALA A 17 27.91 10.19 6.40
N ALA A 18 29.06 10.86 6.27
CA ALA A 18 30.29 10.40 6.91
C ALA A 18 30.13 10.30 8.45
N GLY A 19 29.52 11.31 9.06
CA GLY A 19 29.30 11.31 10.50
C GLY A 19 28.36 10.23 10.99
N TYR A 20 27.30 9.97 10.21
CA TYR A 20 26.32 8.96 10.56
C TYR A 20 26.82 7.54 10.29
N ALA A 21 27.73 7.38 9.31
CA ALA A 21 28.39 6.12 9.03
C ALA A 21 29.35 5.85 10.19
N ALA A 22 30.10 6.89 10.69
CA ALA A 22 31.03 6.76 11.83
C ALA A 22 30.25 6.29 13.08
N ARG A 23 29.07 6.87 13.34
CA ARG A 23 28.23 6.42 14.44
C ARG A 23 27.85 4.93 14.31
N GLU A 24 27.41 4.49 13.12
CA GLU A 24 27.07 3.08 12.90
C GLU A 24 28.31 2.17 13.07
N PHE A 25 29.49 2.60 12.59
CA PHE A 25 30.73 1.84 12.73
C PHE A 25 31.06 1.62 14.23
N ALA A 26 30.92 2.67 15.07
CA ALA A 26 31.16 2.56 16.52
C ALA A 26 30.16 1.59 17.17
N LYS A 27 28.88 1.65 16.73
CA LYS A 27 27.81 0.75 17.19
C LYS A 27 28.09 -0.72 16.76
N GLN A 28 28.80 -0.91 15.64
CA GLN A 28 29.17 -2.24 15.13
C GLN A 28 30.56 -2.69 15.65
N GLY A 29 31.04 -2.08 16.74
CA GLY A 29 32.30 -2.44 17.35
C GLY A 29 33.54 -2.21 16.51
N VAL A 30 33.67 -1.08 15.83
CA VAL A 30 34.90 -0.79 15.06
C VAL A 30 36.08 -0.66 16.06
N LYS A 31 37.28 -1.08 15.67
CA LYS A 31 38.45 -1.07 16.54
C LYS A 31 39.41 0.07 16.22
N PRO A 32 40.24 0.50 17.20
CA PRO A 32 41.22 1.58 16.92
C PRO A 32 42.13 1.28 15.74
N GLY A 33 42.39 2.27 14.92
CA GLY A 33 43.23 2.10 13.74
C GLY A 33 42.52 1.57 12.51
N GLU A 34 41.27 1.08 12.65
CA GLU A 34 40.55 0.49 11.53
C GLU A 34 39.86 1.49 10.56
N LEU A 35 39.26 2.56 11.09
CA LEU A 35 38.51 3.54 10.30
C LEU A 35 39.07 4.97 10.31
N ALA A 36 39.16 5.58 9.13
CA ALA A 36 39.56 6.96 8.92
C ALA A 36 38.49 7.69 8.11
N ILE A 37 38.37 9.00 8.36
CA ILE A 37 37.48 9.88 7.66
C ILE A 37 38.35 10.97 7.08
N ILE A 38 38.36 11.12 5.77
CA ILE A 38 39.19 12.12 5.10
C ILE A 38 38.27 13.22 4.68
N SER A 39 38.50 14.42 5.16
CA SER A 39 37.63 15.52 4.84
C SER A 39 38.43 16.76 4.49
N LYS A 40 38.00 17.52 3.47
CA LYS A 40 38.64 18.80 3.17
C LYS A 40 38.21 19.91 4.18
N GLU A 41 37.14 19.69 4.97
CA GLU A 41 36.69 20.66 5.97
C GLU A 41 37.61 20.63 7.21
N ALA A 42 37.72 21.76 7.91
CA ALA A 42 38.60 21.86 9.09
C ALA A 42 37.94 21.41 10.41
N VAL A 43 36.71 20.96 10.34
CA VAL A 43 35.87 20.58 11.47
C VAL A 43 35.27 19.20 11.27
N ALA A 44 34.94 18.54 12.37
CA ALA A 44 34.33 17.24 12.36
C ALA A 44 32.91 17.33 11.73
N PRO A 45 32.34 16.21 11.26
CA PRO A 45 30.99 16.26 10.67
C PRO A 45 29.96 17.02 11.49
N TYR A 46 29.11 17.82 10.81
CA TYR A 46 28.06 18.65 11.39
C TYR A 46 26.75 18.53 10.60
N GLU A 47 25.67 18.96 11.21
CA GLU A 47 24.35 18.91 10.61
C GLU A 47 24.25 20.06 9.67
N ARG A 48 24.58 19.83 8.38
CA ARG A 48 24.62 20.85 7.32
C ARG A 48 23.37 21.73 7.22
N PRO A 49 22.13 21.21 7.40
CA PRO A 49 20.96 22.09 7.35
C PRO A 49 21.02 23.36 8.23
N ALA A 50 21.81 23.36 9.33
CA ALA A 50 21.88 24.55 10.18
C ALA A 50 22.54 25.75 9.49
N LEU A 51 23.33 25.52 8.43
CA LEU A 51 24.07 26.58 7.76
C LEU A 51 23.20 27.59 7.04
N SER A 52 22.02 27.21 6.55
CA SER A 52 21.10 28.14 5.89
C SER A 52 20.00 28.66 6.83
N LYS A 53 19.99 28.19 8.09
CA LYS A 53 18.97 28.53 9.05
C LYS A 53 19.64 29.12 10.33
N GLY A 54 19.68 28.40 11.44
CA GLY A 54 20.26 28.86 12.70
C GLY A 54 21.59 29.60 12.59
N TYR A 55 22.50 29.13 11.71
CA TYR A 55 23.80 29.79 11.55
C TYR A 55 23.69 31.27 11.17
N LEU A 56 22.60 31.63 10.46
CA LEU A 56 22.48 32.98 9.94
C LEU A 56 21.61 33.91 10.73
N PHE A 57 21.11 33.52 11.91
CA PHE A 57 20.23 34.36 12.70
C PHE A 57 21.00 35.61 13.19
N PRO A 58 20.34 36.78 13.21
CA PRO A 58 21.02 37.98 13.76
C PRO A 58 21.35 37.88 15.25
N GLN A 59 20.59 37.08 16.02
CA GLN A 59 20.76 36.84 17.46
C GLN A 59 20.56 35.37 17.73
N ASN A 60 21.15 34.83 18.81
CA ASN A 60 20.95 33.42 19.20
C ASN A 60 21.31 32.44 18.09
N ALA A 61 22.31 32.82 17.26
CA ALA A 61 22.79 32.06 16.12
C ALA A 61 23.39 30.73 16.55
N ALA A 62 23.29 29.72 15.67
CA ALA A 62 23.83 28.39 15.89
C ALA A 62 25.27 28.39 15.52
N ARG A 63 26.12 27.86 16.38
CA ARG A 63 27.54 27.78 16.12
C ARG A 63 28.05 26.37 16.48
N LEU A 64 29.18 25.98 15.92
CA LEU A 64 29.81 24.72 16.31
C LEU A 64 30.38 24.94 17.75
N PRO A 65 30.43 23.90 18.60
CA PRO A 65 30.19 22.49 18.31
C PRO A 65 28.74 22.02 18.46
N GLY A 66 27.82 22.94 18.76
CA GLY A 66 26.44 22.60 19.00
C GLY A 66 25.75 21.67 18.00
N PHE A 67 25.94 21.94 16.69
CA PHE A 67 25.23 21.18 15.68
C PHE A 67 26.08 20.15 14.99
N HIS A 68 27.17 19.67 15.63
CA HIS A 68 27.90 18.51 15.10
C HIS A 68 26.91 17.31 15.08
N VAL A 69 27.04 16.36 14.14
CA VAL A 69 26.16 15.18 14.13
C VAL A 69 26.29 14.43 15.49
N CYS A 70 25.31 13.70 15.96
CA CYS A 70 24.06 13.32 15.34
C CYS A 70 22.89 14.03 16.03
N VAL A 71 23.07 15.28 16.49
CA VAL A 71 22.03 15.97 17.26
C VAL A 71 20.82 16.35 16.43
N GLY A 72 21.00 16.56 15.13
CA GLY A 72 19.91 16.93 14.23
C GLY A 72 18.83 15.86 14.08
N SER A 73 19.12 14.66 14.52
CA SER A 73 18.15 13.57 14.53
C SER A 73 17.88 13.07 15.98
N GLY A 74 18.25 13.86 16.99
CA GLY A 74 18.02 13.48 18.37
C GLY A 74 19.04 12.55 18.97
N GLY A 75 20.13 12.31 18.25
CA GLY A 75 21.24 11.49 18.70
C GLY A 75 22.23 12.31 19.51
N GLU A 76 23.35 11.70 19.86
CA GLU A 76 24.39 12.35 20.63
C GLU A 76 25.36 13.21 19.78
N ARG A 77 26.00 14.19 20.41
CA ARG A 77 26.96 15.06 19.73
C ARG A 77 28.28 14.34 19.60
N GLN A 78 28.88 14.43 18.40
CA GLN A 78 30.15 13.81 18.14
C GLN A 78 31.16 14.86 17.89
N LEU A 79 31.82 15.25 18.98
CA LEU A 79 32.89 16.22 18.95
C LEU A 79 34.12 15.54 18.37
N PRO A 80 35.17 16.28 17.95
CA PRO A 80 36.38 15.61 17.46
C PRO A 80 36.89 14.49 18.39
N GLU A 81 36.74 14.68 19.72
CA GLU A 81 37.18 13.73 20.75
C GLU A 81 36.39 12.41 20.73
N TRP A 82 35.15 12.44 20.23
CA TRP A 82 34.33 11.24 20.09
C TRP A 82 35.03 10.24 19.17
N TYR A 83 35.68 10.75 18.12
CA TYR A 83 36.40 10.00 17.13
C TYR A 83 37.72 9.52 17.71
N SER A 84 38.56 10.41 18.25
CA SER A 84 39.86 10.00 18.75
C SER A 84 39.79 9.06 19.97
N GLU A 85 38.78 9.18 20.84
CA GLU A 85 38.60 8.22 21.94
C GLU A 85 38.41 6.79 21.42
N LYS A 86 37.80 6.65 20.25
CA LYS A 86 37.51 5.36 19.65
C LYS A 86 38.58 4.84 18.67
N GLY A 87 39.63 5.62 18.42
CA GLY A 87 40.63 5.25 17.44
C GLY A 87 40.09 5.43 16.03
N ILE A 88 39.19 6.43 15.83
CA ILE A 88 38.67 6.77 14.51
C ILE A 88 39.42 7.99 14.08
N GLU A 89 40.35 7.84 13.14
CA GLU A 89 41.19 8.93 12.67
C GLU A 89 40.44 9.97 11.80
N LEU A 90 40.29 11.21 12.29
CA LEU A 90 39.69 12.29 11.50
C LEU A 90 40.85 12.97 10.80
N ILE A 91 40.85 12.97 9.47
CA ILE A 91 41.92 13.58 8.68
C ILE A 91 41.29 14.80 8.00
N LEU A 92 41.35 15.90 8.70
CA LEU A 92 40.72 17.13 8.30
C LEU A 92 41.60 17.97 7.45
N SER A 93 41.02 18.98 6.83
CA SER A 93 41.69 19.91 5.93
C SER A 93 42.44 19.24 4.79
N THR A 94 42.11 17.99 4.47
CA THR A 94 42.76 17.21 3.42
C THR A 94 41.79 16.97 2.25
N GLU A 95 42.17 17.49 1.09
CA GLU A 95 41.40 17.32 -0.12
C GLU A 95 42.00 16.23 -0.97
N ILE A 96 41.23 15.21 -1.29
CA ILE A 96 41.68 14.15 -2.19
C ILE A 96 41.50 14.60 -3.65
N VAL A 97 42.62 14.77 -4.38
CA VAL A 97 42.57 15.22 -5.77
C VAL A 97 42.67 14.08 -6.81
N LYS A 98 43.00 12.85 -6.37
CA LYS A 98 43.07 11.67 -7.23
C LYS A 98 42.60 10.44 -6.44
N ALA A 99 41.82 9.56 -7.07
CA ALA A 99 41.35 8.31 -6.45
C ALA A 99 41.56 7.16 -7.45
N ASP A 100 42.30 6.12 -7.06
CA ASP A 100 42.58 4.98 -7.94
C ASP A 100 41.91 3.76 -7.37
N LEU A 101 40.72 3.43 -7.89
CA LEU A 101 39.97 2.30 -7.36
C LEU A 101 40.67 0.98 -7.63
N SER A 102 41.42 0.87 -8.75
CA SER A 102 42.17 -0.34 -9.11
C SER A 102 43.31 -0.65 -8.17
N THR A 103 43.94 0.36 -7.54
CA THR A 103 45.00 0.10 -6.55
C THR A 103 44.61 0.56 -5.14
N LYS A 104 43.31 0.86 -4.89
CA LYS A 104 42.79 1.31 -3.60
C LYS A 104 43.64 2.42 -2.97
N THR A 105 43.99 3.45 -3.78
CA THR A 105 44.82 4.54 -3.28
C THR A 105 44.14 5.90 -3.50
N LEU A 106 44.06 6.73 -2.46
CA LEU A 106 43.54 8.09 -2.55
C LEU A 106 44.74 9.02 -2.41
N THR A 107 44.84 10.04 -3.27
CA THR A 107 45.97 10.99 -3.24
C THR A 107 45.51 12.43 -2.97
N SER A 108 46.08 13.08 -1.94
CA SER A 108 45.67 14.44 -1.58
C SER A 108 46.40 15.53 -2.37
N ALA A 109 45.95 16.78 -2.26
CA ALA A 109 46.53 17.91 -2.97
C ALA A 109 48.02 18.04 -2.71
N ALA A 110 48.43 17.91 -1.43
CA ALA A 110 49.84 17.98 -1.02
C ALA A 110 50.60 16.68 -1.31
N GLY A 111 50.02 15.75 -2.06
CA GLY A 111 50.70 14.52 -2.44
C GLY A 111 50.71 13.41 -1.43
N ALA A 112 49.94 13.53 -0.35
CA ALA A 112 49.84 12.44 0.61
C ALA A 112 49.02 11.31 0.01
N THR A 113 49.31 10.06 0.36
CA THR A 113 48.56 8.91 -0.12
C THR A 113 47.90 8.15 1.05
N PHE A 114 46.72 7.57 0.80
CA PHE A 114 45.97 6.80 1.79
C PHE A 114 45.40 5.56 1.09
N THR A 115 45.54 4.39 1.71
CA THR A 115 45.00 3.17 1.12
C THR A 115 43.90 2.61 2.00
N TYR A 116 43.03 1.83 1.38
CA TYR A 116 41.90 1.27 2.09
C TYR A 116 41.63 -0.17 1.68
N GLU A 117 40.78 -0.85 2.45
CA GLU A 117 40.26 -2.16 2.06
C GLU A 117 38.78 -1.99 1.60
N ILE A 118 38.05 -1.07 2.26
CA ILE A 118 36.67 -0.68 1.96
C ILE A 118 36.66 0.84 1.83
N LEU A 119 36.10 1.35 0.74
CA LEU A 119 35.94 2.78 0.56
C LEU A 119 34.44 3.13 0.64
N ILE A 120 34.13 4.27 1.28
CA ILE A 120 32.78 4.78 1.36
C ILE A 120 32.82 6.20 0.81
N ILE A 121 32.38 6.36 -0.43
CA ILE A 121 32.34 7.67 -1.09
C ILE A 121 31.18 8.46 -0.48
N ALA A 122 31.49 9.58 0.17
CA ALA A 122 30.48 10.41 0.83
C ALA A 122 30.84 11.87 0.57
N THR A 123 31.14 12.17 -0.72
CA THR A 123 31.60 13.47 -1.17
C THR A 123 30.52 14.52 -1.36
N GLY A 124 29.24 14.18 -1.16
CA GLY A 124 28.15 15.16 -1.28
C GLY A 124 27.95 15.80 -2.65
N SER A 125 27.59 17.07 -2.66
CA SER A 125 27.33 17.78 -3.89
C SER A 125 28.23 18.99 -4.03
N SER A 126 28.46 19.36 -5.26
CA SER A 126 29.20 20.57 -5.58
C SER A 126 28.19 21.74 -5.59
N VAL A 127 28.68 22.97 -5.69
CA VAL A 127 27.84 24.14 -5.77
C VAL A 127 27.97 24.58 -7.22
N ILE A 128 26.85 24.59 -7.97
CA ILE A 128 26.90 25.06 -9.35
C ILE A 128 27.06 26.55 -9.28
N LYS A 129 28.07 27.07 -9.96
CA LYS A 129 28.35 28.50 -9.91
C LYS A 129 27.93 29.16 -11.21
N LEU A 130 27.59 30.49 -11.16
CA LEU A 130 27.11 31.23 -12.33
C LEU A 130 28.10 31.30 -13.51
N THR A 131 29.35 30.88 -13.29
CA THR A 131 30.35 30.79 -14.33
C THR A 131 29.92 29.73 -15.39
N ASP A 132 29.22 28.65 -14.95
CA ASP A 132 28.66 27.58 -15.81
C ASP A 132 27.73 28.12 -16.90
N PHE A 133 27.20 29.34 -16.73
CA PHE A 133 26.34 29.95 -17.76
C PHE A 133 27.01 31.20 -18.43
N GLY A 134 28.30 31.42 -18.11
CA GLY A 134 29.12 32.49 -18.67
C GLY A 134 28.67 33.87 -18.28
N THR A 135 28.21 34.00 -17.02
CA THR A 135 27.70 35.25 -16.49
C THR A 135 28.82 36.24 -16.21
N GLN A 136 28.74 37.42 -16.83
CA GLN A 136 29.73 38.47 -16.69
C GLN A 136 29.72 38.99 -15.26
N GLY A 137 30.91 39.09 -14.66
CA GLY A 137 31.06 39.66 -13.33
C GLY A 137 30.75 38.76 -12.16
N ALA A 138 30.44 37.47 -12.42
CA ALA A 138 30.17 36.48 -11.37
C ALA A 138 31.32 36.25 -10.36
N ASP A 139 32.48 36.87 -10.62
CA ASP A 139 33.69 36.84 -9.79
C ASP A 139 33.83 38.07 -8.89
N SER A 140 32.82 38.95 -8.86
CA SER A 140 32.88 40.14 -8.05
C SER A 140 32.78 39.74 -6.57
N ASN A 141 33.41 40.52 -5.67
CA ASN A 141 33.35 40.21 -4.24
C ASN A 141 31.92 40.40 -3.75
N ASN A 142 31.54 39.58 -2.80
CA ASN A 142 30.21 39.59 -2.15
C ASN A 142 29.13 38.92 -3.00
N ILE A 143 29.52 38.01 -3.91
CA ILE A 143 28.61 37.20 -4.68
C ILE A 143 28.88 35.87 -4.06
N LEU A 144 28.04 35.47 -3.13
CA LEU A 144 28.29 34.33 -2.27
C LEU A 144 27.45 33.11 -2.53
N TYR A 145 28.01 31.98 -2.17
CA TYR A 145 27.39 30.67 -2.27
C TYR A 145 27.43 30.01 -0.88
N LEU A 146 26.55 29.05 -0.65
CA LEU A 146 26.49 28.38 0.64
C LEU A 146 26.44 26.89 0.45
N ARG A 147 27.49 26.22 0.93
CA ARG A 147 27.55 24.78 0.91
C ARG A 147 28.14 24.31 2.24
N GLU A 148 29.29 24.89 2.66
CA GLU A 148 30.01 24.44 3.83
C GLU A 148 30.19 25.53 4.88
N ILE A 149 30.64 25.11 6.10
CA ILE A 149 30.75 26.04 7.21
C ILE A 149 31.66 27.24 6.90
N ASP A 150 32.71 27.09 6.08
CA ASP A 150 33.54 28.22 5.70
C ASP A 150 32.75 29.24 4.88
N ASP A 151 31.85 28.76 3.99
CA ASP A 151 30.97 29.63 3.22
C ASP A 151 30.02 30.32 4.18
N ALA A 152 29.50 29.61 5.18
CA ALA A 152 28.58 30.19 6.15
C ALA A 152 29.23 31.31 6.94
N ASP A 153 30.52 31.16 7.32
CA ASP A 153 31.29 32.18 8.03
C ASP A 153 31.50 33.41 7.14
N LYS A 154 31.92 33.21 5.88
CA LYS A 154 32.08 34.31 4.92
C LYS A 154 30.74 35.02 4.69
N LEU A 155 29.62 34.28 4.67
CA LEU A 155 28.29 34.89 4.54
C LEU A 155 27.93 35.67 5.81
N VAL A 156 28.13 35.12 7.04
CA VAL A 156 27.85 35.81 8.29
C VAL A 156 28.59 37.18 8.32
N ALA A 157 29.86 37.19 7.92
CA ALA A 157 30.68 38.39 7.84
C ALA A 157 30.14 39.40 6.81
N ALA A 158 29.82 38.96 5.57
CA ALA A 158 29.27 39.88 4.57
C ALA A 158 27.92 40.45 5.03
N ILE A 159 27.15 39.67 5.81
CA ILE A 159 25.91 40.14 6.37
C ILE A 159 26.16 41.31 7.32
N GLN A 160 27.10 41.15 8.26
CA GLN A 160 27.42 42.23 9.20
C GLN A 160 27.97 43.43 8.49
N ALA A 161 28.85 43.19 7.51
CA ALA A 161 29.46 44.26 6.74
C ALA A 161 28.42 45.11 6.00
N LYS A 162 27.52 44.47 5.24
CA LYS A 162 26.57 45.20 4.42
C LYS A 162 25.17 45.32 5.01
N LYS A 163 25.00 45.02 6.31
CA LYS A 163 23.73 45.10 7.05
C LYS A 163 23.02 46.44 6.79
N GLY A 164 21.70 46.38 6.67
CA GLY A 164 20.90 47.55 6.37
C GLY A 164 20.86 47.91 4.90
N GLY A 165 21.58 47.17 4.07
CA GLY A 165 21.63 47.42 2.64
C GLY A 165 20.74 46.54 1.79
N LYS A 166 21.16 46.34 0.54
CA LYS A 166 20.38 45.60 -0.43
C LYS A 166 20.98 44.28 -0.79
N ALA A 167 20.15 43.24 -0.82
CA ALA A 167 20.56 41.90 -1.20
C ALA A 167 19.75 41.40 -2.40
N VAL A 168 20.42 40.66 -3.29
CA VAL A 168 19.81 40.01 -4.43
C VAL A 168 20.07 38.49 -4.30
N VAL A 169 19.06 37.67 -4.51
CA VAL A 169 19.17 36.24 -4.38
C VAL A 169 18.87 35.63 -5.71
N VAL A 170 19.84 34.98 -6.34
CA VAL A 170 19.64 34.33 -7.62
C VAL A 170 19.36 32.86 -7.36
N GLY A 171 18.18 32.39 -7.72
CA GLY A 171 17.73 31.02 -7.50
C GLY A 171 16.39 30.98 -6.77
N GLY A 172 15.53 30.06 -7.19
CA GLY A 172 14.22 29.93 -6.56
C GLY A 172 13.99 28.59 -5.89
N GLY A 173 15.06 27.84 -5.63
CA GLY A 173 14.94 26.56 -4.96
C GLY A 173 15.03 26.70 -3.44
N TYR A 174 15.59 25.68 -2.80
CA TYR A 174 15.78 25.64 -1.36
C TYR A 174 16.66 26.77 -0.84
N ILE A 175 17.84 26.98 -1.42
CA ILE A 175 18.72 28.06 -1.04
C ILE A 175 18.07 29.42 -1.29
N GLY A 176 17.41 29.60 -2.42
CA GLY A 176 16.74 30.87 -2.72
C GLY A 176 15.70 31.26 -1.68
N LEU A 177 14.82 30.32 -1.32
CA LEU A 177 13.77 30.58 -0.36
C LEU A 177 14.33 30.73 1.03
N GLU A 178 15.25 29.86 1.47
CA GLU A 178 15.79 29.93 2.81
C GLU A 178 16.73 31.14 3.02
N LEU A 179 17.49 31.52 1.98
CA LEU A 179 18.43 32.63 2.07
C LEU A 179 17.75 33.99 1.97
N SER A 180 16.66 34.10 1.18
CA SER A 180 15.89 35.34 1.12
C SER A 180 15.29 35.64 2.50
N ALA A 181 14.83 34.59 3.19
CA ALA A 181 14.29 34.75 4.52
C ALA A 181 15.41 35.17 5.46
N ALA A 182 16.58 34.52 5.38
CA ALA A 182 17.73 34.85 6.23
C ALA A 182 18.17 36.30 6.05
N LEU A 183 18.32 36.78 4.82
CA LEU A 183 18.72 38.15 4.57
C LEU A 183 17.64 39.11 5.05
N LYS A 184 16.36 38.74 4.92
CA LYS A 184 15.29 39.60 5.40
C LYS A 184 15.36 39.85 6.89
N ILE A 185 15.45 38.77 7.68
CA ILE A 185 15.57 38.88 9.13
C ILE A 185 16.87 39.60 9.55
N ASN A 186 17.89 39.65 8.66
CA ASN A 186 19.14 40.36 8.93
C ASN A 186 19.10 41.82 8.45
N ASP A 187 17.88 42.41 8.24
CA ASP A 187 17.71 43.82 7.88
C ASP A 187 18.23 44.17 6.50
N PHE A 188 17.95 43.32 5.52
CA PHE A 188 18.36 43.54 4.15
C PHE A 188 17.12 43.78 3.31
N ASP A 189 17.27 44.57 2.25
CA ASP A 189 16.20 44.82 1.30
C ASP A 189 16.46 43.72 0.30
N VAL A 190 15.58 42.70 0.23
CA VAL A 190 15.81 41.53 -0.59
C VAL A 190 15.01 41.43 -1.87
N THR A 191 15.68 41.07 -2.99
CA THR A 191 15.01 40.71 -4.24
C THR A 191 15.39 39.27 -4.61
N MET A 192 14.39 38.41 -4.83
CA MET A 192 14.55 37.03 -5.27
C MET A 192 14.45 37.02 -6.78
N VAL A 193 15.45 36.48 -7.50
CA VAL A 193 15.41 36.40 -8.95
C VAL A 193 15.53 34.94 -9.39
N PHE A 194 14.66 34.47 -10.32
CA PHE A 194 14.71 33.10 -10.85
C PHE A 194 13.96 33.02 -12.18
N PRO A 195 14.44 32.22 -13.16
CA PRO A 195 13.79 32.16 -14.49
C PRO A 195 12.46 31.44 -14.60
N GLU A 196 12.18 30.50 -13.71
CA GLU A 196 10.95 29.71 -13.78
C GLU A 196 9.69 30.53 -13.44
N PRO A 197 8.48 30.06 -13.84
CA PRO A 197 7.26 30.84 -13.54
C PRO A 197 6.88 30.91 -12.07
N TRP A 198 7.40 30.00 -11.25
CA TRP A 198 7.15 29.99 -9.81
C TRP A 198 8.33 29.35 -9.04
N CYS A 199 8.39 29.60 -7.70
CA CYS A 199 9.45 29.07 -6.86
C CYS A 199 9.33 27.55 -6.66
N MET A 200 10.46 26.89 -6.40
CA MET A 200 10.56 25.46 -6.21
C MET A 200 9.86 24.67 -7.35
N PRO A 201 10.19 24.94 -8.64
CA PRO A 201 9.48 24.28 -9.73
C PRO A 201 9.56 22.77 -9.75
N ARG A 202 10.62 22.20 -9.20
CA ARG A 202 10.77 20.75 -9.14
C ARG A 202 9.95 20.07 -8.03
N LEU A 203 9.14 20.83 -7.27
CA LEU A 203 8.36 20.27 -6.19
C LEU A 203 7.04 20.96 -6.01
N PHE A 204 7.07 22.29 -5.89
CA PHE A 204 5.88 23.10 -5.64
C PHE A 204 4.99 23.20 -6.88
N THR A 205 3.67 23.17 -6.68
CA THR A 205 2.73 23.46 -7.78
C THR A 205 2.64 25.01 -7.86
N ALA A 206 1.92 25.56 -8.87
CA ALA A 206 1.73 27.02 -8.93
C ALA A 206 0.96 27.54 -7.68
N ASP A 207 0.07 26.69 -7.11
CA ASP A 207 -0.76 27.04 -5.93
C ASP A 207 0.03 27.04 -4.65
N ILE A 208 0.97 26.09 -4.49
CA ILE A 208 1.81 26.06 -3.30
C ILE A 208 2.76 27.24 -3.39
N ALA A 209 3.40 27.43 -4.56
CA ALA A 209 4.32 28.53 -4.74
C ALA A 209 3.67 29.88 -4.49
N ALA A 210 2.43 30.08 -4.97
CA ALA A 210 1.74 31.37 -4.79
C ALA A 210 1.56 31.77 -3.34
N PHE A 211 1.44 30.79 -2.42
CA PHE A 211 1.28 31.11 -1.00
C PHE A 211 2.57 31.75 -0.50
N TYR A 212 3.73 31.16 -0.84
CA TYR A 212 5.04 31.65 -0.43
C TYR A 212 5.39 32.93 -1.12
N GLU A 213 4.98 33.14 -2.39
CA GLU A 213 5.27 34.40 -3.06
C GLU A 213 4.53 35.54 -2.36
N ALA A 214 3.24 35.34 -2.05
CA ALA A 214 2.47 36.35 -1.33
C ALA A 214 3.05 36.56 0.08
N TYR A 215 3.37 35.47 0.79
CA TYR A 215 3.93 35.54 2.12
C TYR A 215 5.22 36.37 2.17
N TYR A 216 6.18 36.05 1.29
CA TYR A 216 7.48 36.71 1.17
C TYR A 216 7.31 38.16 0.80
N THR A 217 6.38 38.48 -0.08
CA THR A 217 6.07 39.83 -0.52
C THR A 217 5.65 40.69 0.65
N ASN A 218 4.77 40.18 1.54
CA ASN A 218 4.30 40.90 2.73
C ASN A 218 5.45 41.13 3.72
N LYS A 219 6.43 40.22 3.77
CA LYS A 219 7.63 40.44 4.58
C LYS A 219 8.57 41.46 3.91
N GLY A 220 8.23 41.98 2.73
CA GLY A 220 9.04 42.97 2.03
C GLY A 220 10.01 42.42 1.02
N VAL A 221 9.94 41.11 0.73
CA VAL A 221 10.83 40.49 -0.24
C VAL A 221 10.23 40.60 -1.65
N LYS A 222 10.95 41.25 -2.58
CA LYS A 222 10.48 41.37 -3.96
C LYS A 222 10.81 40.08 -4.71
N VAL A 223 9.79 39.36 -5.13
CA VAL A 223 9.97 38.10 -5.81
C VAL A 223 9.79 38.28 -7.31
N LEU A 224 10.89 38.25 -8.08
CA LEU A 224 10.81 38.39 -9.52
C LEU A 224 10.84 37.04 -10.25
N LYS A 225 9.67 36.50 -10.53
CA LYS A 225 9.50 35.27 -11.32
C LYS A 225 9.85 35.58 -12.80
N GLY A 226 10.17 34.54 -13.56
CA GLY A 226 10.50 34.69 -14.98
C GLY A 226 11.59 35.68 -15.27
N THR A 227 12.58 35.77 -14.37
CA THR A 227 13.69 36.70 -14.47
C THR A 227 15.04 35.97 -14.48
N LEU A 228 16.06 36.54 -15.14
CA LEU A 228 17.34 35.88 -15.26
C LEU A 228 18.45 36.88 -15.10
N ALA A 229 19.46 36.55 -14.29
CA ALA A 229 20.64 37.41 -14.10
C ALA A 229 21.60 37.10 -15.25
N VAL A 230 21.97 38.13 -16.01
CA VAL A 230 22.88 38.01 -17.14
C VAL A 230 24.25 38.70 -16.89
N GLY A 231 24.34 39.51 -15.86
CA GLY A 231 25.58 40.16 -15.51
C GLY A 231 25.55 40.79 -14.14
N PHE A 232 26.69 41.31 -13.71
CA PHE A 232 26.83 41.98 -12.45
C PHE A 232 27.77 43.16 -12.65
N ASP A 233 27.45 44.29 -12.06
CA ASP A 233 28.36 45.43 -12.07
C ASP A 233 29.22 45.35 -10.82
N ALA A 234 30.43 45.91 -10.89
CA ALA A 234 31.34 45.93 -9.74
C ALA A 234 32.12 47.24 -9.68
N ASN A 235 32.45 47.70 -8.49
CA ASN A 235 33.16 48.95 -8.31
C ASN A 235 34.70 48.78 -8.50
N ALA A 236 35.51 49.80 -8.10
CA ALA A 236 36.98 49.76 -8.22
C ALA A 236 37.59 48.59 -7.41
N ASN A 237 37.13 48.39 -6.15
CA ASN A 237 37.60 47.27 -5.32
C ASN A 237 37.13 45.89 -5.81
N GLY A 238 36.33 45.84 -6.87
CA GLY A 238 35.80 44.59 -7.40
C GLY A 238 34.56 44.07 -6.70
N ASP A 239 33.99 44.84 -5.77
CA ASP A 239 32.80 44.42 -5.04
C ASP A 239 31.58 44.56 -5.92
N VAL A 240 30.65 43.59 -5.87
CA VAL A 240 29.42 43.68 -6.63
C VAL A 240 28.61 44.90 -6.19
N THR A 241 28.05 45.65 -7.15
CA THR A 241 27.24 46.84 -6.90
C THR A 241 25.84 46.72 -7.52
N ALA A 242 25.66 45.84 -8.52
CA ALA A 242 24.37 45.68 -9.17
C ALA A 242 24.25 44.34 -9.89
N VAL A 243 23.00 43.92 -10.20
CA VAL A 243 22.71 42.68 -10.90
C VAL A 243 21.89 43.08 -12.11
N LYS A 244 22.36 42.72 -13.31
CA LYS A 244 21.69 43.05 -14.55
C LYS A 244 20.83 41.90 -15.00
N LEU A 245 19.56 42.17 -15.32
CA LEU A 245 18.62 41.12 -15.72
C LEU A 245 18.45 41.05 -17.24
N LYS A 246 18.02 39.90 -17.75
CA LYS A 246 17.79 39.65 -19.17
C LYS A 246 16.90 40.74 -19.82
N ASP A 247 15.93 41.28 -19.04
CA ASP A 247 15.02 42.32 -19.52
C ASP A 247 15.55 43.75 -19.38
N GLY A 248 16.81 43.93 -19.05
CA GLY A 248 17.39 45.26 -18.92
C GLY A 248 17.24 45.91 -17.56
N LYS A 249 16.39 45.36 -16.67
CA LYS A 249 16.26 45.94 -15.33
C LYS A 249 17.56 45.73 -14.57
N VAL A 250 17.99 46.70 -13.79
CA VAL A 250 19.21 46.61 -13.00
C VAL A 250 18.85 46.77 -11.54
N LEU A 251 19.17 45.77 -10.71
CA LEU A 251 18.86 45.83 -9.27
C LEU A 251 20.10 46.19 -8.51
N GLU A 252 19.99 47.13 -7.58
CA GLU A 252 21.12 47.51 -6.74
C GLU A 252 21.44 46.35 -5.78
N ALA A 253 22.72 46.04 -5.63
CA ALA A 253 23.12 44.94 -4.75
C ALA A 253 24.38 45.22 -4.00
N ASP A 254 24.29 45.24 -2.67
CA ASP A 254 25.46 45.34 -1.82
C ASP A 254 26.03 43.92 -1.69
N ILE A 255 25.13 42.91 -1.56
CA ILE A 255 25.48 41.51 -1.45
C ILE A 255 24.57 40.72 -2.39
N VAL A 256 25.10 39.64 -2.93
CA VAL A 256 24.39 38.74 -3.80
C VAL A 256 24.56 37.31 -3.27
N VAL A 257 23.48 36.54 -3.15
CA VAL A 257 23.56 35.14 -2.75
C VAL A 257 22.99 34.28 -3.88
N VAL A 258 23.69 33.20 -4.29
CA VAL A 258 23.26 32.40 -5.42
C VAL A 258 23.01 30.94 -4.98
N GLY A 259 21.85 30.40 -5.40
CA GLY A 259 21.44 29.03 -5.16
C GLY A 259 20.88 28.48 -6.45
N VAL A 260 21.75 28.01 -7.37
CA VAL A 260 21.30 27.52 -8.66
C VAL A 260 21.56 26.00 -8.86
N GLY A 261 21.57 25.26 -7.77
CA GLY A 261 21.69 23.82 -7.81
C GLY A 261 23.02 23.27 -7.42
N GLY A 262 23.04 21.95 -7.26
CA GLY A 262 24.23 21.18 -6.95
C GLY A 262 24.30 19.92 -7.80
N ARG A 263 25.48 19.37 -7.97
CA ARG A 263 25.68 18.14 -8.76
C ARG A 263 26.46 17.12 -7.92
N PRO A 264 26.20 15.80 -8.03
CA PRO A 264 26.98 14.84 -7.22
C PRO A 264 28.49 15.05 -7.40
N LEU A 265 29.26 15.05 -6.31
CA LEU A 265 30.70 15.29 -6.42
C LEU A 265 31.43 13.98 -6.71
N THR A 266 31.23 13.46 -7.93
CA THR A 266 31.75 12.17 -8.40
C THR A 266 33.01 12.25 -9.28
N THR A 267 33.52 13.45 -9.53
CA THR A 267 34.64 13.74 -10.43
C THR A 267 35.90 12.82 -10.29
N LEU A 268 36.24 12.37 -9.09
CA LEU A 268 37.38 11.51 -8.84
C LEU A 268 37.21 10.08 -9.37
N PHE A 269 35.96 9.69 -9.69
CA PHE A 269 35.68 8.31 -10.06
C PHE A 269 35.10 8.11 -11.44
N LYS A 270 35.13 9.14 -12.30
CA LYS A 270 34.60 9.05 -13.66
C LYS A 270 35.39 7.99 -14.42
N GLY A 271 34.68 7.03 -15.00
CA GLY A 271 35.27 5.92 -15.72
C GLY A 271 35.62 4.73 -14.86
N GLN A 272 35.57 4.87 -13.52
CA GLN A 272 35.91 3.78 -12.62
C GLN A 272 34.71 3.14 -11.97
N VAL A 273 33.57 3.84 -11.92
CA VAL A 273 32.35 3.29 -11.35
C VAL A 273 31.23 3.47 -12.39
N ALA A 274 30.24 2.58 -12.37
CA ALA A 274 29.08 2.74 -13.23
C ALA A 274 28.28 3.96 -12.71
N GLU A 275 27.72 4.75 -13.63
CA GLU A 275 26.94 5.92 -13.30
C GLU A 275 25.47 5.81 -13.79
N GLU A 276 24.57 6.65 -13.25
CA GLU A 276 23.16 6.66 -13.59
C GLU A 276 22.59 7.99 -13.17
N LYS A 277 22.22 8.83 -14.14
CA LYS A 277 21.67 10.18 -13.93
C LYS A 277 22.57 11.07 -13.02
N GLY A 278 23.86 11.16 -13.39
CA GLY A 278 24.81 11.98 -12.65
C GLY A 278 25.43 11.30 -11.43
N GLY A 279 24.68 10.42 -10.78
CA GLY A 279 25.17 9.75 -9.60
C GLY A 279 25.93 8.45 -9.80
N ILE A 280 26.56 7.99 -8.74
CA ILE A 280 27.27 6.73 -8.74
C ILE A 280 26.19 5.71 -8.44
N LYS A 281 25.98 4.81 -9.38
CA LYS A 281 24.97 3.78 -9.30
C LYS A 281 25.35 2.77 -8.20
N THR A 282 24.40 2.50 -7.30
CA THR A 282 24.58 1.54 -6.22
C THR A 282 23.41 0.52 -6.22
N ASP A 283 23.56 -0.58 -5.45
CA ASP A 283 22.50 -1.54 -5.24
C ASP A 283 21.74 -1.11 -3.96
N ALA A 284 20.80 -1.94 -3.51
CA ALA A 284 19.99 -1.69 -2.31
C ALA A 284 20.83 -1.68 -1.01
N PHE A 285 22.15 -1.90 -1.09
CA PHE A 285 23.04 -1.85 0.07
C PHE A 285 24.14 -0.79 -0.10
N PHE A 286 24.01 0.10 -1.10
CA PHE A 286 24.90 1.22 -1.41
C PHE A 286 26.25 0.80 -1.98
N GLU A 287 26.40 -0.46 -2.46
CA GLU A 287 27.67 -0.87 -3.04
C GLU A 287 27.69 -0.49 -4.48
N THR A 288 28.78 0.10 -4.93
CA THR A 288 28.93 0.56 -6.31
C THR A 288 29.25 -0.66 -7.27
N SER A 289 29.56 -0.40 -8.55
CA SER A 289 29.95 -1.44 -9.47
C SER A 289 31.31 -2.07 -9.08
N VAL A 290 32.13 -1.40 -8.22
CA VAL A 290 33.42 -1.90 -7.74
C VAL A 290 33.26 -2.53 -6.34
N PRO A 291 33.60 -3.83 -6.18
CA PRO A 291 33.44 -4.45 -4.87
C PRO A 291 34.30 -3.80 -3.79
N GLY A 292 33.69 -3.63 -2.62
CA GLY A 292 34.34 -2.94 -1.49
C GLY A 292 34.26 -1.43 -1.59
N VAL A 293 33.60 -0.88 -2.63
CA VAL A 293 33.43 0.56 -2.78
C VAL A 293 31.95 0.88 -2.67
N TYR A 294 31.57 1.71 -1.70
CA TYR A 294 30.19 2.10 -1.46
C TYR A 294 30.04 3.59 -1.77
N ALA A 295 28.81 4.04 -2.03
CA ALA A 295 28.54 5.46 -2.28
C ALA A 295 27.25 5.80 -1.50
N ILE A 296 27.26 6.87 -0.70
CA ILE A 296 26.11 7.20 0.14
C ILE A 296 25.78 8.69 0.06
N GLY A 297 24.60 9.06 0.57
CA GLY A 297 24.14 10.43 0.55
C GLY A 297 23.87 10.95 -0.85
N ASP A 298 24.23 12.22 -1.09
CA ASP A 298 24.01 12.97 -2.30
C ASP A 298 24.55 12.36 -3.59
N VAL A 299 25.65 11.56 -3.51
CA VAL A 299 26.28 10.99 -4.70
C VAL A 299 25.64 9.72 -5.25
N ALA A 300 24.89 8.96 -4.44
CA ALA A 300 24.38 7.68 -4.85
C ALA A 300 23.04 7.72 -5.58
N THR A 301 22.97 6.91 -6.67
CA THR A 301 21.76 6.63 -7.44
C THR A 301 21.50 5.17 -7.10
N PHE A 302 20.61 4.99 -6.17
CA PHE A 302 20.24 3.74 -5.56
C PHE A 302 18.81 3.31 -5.96
N PRO A 303 18.45 2.06 -5.73
CA PRO A 303 17.06 1.64 -5.97
C PRO A 303 16.11 2.16 -4.90
N LEU A 304 15.17 3.00 -5.29
CA LEU A 304 14.11 3.45 -4.42
C LEU A 304 13.07 2.31 -4.53
N LYS A 305 13.11 1.38 -3.60
CA LYS A 305 12.29 0.17 -3.59
C LYS A 305 10.79 0.39 -3.87
N MET A 306 10.16 1.36 -3.18
CA MET A 306 8.73 1.71 -3.27
C MET A 306 8.29 2.03 -4.67
N TYR A 307 9.19 2.64 -5.47
CA TYR A 307 8.84 3.09 -6.83
C TYR A 307 9.48 2.28 -7.92
N ASN A 308 10.29 1.25 -7.58
CA ASN A 308 10.96 0.33 -8.49
C ASN A 308 11.74 1.07 -9.54
N GLU A 309 12.44 2.10 -9.15
CA GLU A 309 13.25 2.92 -10.01
C GLU A 309 14.58 3.26 -9.30
N LEU A 310 15.58 3.65 -10.07
CA LEU A 310 16.85 4.11 -9.52
C LEU A 310 16.63 5.60 -9.28
N ARG A 311 16.90 6.05 -8.07
CA ARG A 311 16.68 7.44 -7.69
C ARG A 311 17.88 8.04 -7.02
N ARG A 312 17.93 9.38 -7.03
CA ARG A 312 18.98 10.10 -6.40
C ARG A 312 18.33 11.13 -5.50
N VAL A 313 18.76 11.18 -4.22
CA VAL A 313 18.20 12.10 -3.23
C VAL A 313 19.26 13.02 -2.63
N GLU A 314 19.09 14.33 -2.84
CA GLU A 314 20.03 15.29 -2.32
C GLU A 314 19.43 16.05 -1.13
N HIS A 315 19.07 15.29 -0.07
CA HIS A 315 18.49 15.77 1.20
C HIS A 315 19.04 15.00 2.42
N VAL A 316 19.07 15.66 3.58
CA VAL A 316 19.72 15.22 4.81
C VAL A 316 19.12 13.96 5.40
N ASP A 317 17.79 13.72 5.27
CA ASP A 317 17.21 12.50 5.82
C ASP A 317 17.83 11.24 5.15
N HIS A 318 17.98 11.29 3.84
CA HIS A 318 18.56 10.19 3.09
C HIS A 318 20.04 10.04 3.42
N SER A 319 20.78 11.14 3.60
CA SER A 319 22.21 11.01 3.94
C SER A 319 22.44 10.25 5.27
N ARG A 320 21.51 10.39 6.20
CA ARG A 320 21.54 9.72 7.50
C ARG A 320 21.15 8.25 7.36
N LYS A 321 20.05 7.96 6.65
CA LYS A 321 19.56 6.59 6.52
C LYS A 321 20.45 5.74 5.62
N SER A 322 21.01 6.34 4.54
CA SER A 322 21.89 5.59 3.64
C SER A 322 23.21 5.25 4.30
N ALA A 323 23.73 6.13 5.17
CA ALA A 323 24.98 5.88 5.86
C ALA A 323 24.90 4.64 6.75
N GLU A 324 23.81 4.49 7.51
CA GLU A 324 23.55 3.36 8.37
C GLU A 324 23.42 2.06 7.55
N GLN A 325 22.76 2.16 6.38
CA GLN A 325 22.55 1.01 5.52
C GLN A 325 23.86 0.49 4.99
N ALA A 326 24.70 1.36 4.38
CA ALA A 326 25.99 0.89 3.87
C ALA A 326 26.87 0.28 4.99
N VAL A 327 26.95 0.90 6.20
CA VAL A 327 27.81 0.34 7.27
C VAL A 327 27.27 -1.02 7.73
N LYS A 328 25.96 -1.17 7.92
CA LYS A 328 25.36 -2.47 8.23
C LYS A 328 25.64 -3.49 7.11
N ALA A 329 25.60 -3.06 5.83
CA ALA A 329 25.88 -3.95 4.70
C ALA A 329 27.32 -4.46 4.73
N ILE A 330 28.28 -3.56 5.01
CA ILE A 330 29.70 -3.92 5.12
C ILE A 330 29.90 -4.87 6.31
N LYS A 331 29.40 -4.51 7.50
CA LYS A 331 29.57 -5.35 8.69
C LYS A 331 28.82 -6.67 8.60
N GLY A 332 27.70 -6.68 7.89
CA GLY A 332 26.87 -7.86 7.72
C GLY A 332 27.60 -8.90 6.91
N LYS A 333 28.23 -8.47 5.82
CA LYS A 333 28.99 -9.34 4.94
C LYS A 333 30.16 -9.96 5.70
N GLU A 334 30.82 -9.19 6.60
CA GLU A 334 31.94 -9.73 7.38
C GLU A 334 31.52 -10.94 8.22
N SER A 335 30.24 -11.07 8.57
CA SER A 335 29.73 -12.21 9.33
C SER A 335 28.87 -13.16 8.47
N GLY A 336 29.02 -13.11 7.14
CA GLY A 336 28.24 -13.93 6.23
C GLY A 336 26.76 -13.60 6.22
N GLU A 337 26.33 -12.59 6.99
CA GLU A 337 24.92 -12.22 7.05
C GLU A 337 24.51 -11.23 5.96
N SER A 338 23.22 -11.22 5.68
CA SER A 338 22.63 -10.31 4.73
C SER A 338 21.75 -9.34 5.52
N VAL A 339 21.63 -8.09 5.05
CA VAL A 339 20.75 -7.12 5.69
C VAL A 339 19.59 -6.84 4.73
N PRO A 340 18.42 -6.35 5.20
CA PRO A 340 17.32 -6.06 4.27
C PRO A 340 17.67 -4.93 3.30
N GLU A 341 17.00 -4.92 2.16
CA GLU A 341 17.19 -3.89 1.15
C GLU A 341 16.75 -2.53 1.70
N TYR A 342 17.41 -1.45 1.25
CA TYR A 342 17.09 -0.08 1.63
C TYR A 342 15.67 0.20 1.17
N ASP A 343 14.79 0.52 2.11
CA ASP A 343 13.40 0.83 1.79
C ASP A 343 13.16 2.25 2.23
N TYR A 344 13.36 3.18 1.32
CA TYR A 344 13.33 4.59 1.64
C TYR A 344 12.08 5.34 1.21
N LEU A 345 11.54 6.19 2.10
CA LEU A 345 10.40 7.04 1.78
C LEU A 345 10.95 8.45 1.67
N PRO A 346 11.01 9.00 0.45
CA PRO A 346 11.55 10.36 0.29
C PRO A 346 10.84 11.38 1.18
N TYR A 347 11.64 12.04 1.99
CA TYR A 347 11.17 12.98 2.97
C TYR A 347 11.94 14.28 2.81
N PHE A 348 11.22 15.37 2.47
CA PHE A 348 11.85 16.69 2.34
C PHE A 348 11.16 17.72 3.29
N TYR A 349 11.86 18.80 3.67
CA TYR A 349 11.28 19.84 4.50
C TYR A 349 12.02 21.14 4.29
N SER A 350 11.36 22.26 4.54
CA SER A 350 12.01 23.56 4.50
C SER A 350 11.42 24.48 5.56
N ARG A 351 12.22 25.43 6.05
CA ARG A 351 11.80 26.37 7.08
C ARG A 351 12.14 27.77 6.64
N SER A 352 11.19 28.71 6.76
CA SER A 352 11.48 30.10 6.46
C SER A 352 10.54 31.00 7.22
N PHE A 353 11.08 32.06 7.90
CA PHE A 353 10.23 32.97 8.66
C PHE A 353 9.52 32.15 9.79
N ASP A 354 8.19 32.25 9.98
CA ASP A 354 7.52 31.37 10.95
C ASP A 354 6.78 30.21 10.25
N LEU A 355 7.22 29.86 9.03
CA LEU A 355 6.60 28.80 8.23
C LEU A 355 7.45 27.56 8.30
N GLY A 356 6.84 26.42 8.04
CA GLY A 356 7.53 25.14 8.00
C GLY A 356 6.70 24.07 7.31
N TRP A 357 7.22 23.53 6.19
CA TRP A 357 6.51 22.48 5.49
C TRP A 357 7.24 21.12 5.48
N GLN A 358 6.50 20.04 5.18
CA GLN A 358 7.05 18.69 5.05
C GLN A 358 6.46 18.08 3.78
N PHE A 359 7.25 17.30 3.09
CA PHE A 359 6.77 16.57 1.92
C PHE A 359 7.22 15.12 2.09
N TYR A 360 6.31 14.18 1.80
CA TYR A 360 6.66 12.77 1.84
C TYR A 360 6.20 12.05 0.55
N GLY A 361 7.05 11.16 0.05
CA GLY A 361 6.75 10.37 -1.14
C GLY A 361 7.28 10.84 -2.48
N ASP A 362 6.39 10.86 -3.48
CA ASP A 362 6.74 11.18 -4.86
C ASP A 362 5.77 12.19 -5.47
N ASN A 363 6.29 13.25 -6.07
CA ASN A 363 5.48 14.29 -6.68
C ASN A 363 5.16 13.94 -8.17
N VAL A 364 4.30 12.95 -8.33
CA VAL A 364 3.84 12.47 -9.64
C VAL A 364 2.31 12.52 -9.66
N GLY A 365 1.75 12.50 -10.86
CA GLY A 365 0.31 12.58 -11.03
C GLY A 365 -0.22 13.98 -10.83
N GLU A 366 -1.55 14.10 -10.63
CA GLU A 366 -2.17 15.39 -10.44
C GLU A 366 -2.34 15.73 -8.99
N THR A 367 -2.37 17.03 -8.66
CA THR A 367 -2.47 17.54 -7.30
C THR A 367 -3.83 18.13 -6.91
N ILE A 368 -4.12 18.13 -5.59
CA ILE A 368 -5.33 18.63 -4.96
C ILE A 368 -4.90 19.44 -3.73
N LEU A 369 -5.19 20.75 -3.71
CA LEU A 369 -4.84 21.62 -2.59
C LEU A 369 -5.92 21.51 -1.53
N PHE A 370 -5.54 21.39 -0.26
CA PHE A 370 -6.51 21.34 0.84
C PHE A 370 -6.12 22.30 1.98
N GLY A 371 -7.07 22.62 2.86
CA GLY A 371 -6.83 23.50 3.99
C GLY A 371 -6.89 24.97 3.70
N ASP A 372 -6.35 25.75 4.62
CA ASP A 372 -6.30 27.20 4.60
C ASP A 372 -4.98 27.69 4.02
N SER A 373 -4.99 28.15 2.76
CA SER A 373 -3.75 28.64 2.15
C SER A 373 -3.68 30.15 2.02
N ASP A 374 -4.23 30.87 3.01
CA ASP A 374 -4.22 32.33 3.04
C ASP A 374 -2.90 32.81 3.64
N PRO A 375 -2.08 33.58 2.89
CA PRO A 375 -0.79 34.03 3.43
C PRO A 375 -0.88 35.11 4.52
N THR A 376 -2.05 35.76 4.70
CA THR A 376 -2.19 36.77 5.76
C THR A 376 -2.78 36.24 7.07
N SER A 377 -3.13 34.95 7.11
CA SER A 377 -3.67 34.28 8.28
C SER A 377 -2.55 34.17 9.33
N SER A 378 -2.88 34.34 10.62
CA SER A 378 -1.87 34.22 11.67
C SER A 378 -1.32 32.81 11.79
N LYS A 379 -2.15 31.80 11.46
CA LYS A 379 -1.73 30.39 11.57
C LYS A 379 -2.13 29.58 10.31
N PRO A 380 -1.40 29.80 9.20
CA PRO A 380 -1.70 29.06 7.97
C PRO A 380 -1.38 27.57 8.07
N LYS A 381 -2.33 26.74 7.61
CA LYS A 381 -2.19 25.31 7.59
C LYS A 381 -2.86 24.82 6.32
N PHE A 382 -2.08 24.29 5.37
CA PHE A 382 -2.60 23.79 4.10
C PHE A 382 -1.66 22.76 3.54
N GLY A 383 -2.20 21.87 2.73
CA GLY A 383 -1.41 20.81 2.13
C GLY A 383 -1.85 20.45 0.74
N SER A 384 -1.25 19.41 0.20
CA SER A 384 -1.56 18.96 -1.14
C SER A 384 -1.32 17.47 -1.22
N TYR A 385 -2.06 16.79 -2.09
CA TYR A 385 -1.89 15.38 -2.35
C TYR A 385 -1.57 15.26 -3.82
N TRP A 386 -0.78 14.23 -4.15
CA TRP A 386 -0.39 13.91 -5.53
C TRP A 386 -1.04 12.55 -5.78
N ILE A 387 -1.87 12.45 -6.79
CA ILE A 387 -2.58 11.22 -7.13
C ILE A 387 -2.28 10.78 -8.57
N LYS A 388 -1.91 9.52 -8.74
CA LYS A 388 -1.58 8.87 -10.01
C LYS A 388 -2.09 7.43 -9.92
N ASP A 389 -2.84 6.95 -10.95
CA ASP A 389 -3.36 5.60 -11.01
C ASP A 389 -4.33 5.29 -9.86
N GLY A 390 -5.15 6.28 -9.49
CA GLY A 390 -6.11 6.12 -8.41
C GLY A 390 -5.58 6.00 -6.98
N LYS A 391 -4.29 6.25 -6.74
CA LYS A 391 -3.72 6.16 -5.39
C LYS A 391 -2.90 7.40 -5.01
N VAL A 392 -2.70 7.64 -3.71
CA VAL A 392 -1.90 8.80 -3.28
C VAL A 392 -0.41 8.51 -3.32
N PHE A 393 0.33 9.22 -4.16
CA PHE A 393 1.78 9.05 -4.23
C PHE A 393 2.57 10.07 -3.34
N GLY A 394 2.13 11.32 -3.29
CA GLY A 394 2.82 12.35 -2.53
C GLY A 394 1.93 13.19 -1.65
N ALA A 395 2.48 13.71 -0.56
CA ALA A 395 1.72 14.55 0.36
C ALA A 395 2.61 15.68 0.92
N PHE A 396 2.14 16.91 0.81
CA PHE A 396 2.81 18.13 1.28
C PHE A 396 1.94 18.77 2.39
N LEU A 397 2.56 19.43 3.38
CA LEU A 397 1.80 20.09 4.42
C LEU A 397 2.61 21.24 5.01
N GLU A 398 2.06 22.42 4.93
CA GLU A 398 2.63 23.60 5.53
C GLU A 398 1.87 23.85 6.86
N GLY A 399 2.57 23.99 7.96
CA GLY A 399 1.97 24.35 9.23
C GLY A 399 1.33 23.26 10.03
N GLY A 400 1.76 22.03 9.83
CA GLY A 400 1.17 20.89 10.51
C GLY A 400 1.80 20.56 11.83
N SER A 401 1.06 19.82 12.62
CA SER A 401 1.53 19.38 13.91
C SER A 401 2.33 18.09 13.73
N PRO A 402 3.11 17.65 14.74
CA PRO A 402 3.81 16.38 14.61
C PRO A 402 2.93 15.21 14.12
N ASP A 403 1.75 15.03 14.72
CA ASP A 403 0.89 13.92 14.36
C ASP A 403 0.24 14.11 12.99
N GLU A 404 0.02 15.37 12.56
CA GLU A 404 -0.51 15.66 11.21
C GLU A 404 0.56 15.39 10.14
N ASN A 405 1.85 15.62 10.47
CA ASN A 405 2.96 15.35 9.57
C ASN A 405 3.18 13.84 9.46
N ASN A 406 3.03 13.10 10.57
CA ASN A 406 3.16 11.63 10.53
C ASN A 406 1.96 11.00 9.80
N ALA A 407 0.80 11.68 9.77
CA ALA A 407 -0.39 11.20 9.10
C ALA A 407 -0.17 11.27 7.59
N ILE A 408 0.34 12.40 7.06
CA ILE A 408 0.58 12.52 5.62
C ILE A 408 1.80 11.64 5.22
N ALA A 409 2.76 11.41 6.12
CA ALA A 409 3.88 10.50 5.85
C ALA A 409 3.31 9.08 5.74
N LYS A 410 2.34 8.70 6.61
CA LYS A 410 1.70 7.39 6.57
C LYS A 410 0.98 7.19 5.23
N VAL A 411 0.28 8.22 4.75
CA VAL A 411 -0.40 8.23 3.45
C VAL A 411 0.63 7.93 2.33
N ALA A 412 1.73 8.67 2.28
CA ALA A 412 2.74 8.51 1.25
C ALA A 412 3.39 7.13 1.24
N LYS A 413 3.56 6.51 2.43
CA LYS A 413 4.15 5.18 2.57
C LYS A 413 3.17 4.11 2.10
N THR A 414 1.94 4.16 2.55
CA THR A 414 0.93 3.15 2.27
C THR A 414 0.18 3.33 0.95
N GLN A 415 0.35 4.50 0.26
CA GLN A 415 -0.30 4.82 -1.01
C GLN A 415 -1.78 4.40 -1.04
N PRO A 416 -2.63 4.97 -0.17
CA PRO A 416 -4.02 4.54 -0.13
C PRO A 416 -4.76 4.86 -1.42
N PRO A 417 -5.76 4.03 -1.77
CA PRO A 417 -6.55 4.32 -2.95
C PRO A 417 -7.49 5.50 -2.74
N VAL A 418 -7.82 6.15 -3.82
CA VAL A 418 -8.73 7.27 -3.83
C VAL A 418 -9.87 6.86 -4.75
N ALA A 419 -11.00 6.44 -4.18
CA ALA A 419 -12.17 6.06 -4.98
C ALA A 419 -12.88 7.31 -5.52
N SER A 420 -12.80 8.42 -4.81
CA SER A 420 -13.41 9.66 -5.23
C SER A 420 -12.51 10.85 -4.88
N ILE A 421 -12.19 11.68 -5.87
CA ILE A 421 -11.42 12.90 -5.66
C ILE A 421 -12.31 13.94 -4.95
N GLU A 422 -13.61 13.95 -5.26
CA GLU A 422 -14.59 14.83 -4.63
C GLU A 422 -14.61 14.59 -3.11
N GLU A 423 -14.50 13.33 -2.67
CA GLU A 423 -14.47 13.03 -1.24
C GLU A 423 -13.13 13.44 -0.61
N LEU A 424 -12.03 13.29 -1.38
CA LEU A 424 -10.66 13.62 -0.97
C LEU A 424 -10.52 15.12 -0.76
N LYS A 425 -11.12 15.92 -1.65
CA LYS A 425 -11.12 17.37 -1.58
C LYS A 425 -11.92 17.84 -0.37
N LYS A 426 -13.03 17.14 -0.06
CA LYS A 426 -13.96 17.37 1.05
C LYS A 426 -13.35 16.99 2.42
N GLU A 427 -12.53 15.92 2.48
CA GLU A 427 -11.90 15.45 3.70
C GLU A 427 -10.62 16.24 3.98
N GLY A 428 -9.82 16.47 2.95
CA GLY A 428 -8.58 17.20 3.06
C GLY A 428 -7.58 16.52 3.97
N LEU A 429 -7.13 17.23 5.01
CA LEU A 429 -6.16 16.68 5.96
C LEU A 429 -6.73 15.49 6.78
N GLN A 430 -8.07 15.44 6.96
CA GLN A 430 -8.76 14.37 7.69
C GLN A 430 -8.63 13.02 7.00
N PHE A 431 -8.45 13.01 5.68
CA PHE A 431 -8.22 11.79 4.89
C PHE A 431 -6.93 11.11 5.40
N ALA A 432 -5.89 11.91 5.69
CA ALA A 432 -4.64 11.40 6.23
C ALA A 432 -4.78 11.03 7.72
N SER A 433 -5.31 11.93 8.55
CA SER A 433 -5.46 11.71 9.99
C SER A 433 -6.31 10.48 10.33
N LYS A 434 -7.35 10.20 9.53
CA LYS A 434 -8.20 9.03 9.76
C LYS A 434 -7.39 7.75 9.49
N ILE A 435 -6.93 7.54 8.21
CA ILE A 435 -6.16 6.37 7.73
C ILE A 435 -5.07 5.89 8.69
N GLU B 4 -11.24 25.96 -15.04
CA GLU B 4 -11.42 25.56 -16.44
C GLU B 4 -10.53 26.37 -17.41
N LYS B 5 -9.70 25.67 -18.18
CA LYS B 5 -8.81 26.33 -19.14
C LYS B 5 -9.34 26.19 -20.55
N HIS B 6 -9.11 27.20 -21.41
CA HIS B 6 -9.52 27.12 -22.82
C HIS B 6 -8.36 27.43 -23.77
N PHE B 7 -8.22 26.61 -24.81
CA PHE B 7 -7.21 26.83 -25.84
C PHE B 7 -7.89 26.69 -27.19
N LYS B 8 -7.37 27.38 -28.20
CA LYS B 8 -7.90 27.26 -29.56
C LYS B 8 -7.60 25.81 -30.05
N TYR B 9 -6.36 25.33 -29.80
CA TYR B 9 -5.86 24.02 -30.18
C TYR B 9 -5.43 23.19 -28.97
N VAL B 10 -5.95 21.95 -28.85
CA VAL B 10 -5.52 21.05 -27.78
C VAL B 10 -4.99 19.74 -28.38
N ILE B 11 -3.78 19.34 -27.99
CA ILE B 11 -3.22 18.08 -28.39
C ILE B 11 -3.39 17.15 -27.21
N LEU B 12 -4.25 16.10 -27.33
CA LEU B 12 -4.41 15.14 -26.26
C LEU B 12 -3.39 14.02 -26.45
N GLY B 13 -2.41 13.98 -25.56
CA GLY B 13 -1.28 13.05 -25.56
C GLY B 13 0.02 13.84 -25.67
N GLY B 14 1.11 13.32 -25.10
CA GLY B 14 2.40 14.00 -25.19
C GLY B 14 3.48 13.11 -25.74
N GLY B 15 3.17 12.42 -26.82
CA GLY B 15 4.10 11.45 -27.41
C GLY B 15 4.87 11.97 -28.60
N VAL B 16 5.29 11.06 -29.50
CA VAL B 16 6.03 11.46 -30.69
C VAL B 16 5.17 12.37 -31.57
N ALA B 17 3.94 11.96 -31.86
CA ALA B 17 3.07 12.73 -32.73
C ALA B 17 2.77 14.13 -32.16
N ALA B 18 2.54 14.25 -30.84
CA ALA B 18 2.29 15.55 -30.21
C ALA B 18 3.50 16.46 -30.34
N GLY B 19 4.70 15.90 -30.17
CA GLY B 19 5.94 16.66 -30.29
C GLY B 19 6.20 17.20 -31.69
N TYR B 20 5.94 16.38 -32.71
CA TYR B 20 6.12 16.82 -34.10
C TYR B 20 4.99 17.75 -34.54
N ALA B 21 3.81 17.59 -33.94
CA ALA B 21 2.68 18.46 -34.22
C ALA B 21 2.99 19.84 -33.67
N ALA B 22 3.56 19.91 -32.44
CA ALA B 22 3.91 21.16 -31.78
C ALA B 22 4.92 21.91 -32.63
N ARG B 23 5.92 21.22 -33.18
CA ARG B 23 6.93 21.85 -34.04
C ARG B 23 6.29 22.46 -35.28
N GLU B 24 5.31 21.75 -35.86
CA GLU B 24 4.61 22.22 -37.06
C GLU B 24 3.80 23.48 -36.76
N PHE B 25 3.20 23.55 -35.58
CA PHE B 25 2.46 24.73 -35.14
C PHE B 25 3.40 25.93 -35.05
N ALA B 26 4.57 25.76 -34.39
CA ALA B 26 5.59 26.80 -34.27
C ALA B 26 6.07 27.24 -35.65
N LYS B 27 6.18 26.30 -36.59
CA LYS B 27 6.64 26.53 -37.95
C LYS B 27 5.61 27.33 -38.75
N GLN B 28 4.32 26.98 -38.58
CA GLN B 28 3.22 27.64 -39.29
C GLN B 28 3.04 29.05 -38.73
N GLY B 29 2.94 29.12 -37.41
CA GLY B 29 2.75 30.35 -36.66
C GLY B 29 1.72 30.07 -35.58
N VAL B 30 2.14 30.15 -34.32
CA VAL B 30 1.22 29.93 -33.20
C VAL B 30 1.51 31.01 -32.15
N LYS B 31 0.45 31.57 -31.57
CA LYS B 31 0.59 32.64 -30.60
C LYS B 31 0.55 32.08 -29.20
N PRO B 32 1.22 32.76 -28.24
CA PRO B 32 1.16 32.31 -26.84
C PRO B 32 -0.28 32.26 -26.35
N GLY B 33 -0.63 31.17 -25.66
CA GLY B 33 -1.97 30.92 -25.17
C GLY B 33 -2.87 30.13 -26.11
N GLU B 34 -2.46 29.92 -27.39
CA GLU B 34 -3.32 29.20 -28.35
C GLU B 34 -3.35 27.68 -28.15
N LEU B 35 -2.16 27.07 -28.07
CA LEU B 35 -1.98 25.63 -28.00
C LEU B 35 -1.58 25.08 -26.65
N ALA B 36 -2.29 24.02 -26.21
CA ALA B 36 -1.89 23.21 -25.07
C ALA B 36 -1.70 21.74 -25.50
N ILE B 37 -0.83 21.00 -24.77
CA ILE B 37 -0.58 19.59 -24.93
C ILE B 37 -0.85 18.94 -23.58
N ILE B 38 -1.86 18.06 -23.49
CA ILE B 38 -2.22 17.45 -22.21
C ILE B 38 -1.65 16.06 -22.24
N SER B 39 -0.77 15.73 -21.30
CA SER B 39 -0.11 14.44 -21.30
C SER B 39 -0.07 13.82 -19.94
N LYS B 40 -0.42 12.54 -19.84
CA LYS B 40 -0.32 11.84 -18.56
C LYS B 40 1.14 11.50 -18.20
N GLU B 41 2.13 11.88 -19.05
CA GLU B 41 3.54 11.63 -18.77
C GLU B 41 4.12 12.82 -18.03
N ALA B 42 5.14 12.59 -17.24
CA ALA B 42 5.76 13.64 -16.44
C ALA B 42 6.80 14.45 -17.18
N VAL B 43 7.11 14.11 -18.44
CA VAL B 43 8.17 14.78 -19.19
C VAL B 43 7.69 15.29 -20.55
N ALA B 44 8.43 16.22 -21.16
CA ALA B 44 8.06 16.74 -22.46
C ALA B 44 8.20 15.62 -23.52
N PRO B 45 7.40 15.70 -24.62
CA PRO B 45 7.50 14.69 -25.69
C PRO B 45 8.92 14.24 -26.06
N TYR B 46 9.13 12.92 -26.17
CA TYR B 46 10.43 12.33 -26.48
C TYR B 46 10.34 11.26 -27.59
N GLU B 47 11.49 10.89 -28.13
CA GLU B 47 11.58 9.89 -29.17
C GLU B 47 11.42 8.48 -28.58
N ARG B 48 10.17 7.98 -28.56
CA ARG B 48 9.80 6.71 -27.98
C ARG B 48 10.69 5.52 -28.45
N PRO B 49 11.13 5.40 -29.73
CA PRO B 49 12.05 4.30 -30.08
C PRO B 49 13.31 4.10 -29.19
N ALA B 50 13.88 5.18 -28.61
CA ALA B 50 15.10 5.03 -27.80
C ALA B 50 14.94 4.17 -26.56
N LEU B 51 13.72 4.00 -26.04
CA LEU B 51 13.41 3.26 -24.83
C LEU B 51 13.71 1.80 -24.91
N SER B 52 13.61 1.21 -26.11
CA SER B 52 13.94 -0.19 -26.32
C SER B 52 15.39 -0.40 -26.84
N LYS B 53 16.11 0.68 -27.11
CA LYS B 53 17.46 0.61 -27.63
C LYS B 53 18.45 1.34 -26.67
N GLY B 54 18.80 2.62 -26.96
CA GLY B 54 19.75 3.40 -26.19
C GLY B 54 19.48 3.47 -24.70
N TYR B 55 18.21 3.63 -24.31
CA TYR B 55 17.85 3.68 -22.90
C TYR B 55 18.32 2.45 -22.10
N LEU B 56 18.47 1.29 -22.80
CA LEU B 56 18.82 0.01 -22.21
C LEU B 56 20.29 -0.41 -22.38
N PHE B 57 21.14 0.46 -22.96
CA PHE B 57 22.58 0.13 -23.09
C PHE B 57 23.19 -0.04 -21.69
N PRO B 58 24.05 -1.06 -21.49
CA PRO B 58 24.66 -1.24 -20.16
C PRO B 58 25.50 -0.04 -19.74
N GLN B 59 26.08 0.69 -20.72
CA GLN B 59 26.90 1.88 -20.52
C GLN B 59 26.65 2.88 -21.64
N ASN B 60 26.82 4.19 -21.34
CA ASN B 60 26.64 5.23 -22.35
C ASN B 60 25.17 5.29 -22.80
N ALA B 61 24.23 4.95 -21.90
CA ALA B 61 22.81 4.88 -22.21
C ALA B 61 22.17 6.23 -22.54
N ALA B 62 21.14 6.20 -23.37
CA ALA B 62 20.38 7.40 -23.69
C ALA B 62 19.53 7.73 -22.49
N ARG B 63 19.44 9.00 -22.17
CA ARG B 63 18.65 9.51 -21.06
C ARG B 63 18.07 10.86 -21.49
N LEU B 64 16.92 11.23 -20.92
CA LEU B 64 16.36 12.56 -21.16
C LEU B 64 17.22 13.58 -20.40
N PRO B 65 17.34 14.82 -20.90
CA PRO B 65 16.66 15.37 -22.07
C PRO B 65 17.28 15.08 -23.44
N GLY B 66 18.26 14.19 -23.51
CA GLY B 66 18.92 13.87 -24.76
C GLY B 66 18.05 13.46 -25.95
N PHE B 67 17.02 12.62 -25.73
CA PHE B 67 16.20 12.13 -26.83
C PHE B 67 14.81 12.73 -26.90
N HIS B 68 14.64 13.98 -26.43
CA HIS B 68 13.37 14.67 -26.64
C HIS B 68 13.19 14.89 -28.15
N VAL B 69 11.96 14.97 -28.67
CA VAL B 69 11.74 15.28 -30.12
C VAL B 69 12.39 16.66 -30.39
N CYS B 70 12.93 16.92 -31.59
CA CYS B 70 12.83 16.09 -32.78
C CYS B 70 14.13 15.46 -33.20
N VAL B 71 15.04 15.22 -32.25
CA VAL B 71 16.36 14.67 -32.55
C VAL B 71 16.31 13.30 -33.27
N GLY B 72 15.28 12.51 -33.03
CA GLY B 72 15.15 11.20 -33.65
C GLY B 72 15.03 11.21 -35.16
N SER B 73 14.65 12.35 -35.73
CA SER B 73 14.54 12.50 -37.17
C SER B 73 15.57 13.51 -37.72
N GLY B 74 16.57 13.88 -36.92
CA GLY B 74 17.59 14.85 -37.27
C GLY B 74 17.21 16.29 -36.97
N GLY B 75 16.12 16.51 -36.25
CA GLY B 75 15.63 17.84 -35.90
C GLY B 75 16.27 18.42 -34.66
N GLU B 76 15.73 19.55 -34.19
CA GLU B 76 16.21 20.26 -32.99
C GLU B 76 15.50 19.77 -31.73
N ARG B 77 16.20 19.75 -30.61
CA ARG B 77 15.62 19.33 -29.34
C ARG B 77 14.59 20.31 -28.79
N GLN B 78 13.51 19.76 -28.27
CA GLN B 78 12.46 20.54 -27.67
C GLN B 78 12.37 20.17 -26.22
N LEU B 79 13.17 20.86 -25.41
CA LEU B 79 13.12 20.71 -23.96
C LEU B 79 11.78 21.37 -23.48
N PRO B 80 11.34 21.20 -22.21
CA PRO B 80 10.10 21.89 -21.78
C PRO B 80 10.10 23.40 -22.07
N GLU B 81 11.29 24.02 -21.99
CA GLU B 81 11.49 25.45 -22.21
C GLU B 81 11.18 25.86 -23.64
N TRP B 82 11.39 24.97 -24.61
CA TRP B 82 11.04 25.25 -26.02
C TRP B 82 9.53 25.59 -26.14
N TYR B 83 8.69 24.92 -25.33
CA TYR B 83 7.24 25.11 -25.37
C TYR B 83 6.88 26.39 -24.63
N SER B 84 7.22 26.49 -23.33
CA SER B 84 6.92 27.66 -22.50
C SER B 84 7.41 28.98 -23.11
N GLU B 85 8.59 28.99 -23.74
CA GLU B 85 9.08 30.20 -24.39
C GLU B 85 8.13 30.68 -25.52
N LYS B 86 7.46 29.74 -26.24
CA LYS B 86 6.50 30.06 -27.30
C LYS B 86 5.04 30.19 -26.81
N GLY B 87 4.82 30.17 -25.50
CA GLY B 87 3.47 30.21 -24.97
C GLY B 87 2.67 28.97 -25.33
N ILE B 88 3.37 27.82 -25.58
CA ILE B 88 2.73 26.54 -25.84
C ILE B 88 2.65 25.92 -24.48
N GLU B 89 1.44 25.73 -23.94
CA GLU B 89 1.32 25.19 -22.60
C GLU B 89 1.40 23.66 -22.49
N LEU B 90 2.48 23.17 -21.87
CA LEU B 90 2.69 21.74 -21.61
C LEU B 90 1.96 21.35 -20.31
N ILE B 91 0.89 20.55 -20.38
CA ILE B 91 0.15 20.15 -19.17
C ILE B 91 0.51 18.67 -18.84
N LEU B 92 1.53 18.48 -18.01
CA LEU B 92 2.07 17.17 -17.72
C LEU B 92 1.44 16.48 -16.49
N SER B 93 1.70 15.15 -16.38
CA SER B 93 1.19 14.25 -15.33
C SER B 93 -0.30 14.42 -15.17
N THR B 94 -1.01 14.47 -16.30
CA THR B 94 -2.44 14.72 -16.27
C THR B 94 -3.13 13.77 -17.19
N GLU B 95 -3.96 12.89 -16.66
CA GLU B 95 -4.67 11.92 -17.45
C GLU B 95 -6.11 12.33 -17.64
N ILE B 96 -6.51 12.50 -18.90
CA ILE B 96 -7.88 12.80 -19.21
C ILE B 96 -8.66 11.50 -19.13
N VAL B 97 -9.68 11.47 -18.27
CA VAL B 97 -10.56 10.30 -18.09
C VAL B 97 -11.93 10.46 -18.75
N LYS B 98 -12.21 11.62 -19.33
CA LYS B 98 -13.50 11.85 -19.97
C LYS B 98 -13.31 12.89 -21.07
N ALA B 99 -13.87 12.65 -22.25
CA ALA B 99 -13.76 13.61 -23.35
C ALA B 99 -15.12 13.70 -24.02
N ASP B 100 -15.71 14.90 -24.03
CA ASP B 100 -17.02 15.11 -24.64
C ASP B 100 -16.86 15.95 -25.88
N LEU B 101 -16.92 15.30 -27.05
CA LEU B 101 -16.73 16.01 -28.30
C LEU B 101 -17.84 17.02 -28.63
N SER B 102 -19.08 16.76 -28.16
CA SER B 102 -20.23 17.62 -28.41
C SER B 102 -20.13 18.94 -27.64
N THR B 103 -19.51 18.92 -26.44
CA THR B 103 -19.29 20.13 -25.65
C THR B 103 -17.84 20.62 -25.73
N LYS B 104 -16.95 19.92 -26.45
CA LYS B 104 -15.54 20.27 -26.57
C LYS B 104 -14.83 20.39 -25.22
N THR B 105 -15.08 19.46 -24.31
CA THR B 105 -14.52 19.49 -22.95
C THR B 105 -13.84 18.19 -22.52
N LEU B 106 -12.60 18.32 -22.03
CA LEU B 106 -11.81 17.19 -21.53
C LEU B 106 -11.78 17.29 -20.00
N THR B 107 -11.98 16.19 -19.30
CA THR B 107 -11.92 16.16 -17.86
C THR B 107 -10.81 15.22 -17.40
N SER B 108 -9.89 15.73 -16.58
CA SER B 108 -8.79 14.96 -16.01
C SER B 108 -9.26 14.10 -14.83
N ALA B 109 -8.40 13.21 -14.35
CA ALA B 109 -8.73 12.34 -13.21
C ALA B 109 -8.92 13.13 -11.93
N ALA B 110 -8.23 14.27 -11.77
CA ALA B 110 -8.40 15.11 -10.59
C ALA B 110 -9.65 16.05 -10.68
N GLY B 111 -10.29 16.12 -11.85
CA GLY B 111 -11.49 16.92 -12.02
C GLY B 111 -11.29 18.23 -12.74
N ALA B 112 -10.08 18.48 -13.27
CA ALA B 112 -9.82 19.70 -14.01
C ALA B 112 -10.43 19.56 -15.39
N THR B 113 -10.89 20.68 -15.97
CA THR B 113 -11.49 20.66 -17.29
C THR B 113 -10.78 21.56 -18.24
N PHE B 114 -10.75 21.16 -19.49
CA PHE B 114 -10.05 21.89 -20.54
C PHE B 114 -10.96 21.93 -21.77
N THR B 115 -10.99 23.08 -22.46
CA THR B 115 -11.85 23.22 -23.62
C THR B 115 -11.05 23.67 -24.83
N TYR B 116 -11.53 23.29 -26.00
CA TYR B 116 -10.82 23.55 -27.24
C TYR B 116 -11.78 23.99 -28.37
N GLU B 117 -11.22 24.48 -29.47
CA GLU B 117 -12.01 24.69 -30.70
C GLU B 117 -11.58 23.56 -31.69
N ILE B 118 -10.25 23.23 -31.71
CA ILE B 118 -9.60 22.17 -32.45
C ILE B 118 -8.97 21.23 -31.44
N LEU B 119 -9.15 19.92 -31.65
CA LEU B 119 -8.60 18.86 -30.81
C LEU B 119 -7.83 17.92 -31.73
N ILE B 120 -6.65 17.52 -31.29
CA ILE B 120 -5.81 16.60 -32.01
C ILE B 120 -5.59 15.44 -31.08
N ILE B 121 -6.16 14.27 -31.43
CA ILE B 121 -6.03 13.07 -30.61
C ILE B 121 -4.76 12.35 -30.99
N ALA B 122 -3.76 12.37 -30.10
CA ALA B 122 -2.48 11.73 -30.32
C ALA B 122 -2.15 10.89 -29.05
N THR B 123 -3.11 10.03 -28.66
CA THR B 123 -3.04 9.19 -27.46
C THR B 123 -2.22 7.88 -27.64
N GLY B 124 -1.75 7.60 -28.86
CA GLY B 124 -0.95 6.42 -29.14
C GLY B 124 -1.61 5.09 -28.87
N SER B 125 -0.82 4.08 -28.46
CA SER B 125 -1.33 2.75 -28.18
C SER B 125 -1.17 2.32 -26.72
N SER B 126 -1.99 1.38 -26.32
CA SER B 126 -1.91 0.75 -25.02
C SER B 126 -0.84 -0.35 -25.10
N VAL B 127 -0.62 -1.02 -23.99
CA VAL B 127 0.21 -2.19 -23.89
C VAL B 127 -0.73 -3.26 -23.45
N ILE B 128 -0.89 -4.32 -24.24
CA ILE B 128 -1.73 -5.44 -23.84
C ILE B 128 -0.95 -6.18 -22.74
N LYS B 129 -1.56 -6.37 -21.58
CA LYS B 129 -0.90 -7.06 -20.48
C LYS B 129 -1.52 -8.46 -20.30
N LEU B 130 -0.72 -9.41 -19.79
CA LEU B 130 -1.25 -10.76 -19.58
C LEU B 130 -2.30 -10.77 -18.46
N THR B 131 -2.23 -9.84 -17.48
CA THR B 131 -3.27 -9.73 -16.47
C THR B 131 -4.63 -9.45 -17.08
N ASP B 132 -4.70 -8.90 -18.33
CA ASP B 132 -5.97 -8.64 -19.03
C ASP B 132 -6.74 -9.94 -19.28
N PHE B 133 -6.00 -11.03 -19.54
CA PHE B 133 -6.55 -12.35 -19.80
C PHE B 133 -6.75 -13.19 -18.52
N GLY B 134 -6.33 -12.67 -17.36
CA GLY B 134 -6.41 -13.40 -16.12
C GLY B 134 -5.45 -14.56 -16.14
N THR B 135 -4.26 -14.37 -16.76
CA THR B 135 -3.23 -15.39 -16.86
C THR B 135 -2.68 -15.58 -15.46
N GLN B 136 -2.72 -16.81 -14.97
CA GLN B 136 -2.27 -17.16 -13.64
C GLN B 136 -0.88 -16.63 -13.34
N GLY B 137 -0.73 -15.87 -12.26
CA GLY B 137 0.54 -15.35 -11.79
C GLY B 137 1.10 -14.16 -12.53
N ALA B 138 0.38 -13.68 -13.58
CA ALA B 138 0.84 -12.54 -14.39
C ALA B 138 1.03 -11.23 -13.62
N ASP B 139 0.50 -11.16 -12.40
CA ASP B 139 0.65 -9.97 -11.57
C ASP B 139 1.89 -10.06 -10.61
N SER B 140 2.79 -11.02 -10.82
CA SER B 140 3.98 -11.15 -9.96
C SER B 140 4.94 -9.97 -10.19
N ASN B 141 5.77 -9.67 -9.18
CA ASN B 141 6.77 -8.61 -9.33
C ASN B 141 7.82 -9.04 -10.38
N ASN B 142 8.39 -8.05 -11.08
CA ASN B 142 9.42 -8.24 -12.09
C ASN B 142 8.91 -8.88 -13.41
N ILE B 143 7.58 -8.81 -13.69
CA ILE B 143 6.96 -9.16 -14.97
C ILE B 143 6.73 -7.80 -15.57
N LEU B 144 7.58 -7.38 -16.51
CA LEU B 144 7.64 -6.02 -17.04
C LEU B 144 7.18 -5.82 -18.48
N TYR B 145 6.64 -4.61 -18.74
CA TYR B 145 6.17 -4.11 -20.02
C TYR B 145 6.93 -2.84 -20.36
N LEU B 146 6.99 -2.50 -21.65
CA LEU B 146 7.73 -1.34 -22.12
C LEU B 146 6.94 -0.57 -23.14
N ARG B 147 6.48 0.61 -22.72
CA ARG B 147 5.75 1.55 -23.56
C ARG B 147 6.26 2.97 -23.31
N GLU B 148 6.31 3.37 -22.01
CA GLU B 148 6.69 4.75 -21.66
C GLU B 148 7.99 4.83 -20.88
N ILE B 149 8.51 6.05 -20.68
CA ILE B 149 9.79 6.26 -20.02
C ILE B 149 9.75 5.78 -18.57
N ASP B 150 8.57 5.79 -17.90
CA ASP B 150 8.51 5.29 -16.53
C ASP B 150 8.65 3.77 -16.53
N ASP B 151 8.10 3.09 -17.56
CA ASP B 151 8.26 1.66 -17.76
C ASP B 151 9.76 1.36 -17.96
N ALA B 152 10.47 2.19 -18.73
CA ALA B 152 11.89 2.05 -19.00
C ALA B 152 12.73 2.19 -17.74
N ASP B 153 12.39 3.14 -16.85
CA ASP B 153 13.08 3.30 -15.59
C ASP B 153 12.85 2.09 -14.68
N LYS B 154 11.66 1.51 -14.69
CA LYS B 154 11.42 0.29 -13.91
C LYS B 154 12.19 -0.90 -14.50
N LEU B 155 12.30 -0.95 -15.83
CA LEU B 155 13.06 -1.99 -16.54
C LEU B 155 14.54 -1.87 -16.25
N VAL B 156 15.12 -0.66 -16.36
CA VAL B 156 16.51 -0.36 -16.06
C VAL B 156 16.85 -0.73 -14.59
N ALA B 157 15.94 -0.46 -13.64
CA ALA B 157 16.17 -0.79 -12.23
C ALA B 157 16.18 -2.31 -12.04
N ALA B 158 15.23 -3.02 -12.69
CA ALA B 158 15.15 -4.50 -12.63
C ALA B 158 16.36 -5.17 -13.30
N ILE B 159 16.87 -4.59 -14.40
CA ILE B 159 18.07 -5.10 -15.05
C ILE B 159 19.27 -4.97 -14.09
N GLN B 160 19.35 -3.86 -13.33
CA GLN B 160 20.46 -3.69 -12.41
C GLN B 160 20.39 -4.63 -11.24
N ALA B 161 19.18 -4.82 -10.69
CA ALA B 161 18.95 -5.68 -9.55
C ALA B 161 19.15 -7.17 -9.88
N LYS B 162 18.72 -7.60 -11.08
CA LYS B 162 18.77 -9.00 -11.51
C LYS B 162 19.91 -9.36 -12.48
N LYS B 163 20.81 -8.41 -12.81
CA LYS B 163 21.96 -8.61 -13.73
C LYS B 163 22.69 -9.94 -13.49
N GLY B 164 23.09 -10.60 -14.57
CA GLY B 164 23.75 -11.91 -14.47
C GLY B 164 22.77 -13.06 -14.34
N GLY B 165 21.49 -12.76 -14.17
CA GLY B 165 20.47 -13.78 -13.99
C GLY B 165 19.79 -14.23 -15.27
N LYS B 166 18.59 -14.76 -15.12
CA LYS B 166 17.82 -15.30 -16.22
C LYS B 166 16.62 -14.42 -16.53
N ALA B 167 16.38 -14.23 -17.82
CA ALA B 167 15.29 -13.44 -18.32
C ALA B 167 14.49 -14.25 -19.32
N VAL B 168 13.17 -14.11 -19.29
CA VAL B 168 12.26 -14.72 -20.25
C VAL B 168 11.53 -13.60 -20.95
N VAL B 169 11.55 -13.63 -22.27
CA VAL B 169 10.86 -12.66 -23.07
C VAL B 169 9.64 -13.33 -23.71
N VAL B 170 8.43 -12.84 -23.38
CA VAL B 170 7.18 -13.37 -23.94
C VAL B 170 6.75 -12.47 -25.10
N GLY B 171 6.74 -13.02 -26.31
CA GLY B 171 6.43 -12.25 -27.51
C GLY B 171 7.55 -12.31 -28.53
N GLY B 172 7.17 -12.38 -29.79
CA GLY B 172 8.13 -12.49 -30.88
C GLY B 172 7.99 -11.42 -31.96
N GLY B 173 7.35 -10.31 -31.61
CA GLY B 173 7.24 -9.17 -32.49
C GLY B 173 8.39 -8.21 -32.22
N TYR B 174 8.11 -6.91 -32.37
CA TYR B 174 9.10 -5.87 -32.20
C TYR B 174 9.74 -5.81 -30.81
N ILE B 175 8.91 -5.72 -29.73
CA ILE B 175 9.39 -5.71 -28.36
C ILE B 175 10.22 -6.96 -28.05
N GLY B 176 9.70 -8.12 -28.40
CA GLY B 176 10.38 -9.41 -28.19
C GLY B 176 11.76 -9.47 -28.81
N LEU B 177 11.87 -9.05 -30.08
CA LEU B 177 13.16 -9.05 -30.77
C LEU B 177 14.14 -8.03 -30.19
N GLU B 178 13.71 -6.78 -29.99
CA GLU B 178 14.58 -5.74 -29.47
C GLU B 178 14.98 -5.90 -27.98
N LEU B 179 14.04 -6.37 -27.14
CA LEU B 179 14.27 -6.58 -25.72
C LEU B 179 15.12 -7.80 -25.42
N SER B 180 15.01 -8.89 -26.21
CA SER B 180 15.86 -10.06 -25.99
C SER B 180 17.33 -9.68 -26.24
N ALA B 181 17.58 -8.91 -27.30
CA ALA B 181 18.89 -8.42 -27.63
C ALA B 181 19.40 -7.50 -26.50
N ALA B 182 18.54 -6.58 -25.98
CA ALA B 182 18.88 -5.67 -24.89
C ALA B 182 19.23 -6.42 -23.60
N LEU B 183 18.43 -7.41 -23.23
CA LEU B 183 18.66 -8.20 -22.02
C LEU B 183 19.94 -9.04 -22.15
N LYS B 184 20.24 -9.50 -23.38
CA LYS B 184 21.46 -10.27 -23.60
C LYS B 184 22.72 -9.37 -23.49
N ILE B 185 22.71 -8.13 -24.05
CA ILE B 185 23.86 -7.20 -23.90
C ILE B 185 24.01 -6.72 -22.43
N ASN B 186 22.96 -6.80 -21.62
CA ASN B 186 23.05 -6.49 -20.20
C ASN B 186 23.38 -7.77 -19.38
N ASP B 187 24.07 -8.75 -19.99
CA ASP B 187 24.49 -9.96 -19.31
C ASP B 187 23.35 -10.79 -18.65
N PHE B 188 22.28 -11.04 -19.40
CA PHE B 188 21.22 -11.93 -18.94
C PHE B 188 21.26 -13.22 -19.73
N ASP B 189 20.69 -14.28 -19.17
CA ASP B 189 20.49 -15.55 -19.84
C ASP B 189 19.08 -15.36 -20.44
N VAL B 190 18.95 -15.24 -21.77
CA VAL B 190 17.63 -14.96 -22.36
C VAL B 190 16.96 -16.14 -23.03
N THR B 191 15.64 -16.27 -22.80
CA THR B 191 14.79 -17.25 -23.48
C THR B 191 13.61 -16.48 -24.04
N MET B 192 13.38 -16.58 -25.33
CA MET B 192 12.29 -15.90 -26.03
C MET B 192 11.18 -16.93 -26.34
N VAL B 193 9.91 -16.63 -26.00
CA VAL B 193 8.78 -17.54 -26.19
C VAL B 193 7.63 -16.88 -26.94
N PHE B 194 7.09 -17.54 -27.97
CA PHE B 194 6.01 -17.01 -28.79
C PHE B 194 5.32 -18.15 -29.53
N PRO B 195 3.97 -18.17 -29.61
CA PRO B 195 3.29 -19.30 -30.21
C PRO B 195 3.39 -19.44 -31.72
N GLU B 196 3.83 -18.41 -32.44
CA GLU B 196 3.92 -18.48 -33.91
C GLU B 196 5.08 -19.41 -34.33
N PRO B 197 5.05 -19.92 -35.57
CA PRO B 197 6.11 -20.85 -35.99
C PRO B 197 7.45 -20.15 -36.20
N TRP B 198 7.43 -18.85 -36.47
CA TRP B 198 8.64 -18.03 -36.59
C TRP B 198 8.36 -16.62 -36.06
N CYS B 199 9.41 -15.87 -35.71
CA CYS B 199 9.24 -14.51 -35.19
C CYS B 199 8.72 -13.54 -36.25
N MET B 200 8.15 -12.40 -35.80
CA MET B 200 7.59 -11.35 -36.64
C MET B 200 6.72 -11.91 -37.76
N PRO B 201 5.71 -12.71 -37.40
CA PRO B 201 4.89 -13.37 -38.43
C PRO B 201 4.19 -12.39 -39.40
N ARG B 202 3.79 -11.21 -38.90
CA ARG B 202 3.11 -10.18 -39.72
C ARG B 202 4.04 -9.40 -40.68
N LEU B 203 5.36 -9.73 -40.70
CA LEU B 203 6.30 -9.12 -41.63
C LEU B 203 7.31 -10.10 -42.19
N PHE B 204 8.10 -10.74 -41.32
CA PHE B 204 9.10 -11.69 -41.75
C PHE B 204 8.53 -12.93 -42.38
N THR B 205 9.22 -13.42 -43.41
CA THR B 205 8.88 -14.70 -44.02
C THR B 205 9.66 -15.77 -43.20
N ALA B 206 9.33 -17.06 -43.38
CA ALA B 206 9.97 -18.11 -42.60
C ALA B 206 11.49 -18.09 -42.72
N ASP B 207 12.01 -17.71 -43.90
CA ASP B 207 13.44 -17.71 -44.16
C ASP B 207 14.09 -16.42 -43.75
N ILE B 208 13.38 -15.27 -43.77
CA ILE B 208 13.95 -14.02 -43.22
C ILE B 208 14.12 -14.24 -41.71
N ALA B 209 13.07 -14.77 -41.05
CA ALA B 209 13.03 -15.03 -39.61
C ALA B 209 14.04 -16.07 -39.17
N ALA B 210 14.40 -17.01 -40.06
CA ALA B 210 15.37 -18.06 -39.80
C ALA B 210 16.78 -17.49 -39.58
N PHE B 211 17.09 -16.38 -40.24
CA PHE B 211 18.32 -15.65 -40.08
C PHE B 211 18.42 -15.10 -38.63
N TYR B 212 17.36 -14.46 -38.14
CA TYR B 212 17.32 -13.85 -36.81
C TYR B 212 17.30 -14.88 -35.75
N GLU B 213 16.62 -16.00 -35.98
CA GLU B 213 16.63 -17.10 -35.01
C GLU B 213 18.08 -17.62 -34.81
N ALA B 214 18.78 -17.91 -35.92
CA ALA B 214 20.15 -18.38 -35.86
C ALA B 214 21.10 -17.32 -35.29
N TYR B 215 20.98 -16.06 -35.74
CA TYR B 215 21.80 -14.95 -35.25
C TYR B 215 21.64 -14.78 -33.74
N TYR B 216 20.40 -14.73 -33.26
CA TYR B 216 20.04 -14.63 -31.84
C TYR B 216 20.58 -15.82 -31.09
N THR B 217 20.46 -17.02 -31.67
CA THR B 217 20.97 -18.25 -31.04
C THR B 217 22.45 -18.17 -30.83
N ASN B 218 23.18 -17.58 -31.80
CA ASN B 218 24.62 -17.41 -31.77
C ASN B 218 25.08 -16.38 -30.77
N LYS B 219 24.21 -15.44 -30.42
CA LYS B 219 24.48 -14.49 -29.36
C LYS B 219 24.13 -15.09 -27.97
N GLY B 220 23.67 -16.34 -27.90
CA GLY B 220 23.32 -17.01 -26.66
C GLY B 220 21.85 -17.04 -26.33
N VAL B 221 21.00 -16.41 -27.16
CA VAL B 221 19.54 -16.35 -26.93
C VAL B 221 18.83 -17.66 -27.31
N LYS B 222 17.99 -18.20 -26.40
CA LYS B 222 17.24 -19.40 -26.72
C LYS B 222 15.88 -19.05 -27.32
N VAL B 223 15.69 -19.35 -28.61
CA VAL B 223 14.47 -19.04 -29.32
C VAL B 223 13.47 -20.22 -29.28
N LEU B 224 12.53 -20.14 -28.34
CA LEU B 224 11.50 -21.14 -28.20
C LEU B 224 10.25 -20.69 -28.98
N LYS B 225 10.29 -20.89 -30.30
CA LYS B 225 9.17 -20.63 -31.18
C LYS B 225 8.09 -21.70 -30.98
N GLY B 226 6.86 -21.39 -31.37
CA GLY B 226 5.72 -22.29 -31.24
C GLY B 226 5.38 -22.67 -29.83
N THR B 227 5.63 -21.77 -28.86
CA THR B 227 5.35 -22.01 -27.42
C THR B 227 4.52 -20.87 -26.86
N LEU B 228 3.78 -21.14 -25.78
CA LEU B 228 2.89 -20.14 -25.20
C LEU B 228 3.04 -20.10 -23.70
N ALA B 229 3.04 -18.91 -23.09
CA ALA B 229 3.09 -18.81 -21.64
C ALA B 229 1.64 -18.87 -21.06
N VAL B 230 1.41 -19.82 -20.16
CA VAL B 230 0.10 -20.02 -19.55
C VAL B 230 0.08 -19.77 -18.04
N GLY B 231 1.18 -19.37 -17.44
CA GLY B 231 1.23 -19.10 -16.01
C GLY B 231 2.60 -18.73 -15.50
N PHE B 232 2.67 -18.27 -14.27
CA PHE B 232 3.92 -17.85 -13.67
C PHE B 232 4.02 -18.35 -12.26
N ASP B 233 5.22 -18.78 -11.86
CA ASP B 233 5.47 -19.16 -10.48
C ASP B 233 6.07 -17.96 -9.76
N ALA B 234 5.83 -17.84 -8.46
CA ALA B 234 6.36 -16.73 -7.68
C ALA B 234 6.78 -17.15 -6.28
N ASN B 235 7.63 -16.36 -5.60
CA ASN B 235 8.12 -16.68 -4.27
C ASN B 235 7.29 -15.98 -3.16
N ALA B 236 7.64 -16.10 -1.87
CA ALA B 236 6.88 -15.48 -0.78
C ALA B 236 6.71 -13.94 -0.93
N ASN B 237 7.69 -13.27 -1.56
CA ASN B 237 7.59 -11.83 -1.82
C ASN B 237 6.75 -11.46 -3.04
N GLY B 238 6.27 -12.45 -3.78
CA GLY B 238 5.49 -12.22 -4.98
C GLY B 238 6.36 -12.10 -6.22
N ASP B 239 7.68 -12.18 -6.09
CA ASP B 239 8.60 -12.05 -7.21
C ASP B 239 8.48 -13.22 -8.14
N VAL B 240 8.55 -12.99 -9.47
CA VAL B 240 8.48 -14.08 -10.43
C VAL B 240 9.69 -15.00 -10.26
N THR B 241 9.48 -16.31 -10.30
CA THR B 241 10.57 -17.27 -10.22
C THR B 241 10.61 -18.15 -11.48
N ALA B 242 9.48 -18.34 -12.19
CA ALA B 242 9.43 -19.19 -13.36
C ALA B 242 8.25 -18.88 -14.29
N VAL B 243 8.41 -19.22 -15.59
CA VAL B 243 7.39 -19.05 -16.61
C VAL B 243 6.96 -20.43 -17.01
N LYS B 244 5.65 -20.71 -16.90
CA LYS B 244 5.12 -22.00 -17.26
C LYS B 244 4.53 -21.98 -18.68
N LEU B 245 5.03 -22.89 -19.51
CA LEU B 245 4.61 -22.97 -20.90
C LEU B 245 3.51 -23.98 -21.09
N LYS B 246 2.67 -23.77 -22.13
CA LYS B 246 1.53 -24.62 -22.47
C LYS B 246 1.92 -26.10 -22.63
N ASP B 247 3.11 -26.36 -23.17
CA ASP B 247 3.60 -27.72 -23.38
C ASP B 247 4.32 -28.34 -22.20
N GLY B 248 4.22 -27.75 -21.02
CA GLY B 248 4.87 -28.31 -19.83
C GLY B 248 6.27 -27.83 -19.49
N LYS B 249 6.86 -27.00 -20.36
CA LYS B 249 8.16 -26.41 -20.06
C LYS B 249 8.02 -25.40 -18.90
N VAL B 250 9.00 -25.33 -18.03
CA VAL B 250 9.04 -24.43 -16.89
C VAL B 250 10.40 -23.78 -16.94
N LEU B 251 10.41 -22.50 -17.30
CA LEU B 251 11.61 -21.72 -17.49
C LEU B 251 11.91 -20.86 -16.29
N GLU B 252 13.10 -20.99 -15.66
CA GLU B 252 13.44 -20.13 -14.53
C GLU B 252 13.57 -18.69 -15.00
N ALA B 253 12.92 -17.78 -14.28
CA ALA B 253 12.99 -16.37 -14.60
C ALA B 253 13.24 -15.54 -13.38
N ASP B 254 14.21 -14.63 -13.43
CA ASP B 254 14.43 -13.60 -12.40
C ASP B 254 13.62 -12.32 -12.79
N ILE B 255 13.54 -12.08 -14.11
CA ILE B 255 12.84 -10.99 -14.75
C ILE B 255 12.14 -11.53 -15.99
N VAL B 256 10.92 -11.03 -16.30
CA VAL B 256 10.15 -11.44 -17.47
C VAL B 256 9.75 -10.18 -18.22
N VAL B 257 10.05 -10.05 -19.51
CA VAL B 257 9.61 -8.90 -20.29
C VAL B 257 8.58 -9.39 -21.28
N VAL B 258 7.38 -8.78 -21.25
CA VAL B 258 6.27 -9.14 -22.10
C VAL B 258 6.02 -8.09 -23.17
N GLY B 259 5.94 -8.55 -24.42
CA GLY B 259 5.68 -7.77 -25.62
C GLY B 259 4.70 -8.52 -26.48
N VAL B 260 3.39 -8.40 -26.17
CA VAL B 260 2.34 -9.13 -26.87
C VAL B 260 1.37 -8.19 -27.62
N GLY B 261 1.84 -7.02 -28.01
CA GLY B 261 1.03 -6.07 -28.78
C GLY B 261 0.49 -4.86 -28.04
N GLY B 262 -0.08 -3.96 -28.83
CA GLY B 262 -0.73 -2.74 -28.40
C GLY B 262 -1.97 -2.43 -29.22
N ARG B 263 -2.93 -1.70 -28.65
CA ARG B 263 -4.15 -1.34 -29.36
C ARG B 263 -4.31 0.19 -29.29
N PRO B 264 -4.89 0.84 -30.33
CA PRO B 264 -5.10 2.30 -30.27
C PRO B 264 -5.82 2.71 -28.98
N LEU B 265 -5.36 3.76 -28.32
CA LEU B 265 -5.97 4.22 -27.08
C LEU B 265 -7.06 5.20 -27.44
N THR B 266 -8.17 4.68 -27.95
CA THR B 266 -9.30 5.49 -28.45
C THR B 266 -10.58 5.40 -27.61
N THR B 267 -10.48 4.77 -26.44
CA THR B 267 -11.54 4.48 -25.50
C THR B 267 -12.26 5.74 -24.98
N LEU B 268 -11.58 6.90 -24.84
CA LEU B 268 -12.27 8.12 -24.41
C LEU B 268 -13.31 8.61 -25.46
N PHE B 269 -13.21 8.13 -26.72
CA PHE B 269 -13.99 8.59 -27.86
C PHE B 269 -14.97 7.58 -28.45
N LYS B 270 -15.12 6.43 -27.82
CA LYS B 270 -16.00 5.36 -28.24
C LYS B 270 -17.44 5.87 -28.42
N GLY B 271 -18.00 5.65 -29.61
CA GLY B 271 -19.34 6.10 -29.96
C GLY B 271 -19.45 7.56 -30.36
N GLN B 272 -18.34 8.32 -30.29
CA GLN B 272 -18.37 9.75 -30.65
C GLN B 272 -17.72 10.01 -32.00
N VAL B 273 -16.80 9.14 -32.44
CA VAL B 273 -16.12 9.25 -33.74
C VAL B 273 -16.28 7.95 -34.51
N ALA B 274 -16.21 8.01 -35.84
CA ALA B 274 -16.28 6.80 -36.68
C ALA B 274 -15.00 6.00 -36.49
N GLU B 275 -15.16 4.68 -36.46
CA GLU B 275 -14.03 3.79 -36.29
C GLU B 275 -13.91 2.83 -37.43
N GLU B 276 -12.70 2.50 -37.79
CA GLU B 276 -12.41 1.56 -38.84
C GLU B 276 -11.17 0.77 -38.41
N LYS B 277 -11.22 -0.57 -38.50
CA LYS B 277 -10.14 -1.46 -38.08
C LYS B 277 -9.57 -1.18 -36.68
N GLY B 278 -10.43 -0.80 -35.73
CA GLY B 278 -9.98 -0.53 -34.36
C GLY B 278 -9.36 0.83 -34.10
N GLY B 279 -9.13 1.59 -35.17
CA GLY B 279 -8.59 2.93 -35.08
C GLY B 279 -9.66 3.96 -35.37
N ILE B 280 -9.34 5.23 -35.16
CA ILE B 280 -10.25 6.32 -35.43
C ILE B 280 -10.13 6.64 -36.91
N LYS B 281 -11.24 6.50 -37.65
CA LYS B 281 -11.22 6.78 -39.07
C LYS B 281 -10.98 8.26 -39.34
N THR B 282 -9.99 8.55 -40.17
CA THR B 282 -9.72 9.90 -40.63
C THR B 282 -9.80 9.97 -42.16
N ASP B 283 -9.86 11.20 -42.71
CA ASP B 283 -9.78 11.46 -44.14
C ASP B 283 -8.26 11.65 -44.50
N ALA B 284 -7.96 12.20 -45.69
CA ALA B 284 -6.57 12.41 -46.12
C ALA B 284 -5.82 13.56 -45.36
N PHE B 285 -6.49 14.21 -44.42
CA PHE B 285 -5.90 15.32 -43.67
C PHE B 285 -5.82 15.07 -42.16
N PHE B 286 -6.22 13.86 -41.72
CA PHE B 286 -6.27 13.36 -40.36
C PHE B 286 -7.47 13.93 -39.57
N GLU B 287 -8.48 14.48 -40.25
CA GLU B 287 -9.71 14.93 -39.58
C GLU B 287 -10.65 13.78 -39.46
N THR B 288 -11.22 13.63 -38.29
CA THR B 288 -12.18 12.58 -37.93
C THR B 288 -13.60 12.92 -38.44
N SER B 289 -14.57 12.03 -38.20
CA SER B 289 -15.96 12.23 -38.53
C SER B 289 -16.54 13.49 -37.83
N VAL B 290 -15.91 14.00 -36.75
CA VAL B 290 -16.33 15.22 -36.04
C VAL B 290 -15.48 16.40 -36.47
N PRO B 291 -16.09 17.42 -37.10
CA PRO B 291 -15.30 18.58 -37.58
C PRO B 291 -14.43 19.26 -36.54
N GLY B 292 -13.20 19.55 -36.93
CA GLY B 292 -12.24 20.18 -36.03
C GLY B 292 -11.63 19.24 -35.01
N VAL B 293 -11.87 17.93 -35.14
CA VAL B 293 -11.30 16.90 -34.29
C VAL B 293 -10.46 16.04 -35.21
N TYR B 294 -9.17 16.01 -34.97
CA TYR B 294 -8.18 15.28 -35.75
C TYR B 294 -7.62 14.11 -34.94
N ALA B 295 -6.99 13.14 -35.59
CA ALA B 295 -6.42 11.97 -34.90
C ALA B 295 -5.17 11.61 -35.64
N ILE B 296 -4.00 11.58 -34.97
CA ILE B 296 -2.75 11.29 -35.66
C ILE B 296 -1.99 10.10 -35.02
N GLY B 297 -0.88 9.68 -35.63
CA GLY B 297 -0.05 8.59 -35.12
C GLY B 297 -0.76 7.25 -35.07
N ASP B 298 -0.46 6.46 -34.03
CA ASP B 298 -0.96 5.09 -33.83
C ASP B 298 -2.46 4.92 -33.91
N VAL B 299 -3.22 5.92 -33.46
CA VAL B 299 -4.69 5.80 -33.40
C VAL B 299 -5.40 6.01 -34.70
N ALA B 300 -4.74 6.53 -35.72
CA ALA B 300 -5.44 6.89 -36.96
C ALA B 300 -5.52 5.77 -38.01
N THR B 301 -6.76 5.50 -38.51
CA THR B 301 -6.99 4.61 -39.64
C THR B 301 -7.33 5.60 -40.75
N PHE B 302 -6.37 5.83 -41.61
CA PHE B 302 -6.38 6.85 -42.63
C PHE B 302 -6.23 6.31 -44.07
N PRO B 303 -6.47 7.13 -45.11
CA PRO B 303 -6.28 6.64 -46.49
C PRO B 303 -4.83 6.53 -46.88
N LEU B 304 -4.35 5.28 -47.08
CA LEU B 304 -3.01 5.10 -47.57
C LEU B 304 -3.14 5.28 -49.12
N LYS B 305 -2.92 6.51 -49.59
CA LYS B 305 -3.14 6.89 -50.99
C LYS B 305 -2.66 5.87 -52.04
N MET B 306 -1.39 5.46 -52.02
CA MET B 306 -0.86 4.55 -53.03
C MET B 306 -1.43 3.15 -53.05
N TYR B 307 -2.06 2.70 -51.94
CA TYR B 307 -2.68 1.37 -51.95
C TYR B 307 -4.22 1.43 -52.02
N ASN B 308 -4.81 2.65 -52.07
CA ASN B 308 -6.24 2.91 -52.18
C ASN B 308 -7.02 2.17 -51.12
N GLU B 309 -6.51 2.17 -49.89
CA GLU B 309 -7.12 1.47 -48.75
C GLU B 309 -6.96 2.26 -47.46
N LEU B 310 -7.90 2.11 -46.53
CA LEU B 310 -7.82 2.68 -45.19
C LEU B 310 -6.86 1.77 -44.40
N ARG B 311 -5.78 2.36 -43.90
CA ARG B 311 -4.73 1.63 -43.20
C ARG B 311 -4.46 2.23 -41.84
N ARG B 312 -3.84 1.46 -40.96
CA ARG B 312 -3.42 1.96 -39.64
C ARG B 312 -1.95 1.58 -39.47
N VAL B 313 -1.09 2.54 -39.11
CA VAL B 313 0.34 2.27 -38.93
C VAL B 313 0.80 2.57 -37.50
N GLU B 314 1.31 1.56 -36.77
CA GLU B 314 1.76 1.75 -35.39
C GLU B 314 3.29 1.86 -35.34
N HIS B 315 3.81 2.83 -36.12
CA HIS B 315 5.24 3.09 -36.25
C HIS B 315 5.54 4.58 -36.25
N VAL B 316 6.70 4.92 -35.71
CA VAL B 316 7.23 6.26 -35.45
C VAL B 316 7.31 7.17 -36.68
N ASP B 317 7.79 6.69 -37.82
CA ASP B 317 7.90 7.52 -39.01
C ASP B 317 6.52 8.07 -39.45
N HIS B 318 5.46 7.23 -39.42
CA HIS B 318 4.12 7.70 -39.74
C HIS B 318 3.64 8.70 -38.67
N SER B 319 4.02 8.51 -37.40
CA SER B 319 3.55 9.38 -36.32
C SER B 319 4.06 10.83 -36.48
N ARG B 320 5.30 10.99 -36.96
CA ARG B 320 5.93 12.30 -37.21
C ARG B 320 5.29 12.96 -38.46
N LYS B 321 5.19 12.18 -39.54
CA LYS B 321 4.65 12.63 -40.81
C LYS B 321 3.18 13.00 -40.73
N SER B 322 2.34 12.18 -40.07
CA SER B 322 0.93 12.46 -39.89
C SER B 322 0.68 13.68 -39.01
N ALA B 323 1.53 13.90 -37.99
CA ALA B 323 1.43 15.06 -37.11
C ALA B 323 1.58 16.37 -37.91
N GLU B 324 2.54 16.36 -38.86
CA GLU B 324 2.80 17.49 -39.71
C GLU B 324 1.64 17.72 -40.65
N GLN B 325 1.09 16.63 -41.23
CA GLN B 325 -0.08 16.72 -42.12
C GLN B 325 -1.30 17.33 -41.44
N ALA B 326 -1.60 16.95 -40.18
CA ALA B 326 -2.77 17.48 -39.47
C ALA B 326 -2.62 18.96 -39.17
N VAL B 327 -1.45 19.40 -38.69
CA VAL B 327 -1.24 20.82 -38.41
C VAL B 327 -1.34 21.62 -39.72
N LYS B 328 -0.75 21.13 -40.80
CA LYS B 328 -0.82 21.80 -42.09
C LYS B 328 -2.26 21.94 -42.58
N ALA B 329 -3.09 20.91 -42.33
CA ALA B 329 -4.51 20.88 -42.70
C ALA B 329 -5.37 21.79 -41.81
N ILE B 330 -5.01 21.94 -40.53
CA ILE B 330 -5.75 22.82 -39.64
C ILE B 330 -5.50 24.28 -40.11
N LYS B 331 -4.24 24.62 -40.33
CA LYS B 331 -3.85 25.94 -40.76
C LYS B 331 -4.35 26.27 -42.14
N GLY B 332 -4.32 25.28 -43.04
CA GLY B 332 -4.80 25.41 -44.41
C GLY B 332 -6.27 25.77 -44.44
N LYS B 333 -7.08 25.07 -43.64
CA LYS B 333 -8.51 25.35 -43.56
C LYS B 333 -8.78 26.76 -43.05
N GLU B 334 -7.95 27.21 -42.11
CA GLU B 334 -8.00 28.52 -41.51
C GLU B 334 -7.76 29.60 -42.54
N SER B 335 -6.81 29.38 -43.46
CA SER B 335 -6.51 30.38 -44.48
C SER B 335 -7.24 30.14 -45.82
N GLY B 336 -8.18 29.20 -45.85
CA GLY B 336 -8.88 28.87 -47.08
C GLY B 336 -8.02 28.24 -48.17
N GLU B 337 -6.72 28.01 -47.91
CA GLU B 337 -5.83 27.42 -48.92
C GLU B 337 -5.89 25.87 -48.84
N SER B 338 -5.77 25.17 -49.98
CA SER B 338 -5.82 23.70 -49.98
C SER B 338 -4.45 23.08 -49.64
N VAL B 339 -4.48 21.88 -49.06
CA VAL B 339 -3.30 21.12 -48.65
C VAL B 339 -3.33 19.81 -49.42
N PRO B 340 -2.19 19.35 -49.98
CA PRO B 340 -2.20 18.04 -50.65
C PRO B 340 -2.54 16.88 -49.69
N GLU B 341 -3.17 15.83 -50.24
CA GLU B 341 -3.53 14.63 -49.50
C GLU B 341 -2.29 13.91 -48.99
N TYR B 342 -2.40 13.28 -47.83
CA TYR B 342 -1.29 12.53 -47.24
C TYR B 342 -0.87 11.42 -48.18
N ASP B 343 0.38 11.46 -48.66
CA ASP B 343 0.89 10.42 -49.55
C ASP B 343 2.03 9.73 -48.79
N TYR B 344 1.68 8.69 -48.05
CA TYR B 344 2.63 7.99 -47.22
C TYR B 344 3.20 6.71 -47.87
N LEU B 345 4.51 6.52 -47.74
CA LEU B 345 5.15 5.30 -48.19
C LEU B 345 5.50 4.53 -46.92
N PRO B 346 4.79 3.45 -46.55
CA PRO B 346 5.15 2.74 -45.30
C PRO B 346 6.64 2.43 -45.13
N TYR B 347 7.22 2.77 -44.00
CA TYR B 347 8.64 2.55 -43.72
C TYR B 347 8.80 1.97 -42.28
N PHE B 348 9.28 0.74 -42.21
CA PHE B 348 9.49 0.07 -40.94
C PHE B 348 10.96 -0.27 -40.77
N TYR B 349 11.42 -0.38 -39.53
CA TYR B 349 12.80 -0.72 -39.23
C TYR B 349 12.92 -1.25 -37.77
N SER B 350 14.06 -1.89 -37.48
CA SER B 350 14.46 -2.42 -36.18
C SER B 350 15.96 -2.65 -36.20
N ARG B 351 16.64 -2.30 -35.11
CA ARG B 351 18.08 -2.49 -34.93
C ARG B 351 18.28 -3.22 -33.63
N SER B 352 18.95 -4.37 -33.69
CA SER B 352 19.26 -5.12 -32.47
C SER B 352 20.61 -5.78 -32.62
N PHE B 353 21.42 -5.83 -31.53
CA PHE B 353 22.81 -6.31 -31.61
C PHE B 353 23.58 -5.46 -32.69
N ASP B 354 24.33 -6.07 -33.59
CA ASP B 354 25.02 -5.33 -34.67
C ASP B 354 24.19 -5.34 -35.98
N LEU B 355 22.90 -5.68 -35.91
CA LEU B 355 22.07 -5.74 -37.11
C LEU B 355 21.26 -4.46 -37.30
N GLY B 356 20.70 -4.31 -38.49
CA GLY B 356 19.82 -3.20 -38.84
C GLY B 356 19.13 -3.49 -40.14
N TRP B 357 17.79 -3.58 -40.13
CA TRP B 357 17.03 -3.81 -41.36
C TRP B 357 16.06 -2.67 -41.60
N GLN B 358 15.61 -2.56 -42.84
CA GLN B 358 14.59 -1.60 -43.25
C GLN B 358 13.60 -2.31 -44.14
N PHE B 359 12.33 -1.90 -44.13
CA PHE B 359 11.27 -2.42 -45.00
C PHE B 359 10.53 -1.20 -45.53
N TYR B 360 10.22 -1.20 -46.84
CA TYR B 360 9.41 -0.13 -47.46
C TYR B 360 8.31 -0.73 -48.29
N GLY B 361 7.15 -0.13 -48.23
CA GLY B 361 6.03 -0.56 -49.06
C GLY B 361 4.93 -1.36 -48.43
N ASP B 362 4.50 -2.41 -49.14
CA ASP B 362 3.44 -3.27 -48.66
C ASP B 362 3.87 -4.72 -48.80
N ASN B 363 3.70 -5.50 -47.73
CA ASN B 363 4.10 -6.90 -47.75
C ASN B 363 2.93 -7.74 -48.21
N VAL B 364 2.61 -7.63 -49.50
CA VAL B 364 1.54 -8.37 -50.16
C VAL B 364 2.12 -9.22 -51.32
N GLY B 365 1.44 -10.29 -51.66
CA GLY B 365 1.85 -11.18 -52.72
C GLY B 365 2.93 -12.17 -52.34
N GLU B 366 3.69 -12.61 -53.32
CA GLU B 366 4.73 -13.60 -53.12
C GLU B 366 6.08 -12.99 -52.84
N THR B 367 6.96 -13.72 -52.14
CA THR B 367 8.27 -13.17 -51.81
C THR B 367 9.41 -13.97 -52.40
N ILE B 368 10.46 -13.27 -52.75
CA ILE B 368 11.69 -13.91 -53.21
C ILE B 368 12.80 -13.33 -52.33
N LEU B 369 13.68 -14.18 -51.82
CA LEU B 369 14.80 -13.71 -51.00
C LEU B 369 16.02 -13.52 -51.89
N PHE B 370 16.87 -12.56 -51.55
CA PHE B 370 18.11 -12.30 -52.28
C PHE B 370 19.23 -11.98 -51.32
N GLY B 371 20.45 -12.19 -51.76
CA GLY B 371 21.62 -11.84 -50.97
C GLY B 371 22.09 -12.99 -50.12
N ASP B 372 23.02 -12.71 -49.22
CA ASP B 372 23.59 -13.73 -48.37
C ASP B 372 23.05 -13.62 -46.95
N SER B 373 22.10 -14.49 -46.63
CA SER B 373 21.46 -14.59 -45.32
C SER B 373 22.22 -15.58 -44.42
N ASP B 374 23.53 -15.38 -44.26
CA ASP B 374 24.35 -16.26 -43.43
C ASP B 374 24.47 -15.60 -42.09
N PRO B 375 24.01 -16.28 -41.02
CA PRO B 375 23.99 -15.64 -39.70
C PRO B 375 25.34 -15.39 -39.07
N THR B 376 26.38 -16.14 -39.48
CA THR B 376 27.72 -15.97 -38.94
C THR B 376 28.53 -14.90 -39.70
N SER B 377 28.04 -14.47 -40.90
CA SER B 377 28.66 -13.43 -41.74
C SER B 377 28.99 -12.17 -40.93
N SER B 378 30.13 -11.54 -41.26
CA SER B 378 30.54 -10.35 -40.52
C SER B 378 29.65 -9.16 -40.83
N LYS B 379 29.39 -8.89 -42.11
CA LYS B 379 28.49 -7.81 -42.50
C LYS B 379 27.34 -8.47 -43.24
N PRO B 380 26.32 -9.01 -42.51
CA PRO B 380 25.25 -9.72 -43.21
C PRO B 380 24.44 -8.77 -44.07
N LYS B 381 24.29 -9.10 -45.35
CA LYS B 381 23.50 -8.30 -46.26
C LYS B 381 22.63 -9.20 -47.10
N PHE B 382 21.32 -9.13 -46.87
CA PHE B 382 20.30 -9.88 -47.60
C PHE B 382 18.98 -9.11 -47.52
N GLY B 383 18.09 -9.42 -48.44
CA GLY B 383 16.80 -8.78 -48.47
C GLY B 383 15.71 -9.68 -49.03
N SER B 384 14.60 -9.05 -49.36
CA SER B 384 13.47 -9.74 -49.90
C SER B 384 12.61 -8.80 -50.72
N TYR B 385 11.90 -9.36 -51.71
CA TYR B 385 10.97 -8.58 -52.52
C TYR B 385 9.60 -9.21 -52.43
N TRP B 386 8.56 -8.38 -52.46
CA TRP B 386 7.18 -8.82 -52.46
C TRP B 386 6.66 -8.46 -53.83
N ILE B 387 6.21 -9.44 -54.58
CA ILE B 387 5.67 -9.19 -55.92
C ILE B 387 4.19 -9.54 -56.00
N LYS B 388 3.40 -8.68 -56.61
CA LYS B 388 1.96 -8.87 -56.81
C LYS B 388 1.54 -8.13 -58.08
N ASP B 389 0.77 -8.81 -58.96
CA ASP B 389 0.29 -8.20 -60.20
C ASP B 389 1.46 -7.77 -61.08
N GLY B 390 2.48 -8.63 -61.15
CA GLY B 390 3.68 -8.41 -61.96
C GLY B 390 4.57 -7.26 -61.56
N LYS B 391 4.45 -6.74 -60.34
CA LYS B 391 5.27 -5.62 -59.92
C LYS B 391 5.68 -5.67 -58.44
N VAL B 392 6.79 -5.00 -58.11
CA VAL B 392 7.30 -5.00 -56.76
C VAL B 392 6.46 -4.09 -55.87
N PHE B 393 5.85 -4.67 -54.82
CA PHE B 393 5.03 -3.97 -53.84
C PHE B 393 5.75 -3.64 -52.55
N GLY B 394 6.73 -4.45 -52.19
CA GLY B 394 7.50 -4.25 -50.98
C GLY B 394 8.94 -4.68 -51.08
N ALA B 395 9.79 -4.10 -50.23
CA ALA B 395 11.20 -4.43 -50.22
C ALA B 395 11.75 -4.37 -48.81
N PHE B 396 12.54 -5.36 -48.43
CA PHE B 396 13.18 -5.46 -47.13
C PHE B 396 14.69 -5.55 -47.36
N LEU B 397 15.51 -5.03 -46.46
CA LEU B 397 16.97 -5.14 -46.58
C LEU B 397 17.67 -5.07 -45.25
N GLU B 398 18.34 -6.15 -44.89
CA GLU B 398 19.20 -6.23 -43.71
C GLU B 398 20.65 -5.84 -44.15
N GLY B 399 21.32 -5.00 -43.38
CA GLY B 399 22.72 -4.65 -43.61
C GLY B 399 23.01 -3.72 -44.76
N GLY B 400 22.00 -3.01 -45.24
CA GLY B 400 22.19 -2.08 -46.35
C GLY B 400 22.85 -0.76 -46.00
N SER B 401 23.53 -0.19 -46.99
CA SER B 401 24.17 1.12 -46.86
C SER B 401 23.09 2.20 -47.11
N PRO B 402 23.29 3.49 -46.75
CA PRO B 402 22.25 4.50 -47.02
C PRO B 402 21.75 4.53 -48.46
N ASP B 403 22.67 4.32 -49.41
CA ASP B 403 22.33 4.29 -50.83
C ASP B 403 21.43 3.12 -51.18
N GLU B 404 21.76 1.92 -50.66
CA GLU B 404 21.00 0.69 -50.87
C GLU B 404 19.62 0.80 -50.22
N ASN B 405 19.53 1.44 -49.04
CA ASN B 405 18.26 1.66 -48.36
C ASN B 405 17.38 2.65 -49.09
N ASN B 406 17.98 3.67 -49.70
CA ASN B 406 17.24 4.61 -50.53
C ASN B 406 16.75 3.88 -51.80
N ALA B 407 17.60 3.01 -52.36
CA ALA B 407 17.28 2.24 -53.57
C ALA B 407 16.07 1.36 -53.37
N ILE B 408 15.97 0.61 -52.24
CA ILE B 408 14.81 -0.26 -51.99
C ILE B 408 13.54 0.60 -51.71
N ALA B 409 13.71 1.80 -51.12
CA ALA B 409 12.60 2.71 -50.87
C ALA B 409 12.02 3.17 -52.19
N LYS B 410 12.89 3.46 -53.20
CA LYS B 410 12.52 3.91 -54.54
C LYS B 410 11.70 2.84 -55.23
N VAL B 411 12.14 1.57 -55.13
CA VAL B 411 11.45 0.43 -55.70
C VAL B 411 10.05 0.31 -55.11
N ALA B 412 9.92 0.39 -53.79
CA ALA B 412 8.61 0.31 -53.15
C ALA B 412 7.72 1.48 -53.54
N LYS B 413 8.30 2.67 -53.70
CA LYS B 413 7.59 3.89 -54.06
C LYS B 413 7.05 3.86 -55.50
N THR B 414 7.89 3.51 -56.44
CA THR B 414 7.56 3.47 -57.85
C THR B 414 6.96 2.16 -58.34
N GLN B 415 6.94 1.11 -57.50
CA GLN B 415 6.39 -0.20 -57.85
C GLN B 415 6.78 -0.71 -59.28
N PRO B 416 8.08 -0.94 -59.52
CA PRO B 416 8.51 -1.36 -60.86
C PRO B 416 8.01 -2.72 -61.33
N PRO B 417 7.74 -2.85 -62.65
CA PRO B 417 7.31 -4.15 -63.20
C PRO B 417 8.42 -5.19 -63.19
N VAL B 418 8.04 -6.46 -63.03
CA VAL B 418 8.93 -7.60 -62.99
C VAL B 418 8.59 -8.52 -64.16
N ALA B 419 9.41 -8.47 -65.22
CA ALA B 419 9.15 -9.28 -66.42
C ALA B 419 9.51 -10.76 -66.24
N SER B 420 10.38 -11.07 -65.28
CA SER B 420 10.79 -12.43 -65.02
C SER B 420 11.23 -12.52 -63.57
N ILE B 421 10.50 -13.30 -62.79
CA ILE B 421 10.85 -13.49 -61.39
C ILE B 421 12.18 -14.25 -61.28
N GLU B 422 12.57 -15.05 -62.30
CA GLU B 422 13.87 -15.74 -62.29
C GLU B 422 15.01 -14.76 -62.52
N GLU B 423 14.80 -13.74 -63.37
CA GLU B 423 15.80 -12.70 -63.59
C GLU B 423 15.94 -11.86 -62.30
N LEU B 424 14.81 -11.55 -61.63
CA LEU B 424 14.79 -10.78 -60.40
C LEU B 424 15.58 -11.44 -59.25
N LYS B 425 15.39 -12.75 -58.99
CA LYS B 425 16.16 -13.42 -57.95
C LYS B 425 17.66 -13.50 -58.30
N LYS B 426 18.01 -13.43 -59.60
CA LYS B 426 19.39 -13.38 -60.04
C LYS B 426 19.95 -11.97 -59.83
N GLU B 427 19.16 -10.92 -60.14
CA GLU B 427 19.61 -9.53 -59.97
C GLU B 427 19.79 -9.20 -58.48
N GLY B 428 18.83 -9.62 -57.69
CA GLY B 428 18.85 -9.37 -56.25
C GLY B 428 18.73 -7.90 -55.95
N LEU B 429 19.66 -7.40 -55.13
CA LEU B 429 19.70 -5.99 -54.74
C LEU B 429 19.98 -5.10 -55.94
N GLN B 430 20.74 -5.61 -56.94
CA GLN B 430 21.08 -4.84 -58.15
C GLN B 430 19.88 -4.28 -58.88
N PHE B 431 18.73 -4.95 -58.81
CA PHE B 431 17.49 -4.48 -59.42
C PHE B 431 17.08 -3.13 -58.81
N ALA B 432 17.25 -2.97 -57.49
CA ALA B 432 16.91 -1.74 -56.80
C ALA B 432 17.97 -0.68 -57.04
N SER B 433 19.23 -1.07 -56.95
CA SER B 433 20.36 -0.18 -57.13
C SER B 433 20.55 0.36 -58.58
N LYS B 434 19.67 -0.04 -59.51
CA LYS B 434 19.73 0.38 -60.91
C LYS B 434 18.52 1.24 -61.36
N ILE B 435 17.59 1.59 -60.44
CA ILE B 435 16.42 2.40 -60.79
C ILE B 435 16.64 3.88 -60.46
N MET C 1 33.40 -11.38 22.49
CA MET C 1 32.20 -12.02 21.96
C MET C 1 31.89 -13.41 22.56
N ALA C 2 30.81 -13.46 23.35
CA ALA C 2 30.33 -14.65 24.03
C ALA C 2 29.83 -15.71 23.03
N SER C 3 29.72 -16.97 23.48
CA SER C 3 29.18 -18.03 22.65
C SER C 3 27.64 -17.88 22.63
N GLU C 4 27.00 -18.30 21.52
CA GLU C 4 25.56 -18.24 21.32
C GLU C 4 24.79 -18.87 22.49
N LYS C 5 23.79 -18.14 23.02
CA LYS C 5 22.94 -18.57 24.13
C LYS C 5 21.61 -19.03 23.51
N HIS C 6 21.03 -20.14 24.00
CA HIS C 6 19.75 -20.58 23.44
C HIS C 6 18.67 -20.68 24.50
N PHE C 7 17.47 -20.19 24.19
CA PHE C 7 16.36 -20.27 25.13
C PHE C 7 15.17 -20.79 24.39
N LYS C 8 14.28 -21.51 25.11
CA LYS C 8 13.04 -21.98 24.46
C LYS C 8 12.14 -20.75 24.21
N TYR C 9 12.12 -19.84 25.19
CA TYR C 9 11.35 -18.60 25.21
C TYR C 9 12.24 -17.37 25.35
N VAL C 10 12.12 -16.44 24.40
CA VAL C 10 12.84 -15.17 24.51
C VAL C 10 11.84 -14.02 24.52
N ILE C 11 11.84 -13.22 25.59
CA ILE C 11 11.03 -12.01 25.61
C ILE C 11 11.96 -10.89 25.20
N LEU C 12 11.72 -10.26 24.03
CA LEU C 12 12.55 -9.14 23.58
C LEU C 12 11.93 -7.83 24.07
N GLY C 13 12.60 -7.24 25.07
CA GLY C 13 12.17 -6.03 25.75
C GLY C 13 12.00 -6.30 27.24
N GLY C 14 12.23 -5.27 28.07
CA GLY C 14 12.12 -5.43 29.52
C GLY C 14 11.18 -4.43 30.18
N GLY C 15 10.01 -4.24 29.57
CA GLY C 15 9.02 -3.30 30.06
C GLY C 15 7.90 -3.92 30.89
N VAL C 16 6.75 -3.27 30.85
CA VAL C 16 5.59 -3.70 31.60
C VAL C 16 5.06 -5.05 31.09
N ALA C 17 4.91 -5.21 29.76
CA ALA C 17 4.42 -6.47 29.22
C ALA C 17 5.43 -7.60 29.42
N ALA C 18 6.74 -7.33 29.38
CA ALA C 18 7.75 -8.36 29.65
C ALA C 18 7.70 -8.83 31.10
N GLY C 19 7.56 -7.88 32.03
CA GLY C 19 7.48 -8.20 33.44
C GLY C 19 6.24 -8.99 33.78
N TYR C 20 5.08 -8.59 33.22
CA TYR C 20 3.84 -9.30 33.46
C TYR C 20 3.82 -10.67 32.79
N ALA C 21 4.43 -10.79 31.61
CA ALA C 21 4.55 -12.06 30.90
C ALA C 21 5.45 -13.01 31.67
N ALA C 22 6.52 -12.51 32.30
CA ALA C 22 7.41 -13.33 33.11
C ALA C 22 6.64 -13.92 34.29
N ARG C 23 5.74 -13.14 34.91
CA ARG C 23 4.88 -13.58 36.01
C ARG C 23 3.93 -14.69 35.52
N GLU C 24 3.38 -14.52 34.33
CA GLU C 24 2.50 -15.52 33.73
C GLU C 24 3.25 -16.82 33.41
N PHE C 25 4.54 -16.72 33.03
CA PHE C 25 5.40 -17.87 32.78
C PHE C 25 5.73 -18.57 34.08
N ALA C 26 5.97 -17.80 35.17
CA ALA C 26 6.24 -18.38 36.48
C ALA C 26 5.02 -19.18 36.96
N LYS C 27 3.81 -18.62 36.76
CA LYS C 27 2.53 -19.24 37.12
C LYS C 27 2.28 -20.53 36.33
N GLN C 28 2.42 -20.46 35.00
CA GLN C 28 2.27 -21.62 34.11
C GLN C 28 3.36 -22.70 34.33
N GLY C 29 4.41 -22.38 35.07
CA GLY C 29 5.53 -23.27 35.35
C GLY C 29 6.57 -23.13 34.25
N VAL C 30 7.77 -22.66 34.61
CA VAL C 30 8.82 -22.49 33.60
C VAL C 30 10.16 -23.10 34.07
N LYS C 31 10.70 -23.98 33.24
CA LYS C 31 11.95 -24.66 33.54
C LYS C 31 13.09 -23.66 33.60
N PRO C 32 13.84 -23.56 34.72
CA PRO C 32 14.99 -22.64 34.78
C PRO C 32 15.95 -22.84 33.61
N GLY C 33 16.20 -21.78 32.86
CA GLY C 33 17.07 -21.84 31.71
C GLY C 33 16.38 -21.77 30.36
N GLU C 34 15.04 -21.88 30.34
CA GLU C 34 14.32 -21.82 29.06
C GLU C 34 13.76 -20.42 28.78
N LEU C 35 13.63 -19.54 29.80
CA LEU C 35 13.13 -18.18 29.57
C LEU C 35 14.18 -17.08 29.81
N ALA C 36 14.35 -16.20 28.80
CA ALA C 36 15.21 -15.04 28.93
C ALA C 36 14.43 -13.77 28.60
N ILE C 37 14.78 -12.68 29.25
CA ILE C 37 14.21 -11.38 28.99
C ILE C 37 15.41 -10.54 28.63
N ILE C 38 15.49 -10.10 27.38
CA ILE C 38 16.60 -9.28 26.91
C ILE C 38 16.12 -7.85 26.87
N SER C 39 16.77 -6.96 27.63
CA SER C 39 16.36 -5.58 27.69
C SER C 39 17.52 -4.63 27.50
N LYS C 40 17.31 -3.53 26.75
CA LYS C 40 18.36 -2.51 26.63
C LYS C 40 18.44 -1.65 27.91
N GLU C 41 17.42 -1.70 28.79
CA GLU C 41 17.43 -0.98 30.05
C GLU C 41 18.36 -1.68 31.04
N ALA C 42 18.91 -0.88 31.94
CA ALA C 42 19.83 -1.30 32.99
C ALA C 42 19.13 -1.87 34.22
N VAL C 43 17.78 -1.80 34.29
CA VAL C 43 17.03 -2.24 35.45
C VAL C 43 15.95 -3.27 35.10
N ALA C 44 15.49 -4.03 36.11
CA ALA C 44 14.44 -5.04 35.96
C ALA C 44 13.13 -4.35 35.62
N PRO C 45 12.21 -5.05 34.91
CA PRO C 45 10.93 -4.40 34.56
C PRO C 45 10.21 -3.63 35.69
N TYR C 46 9.78 -2.40 35.41
CA TYR C 46 9.11 -1.50 36.37
C TYR C 46 7.78 -0.97 35.77
N GLU C 47 6.93 -0.44 36.61
CA GLU C 47 5.67 0.14 36.20
C GLU C 47 5.94 1.52 35.62
N ARG C 48 6.12 1.59 34.29
CA ARG C 48 6.39 2.81 33.52
C ARG C 48 5.50 4.02 33.90
N PRO C 49 4.19 3.87 34.22
CA PRO C 49 3.40 5.06 34.63
C PRO C 49 3.97 5.91 35.77
N ALA C 50 4.77 5.31 36.67
CA ALA C 50 5.36 6.07 37.77
C ALA C 50 6.29 7.21 37.33
N LEU C 51 6.95 7.06 36.17
CA LEU C 51 7.92 8.01 35.65
C LEU C 51 7.38 9.42 35.41
N SER C 52 6.11 9.56 35.03
CA SER C 52 5.52 10.89 34.82
C SER C 52 4.72 11.38 36.06
N LYS C 53 4.64 10.56 37.10
CA LYS C 53 3.91 10.89 38.28
C LYS C 53 4.85 10.85 39.48
N GLY C 54 4.77 9.83 40.32
CA GLY C 54 5.58 9.71 41.53
C GLY C 54 7.07 9.95 41.41
N TYR C 55 7.69 9.55 40.28
CA TYR C 55 9.13 9.77 40.08
C TYR C 55 9.54 11.23 40.11
N LEU C 56 8.62 12.13 39.72
CA LEU C 56 8.98 13.55 39.64
C LEU C 56 8.59 14.41 40.82
N PHE C 57 8.00 13.83 41.86
CA PHE C 57 7.54 14.62 43.01
C PHE C 57 8.71 15.18 43.82
N PRO C 58 8.63 16.48 44.21
CA PRO C 58 9.71 17.06 45.02
C PRO C 58 9.79 16.42 46.41
N GLN C 59 8.65 15.93 46.95
CA GLN C 59 8.58 15.23 48.23
C GLN C 59 8.10 13.81 48.00
N ASN C 60 8.69 12.82 48.72
CA ASN C 60 8.27 11.42 48.67
C ASN C 60 8.25 10.82 47.25
N ALA C 61 9.31 11.09 46.47
CA ALA C 61 9.39 10.57 45.11
C ALA C 61 9.46 9.06 45.08
N ALA C 62 8.94 8.46 44.01
CA ALA C 62 9.01 7.04 43.76
C ALA C 62 10.39 6.78 43.18
N ARG C 63 11.07 5.75 43.68
CA ARG C 63 12.37 5.38 43.17
C ARG C 63 12.46 3.86 43.09
N LEU C 64 13.30 3.31 42.19
CA LEU C 64 13.52 1.86 42.21
C LEU C 64 14.27 1.50 43.51
N PRO C 65 13.95 0.36 44.12
CA PRO C 65 13.12 -0.73 43.60
C PRO C 65 11.63 -0.67 43.88
N GLY C 66 11.15 0.42 44.44
CA GLY C 66 9.76 0.60 44.83
C GLY C 66 8.65 0.38 43.82
N PHE C 67 8.94 0.59 42.50
CA PHE C 67 7.87 0.46 41.51
C PHE C 67 8.15 -0.56 40.42
N HIS C 68 8.91 -1.63 40.70
CA HIS C 68 9.08 -2.71 39.71
C HIS C 68 7.73 -3.43 39.59
N VAL C 69 7.47 -4.12 38.46
CA VAL C 69 6.24 -4.90 38.31
C VAL C 69 6.20 -5.99 39.42
N CYS C 70 5.05 -6.43 39.95
CA CYS C 70 3.70 -6.13 39.50
C CYS C 70 2.93 -5.29 40.52
N VAL C 71 3.61 -4.44 41.31
CA VAL C 71 2.98 -3.63 42.35
C VAL C 71 1.96 -2.61 41.82
N GLY C 72 2.15 -2.17 40.59
CA GLY C 72 1.31 -1.17 39.94
C GLY C 72 -0.12 -1.61 39.73
N SER C 73 -0.33 -2.91 39.56
CA SER C 73 -1.67 -3.47 39.44
C SER C 73 -2.12 -4.17 40.76
N GLY C 74 -1.37 -4.00 41.85
CA GLY C 74 -1.67 -4.65 43.11
C GLY C 74 -1.02 -6.01 43.30
N GLY C 75 -0.15 -6.41 42.38
CA GLY C 75 0.57 -7.68 42.44
C GLY C 75 1.85 -7.58 43.25
N GLU C 76 2.63 -8.69 43.29
CA GLU C 76 3.87 -8.71 44.09
C GLU C 76 5.10 -8.11 43.36
N ARG C 77 6.02 -7.50 44.13
CA ARG C 77 7.24 -6.88 43.62
C ARG C 77 8.22 -7.91 43.08
N GLN C 78 8.71 -7.68 41.85
CA GLN C 78 9.67 -8.54 41.19
C GLN C 78 11.03 -7.86 41.09
N LEU C 79 11.84 -8.05 42.12
CA LEU C 79 13.19 -7.56 42.19
C LEU C 79 14.06 -8.38 41.25
N PRO C 80 15.30 -7.94 40.91
CA PRO C 80 16.19 -8.81 40.10
C PRO C 80 16.32 -10.25 40.61
N GLU C 81 16.32 -10.46 41.94
CA GLU C 81 16.44 -11.80 42.51
C GLU C 81 15.19 -12.70 42.28
N TRP C 82 14.01 -12.12 42.04
CA TRP C 82 12.79 -12.87 41.71
C TRP C 82 13.02 -13.68 40.43
N TYR C 83 13.69 -13.06 39.45
CA TYR C 83 13.98 -13.68 38.16
C TYR C 83 15.07 -14.74 38.30
N SER C 84 16.17 -14.45 39.01
CA SER C 84 17.29 -15.38 39.15
C SER C 84 16.97 -16.58 39.99
N GLU C 85 16.15 -16.41 41.04
CA GLU C 85 15.75 -17.54 41.89
C GLU C 85 14.92 -18.51 41.06
N LYS C 86 14.08 -18.02 40.14
CA LYS C 86 13.28 -18.85 39.24
C LYS C 86 14.01 -19.31 37.97
N GLY C 87 15.32 -19.02 37.88
CA GLY C 87 16.12 -19.36 36.71
C GLY C 87 15.67 -18.72 35.42
N ILE C 88 15.06 -17.52 35.51
CA ILE C 88 14.65 -16.74 34.35
C ILE C 88 15.80 -15.78 34.14
N GLU C 89 16.47 -15.87 32.99
CA GLU C 89 17.61 -15.01 32.72
C GLU C 89 17.21 -13.58 32.31
N LEU C 90 17.46 -12.62 33.17
CA LEU C 90 17.20 -11.21 32.93
C LEU C 90 18.54 -10.65 32.38
N ILE C 91 18.61 -10.48 31.05
CA ILE C 91 19.79 -9.99 30.33
C ILE C 91 19.65 -8.47 30.06
N LEU C 92 20.17 -7.66 31.01
CA LEU C 92 20.04 -6.21 30.96
C LEU C 92 21.14 -5.51 30.16
N SER C 93 20.87 -4.23 29.79
CA SER C 93 21.78 -3.39 29.02
C SER C 93 22.17 -4.05 27.70
N THR C 94 21.24 -4.79 27.11
CA THR C 94 21.49 -5.50 25.87
C THR C 94 20.50 -5.03 24.86
N GLU C 95 20.94 -4.16 23.94
CA GLU C 95 20.06 -3.70 22.87
C GLU C 95 20.20 -4.68 21.71
N ILE C 96 19.09 -5.23 21.20
CA ILE C 96 19.09 -6.15 20.06
C ILE C 96 18.97 -5.30 18.81
N VAL C 97 19.99 -5.31 17.98
CA VAL C 97 20.00 -4.50 16.77
C VAL C 97 19.64 -5.27 15.49
N LYS C 98 19.42 -6.59 15.58
CA LYS C 98 19.06 -7.39 14.42
C LYS C 98 18.30 -8.61 14.87
N ALA C 99 17.18 -8.89 14.20
CA ALA C 99 16.38 -10.08 14.50
C ALA C 99 16.13 -10.77 13.17
N ASP C 100 16.51 -12.05 13.08
CA ASP C 100 16.25 -12.83 11.88
C ASP C 100 15.28 -13.94 12.23
N LEU C 101 14.01 -13.75 11.87
CA LEU C 101 12.94 -14.69 12.19
C LEU C 101 13.08 -16.05 11.47
N SER C 102 13.74 -16.05 10.31
CA SER C 102 13.97 -17.28 9.55
C SER C 102 14.91 -18.24 10.29
N THR C 103 16.00 -17.72 10.82
CA THR C 103 16.98 -18.51 11.54
C THR C 103 16.85 -18.45 13.06
N LYS C 104 15.77 -17.80 13.57
CA LYS C 104 15.49 -17.62 14.98
C LYS C 104 16.67 -17.07 15.78
N THR C 105 17.39 -16.08 15.21
CA THR C 105 18.58 -15.47 15.82
C THR C 105 18.45 -13.97 16.09
N LEU C 106 18.81 -13.56 17.30
CA LEU C 106 18.85 -12.15 17.72
C LEU C 106 20.31 -11.78 17.89
N THR C 107 20.66 -10.55 17.51
CA THR C 107 22.05 -10.09 17.63
C THR C 107 22.12 -8.74 18.34
N SER C 108 22.81 -8.72 19.50
CA SER C 108 22.95 -7.50 20.28
C SER C 108 23.91 -6.52 19.63
N ALA C 109 23.86 -5.26 20.06
CA ALA C 109 24.73 -4.21 19.57
C ALA C 109 26.20 -4.55 19.86
N ALA C 110 26.48 -5.30 20.94
CA ALA C 110 27.84 -5.75 21.23
C ALA C 110 28.23 -7.06 20.54
N GLY C 111 27.43 -7.54 19.59
CA GLY C 111 27.72 -8.76 18.84
C GLY C 111 27.34 -10.10 19.46
N ALA C 112 26.70 -10.10 20.64
CA ALA C 112 26.28 -11.35 21.28
C ALA C 112 25.06 -11.93 20.56
N THR C 113 25.02 -13.25 20.35
CA THR C 113 23.87 -13.87 19.66
C THR C 113 22.99 -14.70 20.59
N PHE C 114 21.71 -14.79 20.24
CA PHE C 114 20.70 -15.53 21.01
C PHE C 114 19.79 -16.26 20.04
N THR C 115 19.39 -17.48 20.39
CA THR C 115 18.42 -18.22 19.60
C THR C 115 17.22 -18.57 20.47
N TYR C 116 16.11 -18.82 19.80
CA TYR C 116 14.86 -19.11 20.47
C TYR C 116 14.02 -20.10 19.66
N GLU C 117 13.03 -20.66 20.32
CA GLU C 117 12.01 -21.48 19.70
C GLU C 117 10.75 -20.61 19.63
N ILE C 118 10.43 -19.91 20.73
CA ILE C 118 9.31 -18.98 20.84
C ILE C 118 9.86 -17.58 21.18
N LEU C 119 9.51 -16.57 20.35
CA LEU C 119 9.90 -15.17 20.58
C LEU C 119 8.66 -14.39 20.95
N ILE C 120 8.77 -13.58 21.98
CA ILE C 120 7.72 -12.69 22.40
C ILE C 120 8.26 -11.27 22.23
N ILE C 121 7.79 -10.58 21.21
CA ILE C 121 8.16 -9.19 20.93
C ILE C 121 7.39 -8.29 21.88
N ALA C 122 8.12 -7.57 22.76
CA ALA C 122 7.53 -6.66 23.76
C ALA C 122 8.41 -5.39 23.80
N THR C 123 8.61 -4.75 22.63
CA THR C 123 9.56 -3.65 22.50
C THR C 123 8.96 -2.24 22.75
N GLY C 124 7.70 -2.16 23.12
CA GLY C 124 7.05 -0.91 23.44
C GLY C 124 7.05 0.13 22.34
N SER C 125 7.13 1.40 22.75
CA SER C 125 7.08 2.50 21.79
C SER C 125 8.31 3.38 21.90
N SER C 126 8.63 4.02 20.79
CA SER C 126 9.67 5.02 20.75
C SER C 126 9.00 6.39 21.10
N VAL C 127 9.84 7.45 21.23
CA VAL C 127 9.34 8.78 21.46
C VAL C 127 9.41 9.56 20.15
N ILE C 128 8.31 10.18 19.76
CA ILE C 128 8.30 11.08 18.62
C ILE C 128 8.95 12.37 19.11
N LYS C 129 10.02 12.78 18.41
CA LYS C 129 10.79 13.96 18.75
C LYS C 129 10.59 15.10 17.76
N LEU C 130 10.77 16.34 18.19
CA LEU C 130 10.57 17.48 17.30
C LEU C 130 11.66 17.53 16.18
N THR C 131 12.80 16.90 16.43
CA THR C 131 13.87 16.76 15.45
C THR C 131 13.45 15.83 14.29
N ASP C 132 12.39 15.00 14.46
CA ASP C 132 11.89 14.16 13.38
C ASP C 132 11.36 14.96 12.20
N PHE C 133 10.99 16.23 12.45
CA PHE C 133 10.40 17.15 11.49
C PHE C 133 11.31 18.28 11.06
N GLY C 134 12.59 18.27 11.48
CA GLY C 134 13.53 19.32 11.18
C GLY C 134 13.25 20.60 11.94
N THR C 135 12.50 20.52 13.05
CA THR C 135 12.10 21.67 13.87
C THR C 135 13.30 22.44 14.41
N GLN C 136 13.34 23.70 14.07
CA GLN C 136 14.38 24.62 14.42
C GLN C 136 14.73 24.66 15.91
N GLY C 137 15.99 24.40 16.24
CA GLY C 137 16.48 24.49 17.61
C GLY C 137 15.98 23.39 18.52
N ALA C 138 15.26 22.39 17.97
CA ALA C 138 14.73 21.28 18.78
C ALA C 138 15.84 20.39 19.36
N ASP C 139 17.10 20.63 18.97
CA ASP C 139 18.30 19.94 19.46
C ASP C 139 19.01 20.76 20.60
N SER C 140 18.33 21.77 21.15
CA SER C 140 18.89 22.59 22.21
C SER C 140 18.86 21.81 23.51
N ASN C 141 19.79 22.12 24.41
CA ASN C 141 19.86 21.49 25.71
C ASN C 141 18.63 21.88 26.53
N ASN C 142 18.18 20.97 27.40
CA ASN C 142 17.02 21.16 28.26
C ASN C 142 15.68 21.12 27.51
N ILE C 143 15.66 20.55 26.28
CA ILE C 143 14.43 20.22 25.53
C ILE C 143 14.36 18.69 25.70
N LEU C 144 13.41 18.21 26.51
CA LEU C 144 13.41 16.86 27.04
C LEU C 144 12.22 16.03 26.77
N TYR C 145 12.43 14.73 26.72
CA TYR C 145 11.40 13.75 26.47
C TYR C 145 11.33 12.75 27.62
N LEU C 146 10.24 11.98 27.67
CA LEU C 146 10.08 11.02 28.74
C LEU C 146 9.49 9.70 28.28
N ARG C 147 10.27 8.64 28.41
CA ARG C 147 9.82 7.30 28.09
C ARG C 147 10.38 6.32 29.13
N GLU C 148 11.70 6.36 29.36
CA GLU C 148 12.36 5.39 30.23
C GLU C 148 12.99 6.00 31.48
N ILE C 149 13.36 5.14 32.46
CA ILE C 149 13.91 5.61 33.71
C ILE C 149 15.19 6.49 33.50
N ASP C 150 15.97 6.27 32.41
CA ASP C 150 17.13 7.12 32.12
C ASP C 150 16.67 8.55 31.79
N ASP C 151 15.57 8.68 31.00
CA ASP C 151 14.95 9.95 30.68
C ASP C 151 14.45 10.59 31.97
N ALA C 152 13.79 9.78 32.84
CA ALA C 152 13.26 10.25 34.12
C ALA C 152 14.38 10.85 34.98
N ASP C 153 15.54 10.18 35.08
CA ASP C 153 16.67 10.70 35.84
C ASP C 153 17.21 12.00 35.27
N LYS C 154 17.30 12.09 33.94
CA LYS C 154 17.73 13.29 33.23
C LYS C 154 16.77 14.46 33.44
N LEU C 155 15.47 14.18 33.58
CA LEU C 155 14.45 15.20 33.83
C LEU C 155 14.47 15.67 35.30
N VAL C 156 14.64 14.74 36.26
CA VAL C 156 14.74 15.07 37.68
C VAL C 156 15.99 15.94 37.94
N ALA C 157 17.09 15.66 37.24
CA ALA C 157 18.31 16.46 37.34
C ALA C 157 18.07 17.86 36.76
N ALA C 158 17.33 17.95 35.65
CA ALA C 158 17.02 19.25 35.01
C ALA C 158 16.08 20.09 35.87
N ILE C 159 15.13 19.43 36.59
CA ILE C 159 14.18 20.07 37.50
C ILE C 159 14.99 20.72 38.64
N GLN C 160 16.00 20.03 39.17
CA GLN C 160 16.87 20.60 40.21
C GLN C 160 17.69 21.78 39.65
N ALA C 161 18.47 21.55 38.57
CA ALA C 161 19.29 22.59 37.96
C ALA C 161 18.53 23.85 37.56
N LYS C 162 17.27 23.72 37.14
CA LYS C 162 16.48 24.86 36.67
C LYS C 162 15.48 25.39 37.69
N LYS C 163 15.47 24.87 38.94
CA LYS C 163 14.58 25.24 40.06
C LYS C 163 14.08 26.67 40.01
N GLY C 164 12.77 26.83 40.18
CA GLY C 164 12.12 28.14 40.18
C GLY C 164 12.18 28.90 38.87
N GLY C 165 12.44 28.19 37.77
CA GLY C 165 12.51 28.79 36.44
C GLY C 165 11.19 28.69 35.69
N LYS C 166 11.26 28.87 34.38
CA LYS C 166 10.09 28.81 33.49
C LYS C 166 10.09 27.51 32.71
N ALA C 167 8.96 26.84 32.70
CA ALA C 167 8.81 25.56 32.01
C ALA C 167 7.79 25.66 30.90
N VAL C 168 8.13 25.16 29.71
CA VAL C 168 7.16 25.12 28.62
C VAL C 168 6.97 23.68 28.23
N VAL C 169 5.71 23.22 28.24
CA VAL C 169 5.38 21.85 27.91
C VAL C 169 4.75 21.88 26.55
N VAL C 170 5.31 21.13 25.60
CA VAL C 170 4.75 21.07 24.26
C VAL C 170 4.03 19.75 24.12
N GLY C 171 2.72 19.82 23.95
CA GLY C 171 1.89 18.63 23.82
C GLY C 171 0.66 18.72 24.69
N GLY C 172 -0.47 18.34 24.12
CA GLY C 172 -1.74 18.38 24.82
C GLY C 172 -2.36 17.05 25.17
N GLY C 173 -1.59 15.96 25.05
CA GLY C 173 -2.06 14.63 25.39
C GLY C 173 -1.70 14.22 26.78
N TYR C 174 -1.40 12.93 26.99
CA TYR C 174 -1.08 12.33 28.28
C TYR C 174 0.14 12.91 28.98
N ILE C 175 1.28 12.99 28.30
CA ILE C 175 2.52 13.56 28.83
C ILE C 175 2.31 15.06 29.10
N GLY C 176 1.59 15.76 28.22
CA GLY C 176 1.34 17.18 28.39
C GLY C 176 0.65 17.48 29.69
N LEU C 177 -0.39 16.72 29.98
CA LEU C 177 -1.16 16.91 31.20
C LEU C 177 -0.41 16.48 32.45
N GLU C 178 0.23 15.30 32.44
CA GLU C 178 0.92 14.84 33.62
C GLU C 178 2.19 15.60 33.90
N LEU C 179 2.90 16.04 32.85
CA LEU C 179 4.16 16.76 33.03
C LEU C 179 3.95 18.22 33.34
N SER C 180 2.89 18.84 32.82
CA SER C 180 2.55 20.22 33.21
C SER C 180 2.21 20.25 34.68
N ALA C 181 1.49 19.22 35.18
CA ALA C 181 1.16 19.12 36.60
C ALA C 181 2.43 18.85 37.38
N ALA C 182 3.28 17.92 36.91
CA ALA C 182 4.52 17.57 37.59
C ALA C 182 5.45 18.76 37.76
N LEU C 183 5.61 19.57 36.71
CA LEU C 183 6.47 20.75 36.74
C LEU C 183 5.86 21.86 37.58
N LYS C 184 4.52 21.97 37.59
CA LYS C 184 3.86 22.95 38.42
C LYS C 184 4.09 22.64 39.90
N ILE C 185 3.95 21.37 40.31
CA ILE C 185 4.14 21.01 41.70
C ILE C 185 5.63 21.09 42.15
N ASN C 186 6.59 21.09 41.19
CA ASN C 186 8.01 21.33 41.46
C ASN C 186 8.34 22.86 41.46
N ASP C 187 7.29 23.69 41.47
CA ASP C 187 7.19 25.14 41.57
C ASP C 187 7.83 25.90 40.42
N PHE C 188 7.67 25.36 39.22
CA PHE C 188 8.05 26.07 38.03
C PHE C 188 6.87 26.92 37.59
N ASP C 189 7.15 28.00 36.82
CA ASP C 189 6.17 28.81 36.10
C ASP C 189 5.87 27.94 34.84
N VAL C 190 4.66 27.38 34.67
CA VAL C 190 4.39 26.44 33.57
C VAL C 190 3.43 26.91 32.48
N THR C 191 3.84 26.72 31.22
CA THR C 191 2.99 27.04 30.09
C THR C 191 2.83 25.79 29.26
N MET C 192 1.60 25.39 28.99
CA MET C 192 1.28 24.20 28.22
C MET C 192 0.79 24.63 26.84
N VAL C 193 1.43 24.15 25.76
CA VAL C 193 1.06 24.53 24.41
C VAL C 193 0.73 23.33 23.53
N PHE C 194 -0.36 23.45 22.76
CA PHE C 194 -0.78 22.38 21.86
C PHE C 194 -1.64 22.93 20.72
N PRO C 195 -1.57 22.38 19.49
CA PRO C 195 -2.30 22.97 18.38
C PRO C 195 -3.77 22.62 18.31
N GLU C 196 -4.16 21.52 18.99
CA GLU C 196 -5.54 21.04 18.99
C GLU C 196 -6.45 22.02 19.72
N PRO C 197 -7.74 22.07 19.36
CA PRO C 197 -8.66 23.05 20.00
C PRO C 197 -8.87 22.88 21.49
N TRP C 198 -8.59 21.70 22.00
CA TRP C 198 -8.67 21.39 23.41
C TRP C 198 -7.71 20.21 23.75
N CYS C 199 -7.30 20.08 25.00
CA CYS C 199 -6.36 19.00 25.40
C CYS C 199 -7.01 17.63 25.24
N MET C 200 -6.20 16.56 25.18
CA MET C 200 -6.64 15.16 24.97
C MET C 200 -7.74 15.04 23.90
N PRO C 201 -7.54 15.64 22.69
CA PRO C 201 -8.63 15.61 21.70
C PRO C 201 -8.97 14.20 21.21
N ARG C 202 -8.02 13.25 21.33
CA ARG C 202 -8.26 11.86 20.95
C ARG C 202 -9.18 11.11 21.97
N LEU C 203 -9.56 11.75 23.10
CA LEU C 203 -10.45 11.11 24.05
C LEU C 203 -11.52 12.07 24.64
N PHE C 204 -11.06 13.19 25.23
CA PHE C 204 -11.90 14.19 25.87
C PHE C 204 -12.79 14.91 24.90
N THR C 205 -14.01 15.22 25.35
CA THR C 205 -14.92 16.10 24.62
C THR C 205 -14.50 17.54 25.03
N ALA C 206 -15.08 18.57 24.39
CA ALA C 206 -14.76 19.95 24.76
C ALA C 206 -15.18 20.22 26.22
N ASP C 207 -16.27 19.60 26.69
CA ASP C 207 -16.74 19.75 28.06
C ASP C 207 -15.82 19.14 29.09
N ILE C 208 -15.26 17.96 28.79
CA ILE C 208 -14.35 17.31 29.72
C ILE C 208 -13.05 18.11 29.75
N ALA C 209 -12.52 18.43 28.56
CA ALA C 209 -11.29 19.20 28.43
C ALA C 209 -11.39 20.55 29.15
N ALA C 210 -12.55 21.21 29.08
CA ALA C 210 -12.74 22.49 29.71
C ALA C 210 -12.57 22.44 31.23
N PHE C 211 -12.92 21.28 31.86
CA PHE C 211 -12.74 21.16 33.31
C PHE C 211 -11.25 21.14 33.62
N TYR C 212 -10.47 20.34 32.86
CA TYR C 212 -9.04 20.25 33.11
C TYR C 212 -8.31 21.53 32.80
N GLU C 213 -8.74 22.26 31.76
CA GLU C 213 -8.13 23.54 31.43
C GLU C 213 -8.29 24.53 32.57
N ALA C 214 -9.52 24.60 33.15
CA ALA C 214 -9.88 25.46 34.29
C ALA C 214 -9.17 25.05 35.57
N TYR C 215 -9.09 23.75 35.90
CA TYR C 215 -8.42 23.27 37.10
C TYR C 215 -6.89 23.56 36.99
N TYR C 216 -6.32 23.35 35.79
CA TYR C 216 -4.89 23.64 35.57
C TYR C 216 -4.63 25.14 35.71
N THR C 217 -5.51 26.00 35.17
CA THR C 217 -5.41 27.46 35.26
C THR C 217 -5.42 27.93 36.72
N ASN C 218 -6.29 27.32 37.55
CA ASN C 218 -6.38 27.65 38.98
C ASN C 218 -5.17 27.17 39.77
N LYS C 219 -4.47 26.14 39.26
CA LYS C 219 -3.21 25.67 39.86
C LYS C 219 -1.98 26.51 39.40
N GLY C 220 -2.20 27.49 38.51
CA GLY C 220 -1.16 28.39 38.03
C GLY C 220 -0.60 28.07 36.65
N VAL C 221 -1.06 26.96 36.03
CA VAL C 221 -0.60 26.58 34.68
C VAL C 221 -1.24 27.47 33.61
N LYS C 222 -0.45 28.00 32.65
CA LYS C 222 -1.03 28.80 31.55
C LYS C 222 -1.23 27.89 30.34
N VAL C 223 -2.48 27.65 30.01
CA VAL C 223 -2.87 26.71 28.96
C VAL C 223 -3.11 27.43 27.65
N LEU C 224 -2.25 27.18 26.64
CA LEU C 224 -2.40 27.78 25.32
C LEU C 224 -2.88 26.76 24.29
N LYS C 225 -4.19 26.66 24.09
CA LYS C 225 -4.78 25.75 23.10
C LYS C 225 -4.60 26.37 21.69
N GLY C 226 -4.80 25.58 20.64
CA GLY C 226 -4.75 26.02 19.25
C GLY C 226 -3.49 26.72 18.80
N THR C 227 -2.35 26.44 19.46
CA THR C 227 -1.07 27.07 19.18
C THR C 227 0.02 26.04 18.92
N LEU C 228 0.74 26.21 17.81
CA LEU C 228 1.77 25.27 17.42
C LEU C 228 3.18 25.81 17.65
N ALA C 229 4.05 25.02 18.32
CA ALA C 229 5.44 25.40 18.50
C ALA C 229 6.15 25.14 17.15
N VAL C 230 6.77 26.17 16.61
CA VAL C 230 7.47 26.08 15.34
C VAL C 230 8.99 26.00 15.49
N GLY C 231 9.54 26.54 16.56
CA GLY C 231 10.98 26.54 16.77
C GLY C 231 11.36 26.92 18.18
N PHE C 232 12.65 26.93 18.44
CA PHE C 232 13.18 27.26 19.76
C PHE C 232 14.39 28.15 19.63
N ASP C 233 14.61 29.01 20.65
CA ASP C 233 15.79 29.86 20.72
C ASP C 233 16.78 29.21 21.66
N ALA C 234 18.07 29.48 21.44
CA ALA C 234 19.10 28.92 22.29
C ALA C 234 20.19 29.92 22.52
N ASN C 235 20.85 29.82 23.69
CA ASN C 235 21.94 30.73 24.00
C ASN C 235 23.25 30.18 23.45
N ALA C 236 24.36 30.93 23.60
CA ALA C 236 25.66 30.46 23.08
C ALA C 236 26.09 29.12 23.68
N ASN C 237 25.53 28.75 24.81
CA ASN C 237 25.85 27.48 25.44
C ASN C 237 25.03 26.30 24.92
N GLY C 238 24.16 26.56 23.95
CA GLY C 238 23.29 25.56 23.38
C GLY C 238 22.01 25.32 24.14
N ASP C 239 21.78 26.07 25.23
CA ASP C 239 20.59 25.88 26.08
C ASP C 239 19.38 26.62 25.61
N VAL C 240 18.22 25.95 25.58
CA VAL C 240 16.95 26.57 25.19
C VAL C 240 16.65 27.80 26.05
N THR C 241 16.22 28.89 25.42
CA THR C 241 15.85 30.13 26.13
C THR C 241 14.41 30.53 25.81
N ALA C 242 13.82 30.06 24.69
CA ALA C 242 12.44 30.43 24.34
C ALA C 242 11.83 29.45 23.35
N VAL C 243 10.50 29.37 23.35
CA VAL C 243 9.72 28.55 22.43
C VAL C 243 9.00 29.51 21.53
N LYS C 244 9.16 29.34 20.22
CA LYS C 244 8.51 30.18 19.20
C LYS C 244 7.20 29.51 18.71
N LEU C 245 6.08 30.24 18.79
CA LEU C 245 4.79 29.72 18.35
C LEU C 245 4.42 30.23 16.95
N LYS C 246 3.52 29.52 16.27
CA LYS C 246 3.08 29.87 14.92
C LYS C 246 2.59 31.30 14.81
N ASP C 247 1.79 31.76 15.78
CA ASP C 247 1.21 33.11 15.73
C ASP C 247 2.15 34.24 16.14
N GLY C 248 3.41 33.93 16.35
CA GLY C 248 4.37 34.94 16.73
C GLY C 248 4.57 35.09 18.22
N LYS C 249 3.87 34.28 19.05
CA LYS C 249 4.10 34.34 20.48
C LYS C 249 5.44 33.65 20.76
N VAL C 250 6.27 34.22 21.63
CA VAL C 250 7.55 33.69 22.03
C VAL C 250 7.48 33.53 23.55
N LEU C 251 7.59 32.29 24.04
CA LEU C 251 7.50 32.04 25.48
C LEU C 251 8.84 31.73 26.03
N GLU C 252 9.33 32.50 27.01
CA GLU C 252 10.60 32.22 27.69
C GLU C 252 10.59 30.83 28.30
N ALA C 253 11.73 30.14 28.34
CA ALA C 253 11.78 28.80 28.92
C ALA C 253 13.16 28.41 29.31
N ASP C 254 13.31 27.89 30.52
CA ASP C 254 14.57 27.30 30.98
C ASP C 254 14.55 25.79 30.73
N ILE C 255 13.36 25.18 30.73
CA ILE C 255 13.16 23.76 30.51
C ILE C 255 11.94 23.56 29.62
N VAL C 256 12.10 22.72 28.62
CA VAL C 256 11.04 22.38 27.70
C VAL C 256 10.86 20.89 27.79
N VAL C 257 9.63 20.44 28.04
CA VAL C 257 9.34 19.02 28.08
C VAL C 257 8.37 18.75 26.92
N VAL C 258 8.68 17.78 26.05
CA VAL C 258 7.81 17.55 24.87
C VAL C 258 7.08 16.20 24.92
N GLY C 259 5.80 16.24 24.58
CA GLY C 259 4.99 15.03 24.56
C GLY C 259 4.07 15.03 23.36
N VAL C 260 4.60 14.65 22.20
CA VAL C 260 3.83 14.69 20.95
C VAL C 260 3.59 13.28 20.35
N GLY C 261 3.50 12.28 21.21
CA GLY C 261 3.20 10.91 20.80
C GLY C 261 4.32 9.90 20.81
N GLY C 262 3.92 8.63 20.65
CA GLY C 262 4.82 7.50 20.54
C GLY C 262 4.46 6.62 19.35
N ARG C 263 5.44 5.92 18.77
CA ARG C 263 5.27 5.00 17.63
C ARG C 263 5.73 3.60 18.09
N PRO C 264 5.06 2.49 17.70
CA PRO C 264 5.54 1.15 18.10
C PRO C 264 6.95 0.88 17.61
N LEU C 265 7.76 0.22 18.43
CA LEU C 265 9.13 -0.11 18.11
C LEU C 265 9.15 -1.47 17.45
N THR C 266 8.82 -1.47 16.17
CA THR C 266 8.72 -2.65 15.32
C THR C 266 9.81 -2.69 14.22
N THR C 267 10.79 -1.77 14.26
CA THR C 267 11.86 -1.62 13.27
C THR C 267 12.71 -2.91 13.02
N LEU C 268 12.93 -3.77 14.03
CA LEU C 268 13.68 -5.02 13.81
C LEU C 268 12.91 -6.06 12.99
N PHE C 269 11.62 -5.83 12.63
CA PHE C 269 10.82 -6.89 11.98
C PHE C 269 10.17 -6.50 10.68
N LYS C 270 10.51 -5.33 10.13
CA LYS C 270 9.96 -4.83 8.86
C LYS C 270 10.23 -5.80 7.72
N GLY C 271 9.17 -6.29 7.10
CA GLY C 271 9.29 -7.24 6.00
C GLY C 271 9.21 -8.69 6.43
N GLN C 272 9.47 -8.96 7.71
CA GLN C 272 9.42 -10.32 8.23
C GLN C 272 8.07 -10.65 8.87
N VAL C 273 7.26 -9.63 9.24
CA VAL C 273 5.94 -9.85 9.82
C VAL C 273 4.93 -8.95 9.13
N ALA C 274 3.66 -9.39 9.10
CA ALA C 274 2.60 -8.57 8.51
C ALA C 274 2.30 -7.39 9.45
N GLU C 275 2.17 -6.21 8.87
CA GLU C 275 1.91 -5.01 9.66
C GLU C 275 0.54 -4.42 9.39
N GLU C 276 -0.07 -3.86 10.41
CA GLU C 276 -1.38 -3.26 10.34
C GLU C 276 -1.49 -2.06 11.31
N LYS C 277 -1.95 -0.88 10.82
CA LYS C 277 -2.15 0.30 11.64
C LYS C 277 -0.93 0.74 12.48
N GLY C 278 0.26 0.59 11.92
CA GLY C 278 1.50 0.93 12.61
C GLY C 278 2.05 -0.15 13.52
N GLY C 279 1.24 -1.16 13.83
CA GLY C 279 1.67 -2.25 14.69
C GLY C 279 1.80 -3.58 13.98
N ILE C 280 2.41 -4.56 14.66
CA ILE C 280 2.60 -5.90 14.16
C ILE C 280 1.27 -6.62 14.25
N LYS C 281 0.73 -7.04 13.11
CA LYS C 281 -0.55 -7.75 13.09
C LYS C 281 -0.48 -9.06 13.87
N THR C 282 -1.40 -9.23 14.81
CA THR C 282 -1.51 -10.47 15.58
C THR C 282 -2.98 -11.00 15.47
N ASP C 283 -3.20 -12.24 15.96
CA ASP C 283 -4.51 -12.89 16.03
C ASP C 283 -5.10 -12.73 17.49
N ALA C 284 -6.16 -13.47 17.84
CA ALA C 284 -6.75 -13.41 19.19
C ALA C 284 -5.83 -13.94 20.30
N PHE C 285 -4.62 -14.39 19.93
CA PHE C 285 -3.68 -14.96 20.88
C PHE C 285 -2.33 -14.21 20.92
N PHE C 286 -2.23 -13.08 20.15
CA PHE C 286 -1.04 -12.26 20.01
C PHE C 286 0.06 -12.93 19.19
N GLU C 287 -0.28 -13.96 18.39
CA GLU C 287 0.70 -14.58 17.53
C GLU C 287 0.67 -13.86 16.22
N THR C 288 1.83 -13.54 15.70
CA THR C 288 2.02 -12.85 14.43
C THR C 288 1.89 -13.89 13.24
N SER C 289 2.06 -13.40 11.99
CA SER C 289 2.05 -14.19 10.77
C SER C 289 3.21 -15.19 10.67
N VAL C 290 4.15 -15.19 11.64
CA VAL C 290 5.26 -16.10 11.68
C VAL C 290 4.95 -17.03 12.83
N PRO C 291 4.78 -18.33 12.54
CA PRO C 291 4.49 -19.28 13.63
C PRO C 291 5.55 -19.24 14.72
N GLY C 292 5.11 -19.13 15.97
CA GLY C 292 6.02 -19.10 17.12
C GLY C 292 6.55 -17.72 17.48
N VAL C 293 6.04 -16.68 16.83
CA VAL C 293 6.46 -15.32 17.12
C VAL C 293 5.22 -14.57 17.58
N TYR C 294 5.28 -14.06 18.80
CA TYR C 294 4.20 -13.31 19.43
C TYR C 294 4.60 -11.82 19.57
N ALA C 295 3.63 -10.95 19.76
CA ALA C 295 3.86 -9.52 19.90
C ALA C 295 2.80 -8.97 20.84
N ILE C 296 3.19 -8.38 21.99
CA ILE C 296 2.24 -7.89 23.01
C ILE C 296 2.44 -6.39 23.33
N GLY C 297 1.54 -5.80 24.10
CA GLY C 297 1.63 -4.41 24.48
C GLY C 297 1.48 -3.44 23.33
N ASP C 298 2.19 -2.30 23.42
CA ASP C 298 2.09 -1.22 22.44
C ASP C 298 2.31 -1.65 20.98
N VAL C 299 3.16 -2.66 20.72
CA VAL C 299 3.47 -3.03 19.33
C VAL C 299 2.39 -3.83 18.62
N ALA C 300 1.41 -4.38 19.33
CA ALA C 300 0.46 -5.29 18.72
C ALA C 300 -0.82 -4.68 18.20
N THR C 301 -1.12 -4.87 16.89
CA THR C 301 -2.40 -4.50 16.29
C THR C 301 -3.15 -5.83 16.27
N PHE C 302 -4.10 -5.98 17.20
CA PHE C 302 -4.84 -7.21 17.47
C PHE C 302 -6.38 -7.05 17.29
N PRO C 303 -7.13 -8.17 17.19
CA PRO C 303 -8.59 -8.05 17.06
C PRO C 303 -9.25 -7.77 18.41
N LEU C 304 -9.86 -6.58 18.53
CA LEU C 304 -10.59 -6.15 19.71
C LEU C 304 -11.98 -6.70 19.45
N LYS C 305 -12.28 -7.85 20.08
CA LYS C 305 -13.48 -8.66 19.89
C LYS C 305 -14.81 -7.91 20.00
N MET C 306 -14.92 -7.06 21.02
CA MET C 306 -16.12 -6.29 21.37
C MET C 306 -16.53 -5.29 20.31
N TYR C 307 -15.57 -4.76 19.54
CA TYR C 307 -15.90 -3.71 18.56
C TYR C 307 -15.68 -4.13 17.11
N ASN C 308 -15.44 -5.44 16.85
CA ASN C 308 -15.30 -6.01 15.50
C ASN C 308 -14.22 -5.33 14.65
N GLU C 309 -13.20 -4.81 15.30
CA GLU C 309 -12.12 -4.13 14.62
C GLU C 309 -10.78 -4.58 15.12
N LEU C 310 -9.78 -4.36 14.29
CA LEU C 310 -8.41 -4.56 14.69
C LEU C 310 -8.02 -3.19 15.32
N ARG C 311 -7.45 -3.24 16.53
CA ARG C 311 -7.01 -2.05 17.28
C ARG C 311 -5.58 -2.21 17.77
N ARG C 312 -4.93 -1.10 18.05
CA ARG C 312 -3.60 -1.09 18.64
C ARG C 312 -3.76 -0.24 19.89
N VAL C 313 -3.47 -0.80 21.07
CA VAL C 313 -3.63 -0.05 22.31
C VAL C 313 -2.26 0.33 22.96
N GLU C 314 -2.03 1.62 23.25
CA GLU C 314 -0.79 2.06 23.86
C GLU C 314 -0.98 2.52 25.30
N HIS C 315 -1.59 1.65 26.10
CA HIS C 315 -1.84 1.90 27.51
C HIS C 315 -1.42 0.70 28.38
N VAL C 316 -1.20 0.96 29.66
CA VAL C 316 -0.61 0.02 30.60
C VAL C 316 -1.47 -1.22 30.88
N ASP C 317 -2.79 -1.10 31.05
CA ASP C 317 -3.63 -2.25 31.35
C ASP C 317 -3.57 -3.34 30.26
N HIS C 318 -3.61 -2.93 28.99
CA HIS C 318 -3.53 -3.86 27.89
C HIS C 318 -2.15 -4.52 27.86
N SER C 319 -1.08 -3.80 28.21
CA SER C 319 0.26 -4.39 28.23
C SER C 319 0.33 -5.54 29.25
N ARG C 320 -0.39 -5.42 30.38
CA ARG C 320 -0.42 -6.48 31.38
C ARG C 320 -1.33 -7.64 30.93
N LYS C 321 -2.52 -7.35 30.40
CA LYS C 321 -3.48 -8.38 30.02
C LYS C 321 -3.05 -9.16 28.78
N SER C 322 -2.55 -8.46 27.74
CA SER C 322 -2.05 -9.08 26.51
C SER C 322 -0.85 -9.96 26.83
N ALA C 323 0.03 -9.53 27.75
CA ALA C 323 1.19 -10.31 28.16
C ALA C 323 0.75 -11.67 28.73
N GLU C 324 -0.31 -11.68 29.56
CA GLU C 324 -0.86 -12.91 30.15
C GLU C 324 -1.52 -13.77 29.08
N GLN C 325 -2.25 -13.15 28.15
CA GLN C 325 -2.89 -13.87 27.06
C GLN C 325 -1.90 -14.62 26.14
N ALA C 326 -0.79 -13.97 25.74
CA ALA C 326 0.19 -14.61 24.86
C ALA C 326 0.88 -15.76 25.56
N VAL C 327 1.16 -15.63 26.85
CA VAL C 327 1.77 -16.71 27.62
C VAL C 327 0.81 -17.90 27.77
N LYS C 328 -0.49 -17.63 28.04
CA LYS C 328 -1.52 -18.70 28.11
C LYS C 328 -1.67 -19.36 26.74
N ALA C 329 -1.64 -18.56 25.68
CA ALA C 329 -1.77 -19.06 24.31
C ALA C 329 -0.57 -19.90 23.88
N ILE C 330 0.66 -19.51 24.30
CA ILE C 330 1.90 -20.25 24.00
C ILE C 330 1.83 -21.64 24.65
N LYS C 331 1.63 -21.68 25.99
CA LYS C 331 1.55 -22.90 26.80
C LYS C 331 0.38 -23.80 26.39
N GLY C 332 -0.70 -23.19 25.88
CA GLY C 332 -1.89 -23.88 25.43
C GLY C 332 -1.64 -24.73 24.20
N LYS C 333 -0.90 -24.17 23.22
CA LYS C 333 -0.53 -24.81 21.95
C LYS C 333 0.27 -26.10 22.22
N GLU C 334 1.16 -26.05 23.22
CA GLU C 334 2.01 -27.18 23.62
C GLU C 334 1.16 -28.38 24.10
N SER C 335 0.24 -28.10 25.00
CA SER C 335 -0.65 -29.10 25.60
C SER C 335 -1.86 -29.45 24.74
N GLY C 336 -2.15 -28.65 23.72
CA GLY C 336 -3.33 -28.85 22.88
C GLY C 336 -4.62 -28.34 23.50
N GLU C 337 -4.56 -27.70 24.69
CA GLU C 337 -5.74 -27.16 25.38
C GLU C 337 -6.20 -25.84 24.73
N SER C 338 -7.52 -25.59 24.70
CA SER C 338 -8.02 -24.36 24.09
C SER C 338 -7.83 -23.16 25.02
N VAL C 339 -7.41 -22.04 24.43
CA VAL C 339 -7.28 -20.80 25.19
C VAL C 339 -8.38 -19.88 24.70
N PRO C 340 -9.20 -19.29 25.60
CA PRO C 340 -10.26 -18.38 25.12
C PRO C 340 -9.66 -17.18 24.35
N GLU C 341 -10.35 -16.71 23.30
CA GLU C 341 -9.88 -15.56 22.53
C GLU C 341 -9.74 -14.32 23.43
N TYR C 342 -8.82 -13.40 23.08
CA TYR C 342 -8.60 -12.20 23.91
C TYR C 342 -9.85 -11.36 23.88
N ASP C 343 -10.44 -11.13 25.04
CA ASP C 343 -11.66 -10.34 25.12
C ASP C 343 -11.39 -9.16 26.03
N TYR C 344 -10.78 -8.15 25.44
CA TYR C 344 -10.34 -6.95 26.15
C TYR C 344 -11.38 -5.83 26.22
N LEU C 345 -11.51 -5.18 27.38
CA LEU C 345 -12.35 -4.00 27.52
C LEU C 345 -11.39 -2.85 27.73
N PRO C 346 -11.21 -2.00 26.72
CA PRO C 346 -10.27 -0.86 26.86
C PRO C 346 -10.37 -0.06 28.16
N TYR C 347 -9.30 0.02 28.94
CA TYR C 347 -9.29 0.81 30.18
C TYR C 347 -8.14 1.82 30.13
N PHE C 348 -8.46 3.13 30.20
CA PHE C 348 -7.47 4.20 30.20
C PHE C 348 -7.64 5.03 31.47
N TYR C 349 -6.57 5.65 31.94
CA TYR C 349 -6.65 6.49 33.13
C TYR C 349 -5.56 7.56 33.15
N SER C 350 -5.76 8.60 33.97
CA SER C 350 -4.74 9.61 34.19
C SER C 350 -4.90 10.23 35.57
N ARG C 351 -3.79 10.44 36.25
CA ARG C 351 -3.80 11.08 37.55
C ARG C 351 -2.91 12.28 37.47
N SER C 352 -3.45 13.43 37.84
CA SER C 352 -2.71 14.68 37.82
C SER C 352 -3.25 15.58 38.93
N PHE C 353 -2.34 16.19 39.73
CA PHE C 353 -2.63 17.00 40.90
C PHE C 353 -3.38 16.08 41.88
N ASP C 354 -4.50 16.52 42.48
CA ASP C 354 -5.31 15.67 43.32
C ASP C 354 -6.37 14.89 42.49
N LEU C 355 -6.44 15.11 41.15
CA LEU C 355 -7.43 14.48 40.27
C LEU C 355 -7.07 13.04 39.87
N GLY C 356 -8.04 12.35 39.31
CA GLY C 356 -7.91 10.98 38.84
C GLY C 356 -9.16 10.56 38.08
N TRP C 357 -8.99 10.16 36.82
CA TRP C 357 -10.12 9.70 36.01
C TRP C 357 -9.85 8.33 35.39
N GLN C 358 -10.90 7.59 35.02
CA GLN C 358 -10.82 6.33 34.31
C GLN C 358 -11.83 6.34 33.17
N PHE C 359 -11.48 5.73 32.07
CA PHE C 359 -12.32 5.59 30.90
C PHE C 359 -12.40 4.09 30.60
N TYR C 360 -13.58 3.63 30.17
CA TYR C 360 -13.76 2.25 29.79
C TYR C 360 -14.51 2.16 28.47
N GLY C 361 -14.05 1.30 27.57
CA GLY C 361 -14.75 1.07 26.33
C GLY C 361 -14.31 1.76 25.07
N ASP C 362 -15.27 2.36 24.37
CA ASP C 362 -14.98 3.02 23.10
C ASP C 362 -15.58 4.40 23.05
N ASN C 363 -14.76 5.40 22.67
CA ASN C 363 -15.21 6.80 22.57
C ASN C 363 -15.87 7.07 21.22
N VAL C 364 -16.90 6.27 20.92
CA VAL C 364 -17.68 6.36 19.70
C VAL C 364 -19.08 6.90 20.03
N GLY C 365 -19.72 7.53 19.04
CA GLY C 365 -21.06 8.06 19.21
C GLY C 365 -21.16 9.46 19.78
N GLU C 366 -22.31 9.73 20.36
CA GLU C 366 -22.60 11.03 20.94
C GLU C 366 -22.42 10.97 22.46
N THR C 367 -22.07 12.11 23.06
CA THR C 367 -21.77 12.16 24.48
C THR C 367 -22.75 12.94 25.31
N ILE C 368 -22.93 12.49 26.53
CA ILE C 368 -23.73 13.18 27.51
C ILE C 368 -22.83 13.31 28.72
N LEU C 369 -22.81 14.48 29.35
CA LEU C 369 -22.03 14.71 30.55
C LEU C 369 -22.92 14.66 31.79
N PHE C 370 -22.41 14.13 32.90
CA PHE C 370 -23.17 14.05 34.15
C PHE C 370 -22.32 14.48 35.35
N GLY C 371 -22.96 14.82 36.46
CA GLY C 371 -22.26 15.17 37.69
C GLY C 371 -21.80 16.61 37.88
N ASP C 372 -20.85 16.79 38.78
CA ASP C 372 -20.31 18.10 39.11
C ASP C 372 -19.02 18.39 38.35
N SER C 373 -19.08 19.13 37.24
CA SER C 373 -17.89 19.49 36.50
C SER C 373 -17.36 20.87 36.92
N ASP C 374 -17.50 21.21 38.22
CA ASP C 374 -17.03 22.49 38.75
C ASP C 374 -15.56 22.34 39.14
N PRO C 375 -14.64 23.05 38.46
CA PRO C 375 -13.21 22.93 38.80
C PRO C 375 -12.83 23.40 40.19
N THR C 376 -13.72 24.17 40.84
CA THR C 376 -13.46 24.68 42.19
C THR C 376 -14.11 23.91 43.31
N SER C 377 -14.75 22.75 43.01
CA SER C 377 -15.36 21.97 44.10
C SER C 377 -14.30 21.16 44.84
N SER C 378 -14.54 20.91 46.13
CA SER C 378 -13.64 20.25 47.05
C SER C 378 -13.15 18.91 46.52
N LYS C 379 -14.08 18.07 46.10
CA LYS C 379 -13.75 16.81 45.50
C LYS C 379 -14.64 16.71 44.29
N PRO C 380 -14.17 17.20 43.12
CA PRO C 380 -15.02 17.14 41.93
C PRO C 380 -15.31 15.73 41.43
N LYS C 381 -16.56 15.46 41.06
CA LYS C 381 -16.98 14.16 40.55
C LYS C 381 -17.94 14.34 39.41
N PHE C 382 -17.51 13.97 38.21
CA PHE C 382 -18.34 14.09 37.02
C PHE C 382 -17.85 13.07 36.01
N GLY C 383 -18.73 12.70 35.12
CA GLY C 383 -18.40 11.75 34.07
C GLY C 383 -19.02 12.09 32.76
N SER C 384 -19.05 11.11 31.89
CA SER C 384 -19.60 11.26 30.57
C SER C 384 -19.90 9.87 29.96
N TYR C 385 -20.91 9.80 29.09
CA TYR C 385 -21.25 8.55 28.43
C TYR C 385 -21.15 8.73 26.92
N TRP C 386 -20.73 7.71 26.24
CA TRP C 386 -20.68 7.68 24.79
C TRP C 386 -21.78 6.74 24.39
N ILE C 387 -22.66 7.19 23.49
CA ILE C 387 -23.86 6.45 23.09
C ILE C 387 -23.92 6.33 21.58
N LYS C 388 -23.93 5.10 21.08
CA LYS C 388 -24.06 4.83 19.64
C LYS C 388 -25.06 3.71 19.50
N ASP C 389 -25.84 3.73 18.41
CA ASP C 389 -26.86 2.70 18.16
C ASP C 389 -27.81 2.44 19.35
N GLY C 390 -28.18 3.48 20.08
CA GLY C 390 -29.09 3.40 21.22
C GLY C 390 -28.54 2.81 22.50
N LYS C 391 -27.23 2.52 22.56
CA LYS C 391 -26.60 1.94 23.76
C LYS C 391 -25.30 2.63 24.14
N VAL C 392 -24.84 2.43 25.39
CA VAL C 392 -23.59 2.99 25.91
C VAL C 392 -22.37 2.21 25.42
N PHE C 393 -21.40 2.87 24.77
CA PHE C 393 -20.17 2.20 24.32
C PHE C 393 -18.95 2.56 25.17
N GLY C 394 -18.90 3.81 25.61
CA GLY C 394 -17.81 4.31 26.44
C GLY C 394 -18.34 5.03 27.66
N ALA C 395 -17.56 5.06 28.72
CA ALA C 395 -17.90 5.69 30.00
C ALA C 395 -16.64 6.32 30.62
N PHE C 396 -16.73 7.58 31.00
CA PHE C 396 -15.60 8.29 31.62
C PHE C 396 -16.03 8.74 32.99
N LEU C 397 -15.11 8.75 33.96
CA LEU C 397 -15.43 9.25 35.28
C LEU C 397 -14.21 9.84 36.03
N GLU C 398 -14.33 11.12 36.39
CA GLU C 398 -13.35 11.83 37.19
C GLU C 398 -13.83 11.84 38.65
N GLY C 399 -12.95 11.47 39.57
CA GLY C 399 -13.25 11.55 41.00
C GLY C 399 -14.07 10.43 41.57
N GLY C 400 -14.25 9.36 40.80
CA GLY C 400 -15.02 8.22 41.25
C GLY C 400 -14.24 7.41 42.27
N SER C 401 -14.97 6.77 43.17
CA SER C 401 -14.44 5.87 44.19
C SER C 401 -14.28 4.45 43.52
N PRO C 402 -13.70 3.43 44.20
CA PRO C 402 -13.53 2.12 43.51
C PRO C 402 -14.80 1.47 43.01
N ASP C 403 -15.88 1.51 43.83
CA ASP C 403 -17.17 0.92 43.46
C ASP C 403 -17.77 1.64 42.29
N GLU C 404 -17.67 2.99 42.28
CA GLU C 404 -18.17 3.81 41.18
C GLU C 404 -17.42 3.49 39.89
N ASN C 405 -16.09 3.40 39.98
CA ASN C 405 -15.22 3.07 38.83
C ASN C 405 -15.55 1.69 38.26
N ASN C 406 -15.81 0.72 39.15
CA ASN C 406 -16.19 -0.62 38.74
C ASN C 406 -17.55 -0.59 38.05
N ALA C 407 -18.48 0.22 38.57
CA ALA C 407 -19.82 0.35 38.01
C ALA C 407 -19.80 0.96 36.60
N ILE C 408 -18.91 1.95 36.32
CA ILE C 408 -18.84 2.50 34.95
C ILE C 408 -18.18 1.48 33.98
N ALA C 409 -17.23 0.66 34.50
CA ALA C 409 -16.60 -0.43 33.76
C ALA C 409 -17.65 -1.49 33.36
N LYS C 410 -18.58 -1.80 34.28
CA LYS C 410 -19.67 -2.75 34.04
C LYS C 410 -20.53 -2.26 32.88
N VAL C 411 -20.92 -0.97 32.92
CA VAL C 411 -21.72 -0.31 31.90
C VAL C 411 -21.01 -0.41 30.53
N ALA C 412 -19.71 -0.17 30.52
CA ALA C 412 -18.93 -0.20 29.29
C ALA C 412 -18.84 -1.58 28.65
N LYS C 413 -18.69 -2.62 29.48
CA LYS C 413 -18.56 -4.01 29.02
C LYS C 413 -19.88 -4.53 28.47
N THR C 414 -20.97 -4.32 29.25
CA THR C 414 -22.31 -4.80 28.95
C THR C 414 -23.03 -3.99 27.87
N GLN C 415 -22.59 -2.75 27.61
CA GLN C 415 -23.19 -1.88 26.58
C GLN C 415 -24.72 -1.79 26.70
N PRO C 416 -25.26 -1.43 27.90
CA PRO C 416 -26.71 -1.41 28.07
C PRO C 416 -27.42 -0.43 27.16
N PRO C 417 -28.70 -0.72 26.84
CA PRO C 417 -29.46 0.25 26.05
C PRO C 417 -29.79 1.48 26.88
N VAL C 418 -29.97 2.60 26.20
CA VAL C 418 -30.33 3.84 26.87
C VAL C 418 -31.82 4.06 26.67
N ALA C 419 -32.61 4.07 27.75
CA ALA C 419 -34.06 4.29 27.63
C ALA C 419 -34.34 5.80 27.50
N SER C 420 -33.67 6.62 28.33
CA SER C 420 -33.85 8.07 28.31
C SER C 420 -32.50 8.79 28.43
N ILE C 421 -32.24 9.77 27.54
CA ILE C 421 -31.04 10.60 27.60
C ILE C 421 -31.08 11.45 28.86
N GLU C 422 -32.26 12.00 29.19
CA GLU C 422 -32.44 12.82 30.38
C GLU C 422 -32.21 12.04 31.68
N GLU C 423 -32.56 10.74 31.70
CA GLU C 423 -32.29 9.84 32.82
C GLU C 423 -30.76 9.73 32.98
N LEU C 424 -30.06 9.55 31.85
CA LEU C 424 -28.62 9.40 31.80
C LEU C 424 -27.92 10.66 32.28
N LYS C 425 -28.41 11.83 31.86
CA LYS C 425 -27.82 13.11 32.27
C LYS C 425 -28.09 13.45 33.74
N LYS C 426 -29.33 13.25 34.21
CA LYS C 426 -29.72 13.57 35.57
C LYS C 426 -29.18 12.61 36.63
N GLU C 427 -29.28 11.30 36.38
CA GLU C 427 -28.83 10.28 37.32
C GLU C 427 -27.73 9.39 36.71
N GLY C 428 -26.75 10.04 36.07
CA GLY C 428 -25.64 9.36 35.41
C GLY C 428 -24.95 8.26 36.18
N LEU C 429 -24.53 8.55 37.41
CA LEU C 429 -23.83 7.55 38.22
C LEU C 429 -24.79 6.55 38.91
N GLN C 430 -26.02 6.98 39.14
CA GLN C 430 -27.07 6.13 39.69
C GLN C 430 -27.40 5.01 38.68
N PHE C 431 -27.35 5.34 37.38
CA PHE C 431 -27.56 4.43 36.27
C PHE C 431 -26.47 3.35 36.23
N ALA C 432 -25.22 3.73 36.53
CA ALA C 432 -24.11 2.78 36.51
C ALA C 432 -24.22 1.78 37.67
N SER C 433 -24.51 2.28 38.89
CA SER C 433 -24.66 1.47 40.10
C SER C 433 -25.86 0.52 39.97
N LYS C 434 -26.97 0.99 39.38
CA LYS C 434 -28.14 0.15 39.17
C LYS C 434 -27.98 -0.54 37.80
N ILE C 435 -26.92 -1.36 37.65
CA ILE C 435 -26.61 -2.09 36.42
C ILE C 435 -25.77 -3.37 36.70
N GLU D 4 -49.35 -49.88 12.84
CA GLU D 4 -48.81 -50.32 14.11
C GLU D 4 -48.63 -49.12 15.10
N LYS D 5 -47.38 -48.68 15.40
CA LYS D 5 -47.14 -47.57 16.33
C LYS D 5 -47.69 -46.26 15.78
N HIS D 6 -48.74 -45.72 16.42
CA HIS D 6 -49.40 -44.49 16.00
C HIS D 6 -48.99 -43.27 16.85
N PHE D 7 -48.88 -42.09 16.22
CA PHE D 7 -48.57 -40.82 16.88
C PHE D 7 -49.39 -39.70 16.24
N LYS D 8 -49.95 -38.77 17.03
CA LYS D 8 -50.73 -37.65 16.49
C LYS D 8 -49.92 -36.81 15.46
N TYR D 9 -48.68 -36.49 15.81
CA TYR D 9 -47.80 -35.71 14.95
C TYR D 9 -46.57 -36.51 14.61
N VAL D 10 -46.24 -36.63 13.33
CA VAL D 10 -45.03 -37.33 12.91
C VAL D 10 -44.14 -36.41 12.06
N ILE D 11 -42.86 -36.31 12.42
CA ILE D 11 -41.92 -35.49 11.67
C ILE D 11 -40.95 -36.43 10.99
N LEU D 12 -41.06 -36.53 9.65
CA LEU D 12 -40.21 -37.38 8.85
C LEU D 12 -38.86 -36.69 8.64
N GLY D 13 -37.84 -37.17 9.33
CA GLY D 13 -36.49 -36.64 9.26
C GLY D 13 -36.08 -36.02 10.58
N GLY D 14 -34.79 -36.04 10.90
CA GLY D 14 -34.31 -35.50 12.17
C GLY D 14 -33.16 -34.51 12.04
N GLY D 15 -33.35 -33.52 11.18
CA GLY D 15 -32.34 -32.52 10.93
C GLY D 15 -32.68 -31.20 11.57
N VAL D 16 -32.30 -30.10 10.90
CA VAL D 16 -32.50 -28.75 11.41
C VAL D 16 -33.97 -28.34 11.47
N ALA D 17 -34.75 -28.65 10.41
CA ALA D 17 -36.17 -28.31 10.43
C ALA D 17 -36.93 -29.11 11.48
N ALA D 18 -36.55 -30.37 11.72
CA ALA D 18 -37.20 -31.20 12.74
C ALA D 18 -36.91 -30.74 14.19
N GLY D 19 -35.64 -30.49 14.52
CA GLY D 19 -35.23 -30.05 15.86
C GLY D 19 -35.80 -28.72 16.30
N TYR D 20 -36.17 -27.86 15.32
CA TYR D 20 -36.79 -26.56 15.55
C TYR D 20 -38.31 -26.66 15.50
N ALA D 21 -38.85 -27.66 14.76
CA ALA D 21 -40.30 -27.91 14.74
C ALA D 21 -40.66 -28.50 16.10
N ALA D 22 -39.83 -29.39 16.66
CA ALA D 22 -40.01 -29.96 17.99
C ALA D 22 -39.97 -28.85 19.07
N ARG D 23 -38.97 -27.96 19.06
CA ARG D 23 -38.90 -26.86 20.03
C ARG D 23 -40.15 -25.96 19.95
N GLU D 24 -40.74 -25.83 18.75
CA GLU D 24 -41.98 -25.04 18.56
C GLU D 24 -43.22 -25.82 19.03
N PHE D 25 -43.14 -27.16 19.00
CA PHE D 25 -44.21 -28.00 19.51
C PHE D 25 -44.27 -27.82 21.05
N ALA D 26 -43.10 -27.77 21.71
CA ALA D 26 -43.03 -27.54 23.15
C ALA D 26 -43.60 -26.13 23.52
N LYS D 27 -43.23 -25.09 22.73
CA LYS D 27 -43.66 -23.70 22.91
C LYS D 27 -45.14 -23.48 22.58
N GLN D 28 -45.72 -24.31 21.71
CA GLN D 28 -47.14 -24.19 21.35
C GLN D 28 -48.07 -25.16 22.10
N GLY D 29 -47.50 -26.11 22.84
CA GLY D 29 -48.25 -27.08 23.61
C GLY D 29 -48.23 -28.48 23.07
N VAL D 30 -47.23 -29.27 23.49
CA VAL D 30 -47.09 -30.66 23.04
C VAL D 30 -47.25 -31.66 24.19
N LYS D 31 -48.42 -32.31 24.25
CA LYS D 31 -48.72 -33.32 25.27
C LYS D 31 -47.88 -34.58 25.02
N PRO D 32 -47.40 -35.28 26.08
CA PRO D 32 -46.56 -36.47 25.87
C PRO D 32 -47.22 -37.62 25.09
N GLY D 33 -46.39 -38.35 24.35
CA GLY D 33 -46.81 -39.47 23.51
C GLY D 33 -47.50 -39.08 22.22
N GLU D 34 -47.70 -37.77 22.00
CA GLU D 34 -48.37 -37.25 20.82
C GLU D 34 -47.45 -37.03 19.62
N LEU D 35 -46.18 -36.67 19.86
CA LEU D 35 -45.23 -36.38 18.79
C LEU D 35 -44.12 -37.42 18.64
N ALA D 36 -43.82 -37.79 17.38
CA ALA D 36 -42.71 -38.65 17.01
C ALA D 36 -41.85 -37.97 15.94
N ILE D 37 -40.55 -38.28 15.93
CA ILE D 37 -39.60 -37.76 14.96
C ILE D 37 -38.78 -38.97 14.45
N ILE D 38 -39.18 -39.54 13.31
CA ILE D 38 -38.47 -40.68 12.70
C ILE D 38 -37.25 -40.14 11.91
N SER D 39 -36.06 -40.79 11.97
CA SER D 39 -34.86 -40.25 11.32
C SER D 39 -33.88 -41.33 10.86
N LYS D 40 -33.23 -41.15 9.70
CA LYS D 40 -32.22 -42.10 9.24
C LYS D 40 -30.99 -42.09 10.12
N GLU D 41 -30.64 -40.91 10.64
CA GLU D 41 -29.43 -40.70 11.43
C GLU D 41 -29.50 -41.31 12.80
N ALA D 42 -28.31 -41.58 13.38
CA ALA D 42 -28.19 -42.16 14.72
C ALA D 42 -28.07 -41.11 15.83
N VAL D 43 -28.19 -39.81 15.49
CA VAL D 43 -28.06 -38.72 16.45
C VAL D 43 -29.31 -37.85 16.46
N ALA D 44 -29.54 -37.12 17.55
CA ALA D 44 -30.66 -36.18 17.65
C ALA D 44 -30.39 -34.94 16.75
N PRO D 45 -31.43 -34.18 16.35
CA PRO D 45 -31.21 -33.03 15.45
C PRO D 45 -30.15 -32.03 15.88
N TYR D 46 -29.22 -31.75 14.96
CA TYR D 46 -28.10 -30.87 15.21
C TYR D 46 -28.00 -29.74 14.17
N GLU D 47 -27.14 -28.75 14.43
CA GLU D 47 -26.93 -27.64 13.52
C GLU D 47 -25.94 -28.04 12.47
N ARG D 48 -26.50 -28.52 11.35
CA ARG D 48 -25.82 -28.95 10.15
C ARG D 48 -24.72 -27.98 9.66
N PRO D 49 -24.95 -26.64 9.65
CA PRO D 49 -23.87 -25.72 9.22
C PRO D 49 -22.46 -25.95 9.82
N ALA D 50 -22.39 -26.32 11.11
CA ALA D 50 -21.10 -26.59 11.77
C ALA D 50 -20.27 -27.70 11.11
N LEU D 51 -20.92 -28.71 10.47
CA LEU D 51 -20.26 -29.85 9.82
C LEU D 51 -19.23 -29.48 8.78
N SER D 52 -19.36 -28.30 8.19
CA SER D 52 -18.44 -27.85 7.14
C SER D 52 -17.44 -26.80 7.63
N LYS D 53 -17.64 -26.26 8.85
CA LYS D 53 -16.75 -25.25 9.41
C LYS D 53 -16.13 -25.76 10.73
N GLY D 54 -16.87 -25.69 11.83
CA GLY D 54 -16.44 -26.08 13.17
C GLY D 54 -16.03 -27.53 13.32
N TYR D 55 -16.74 -28.44 12.64
CA TYR D 55 -16.40 -29.86 12.70
C TYR D 55 -15.03 -30.18 12.02
N LEU D 56 -14.60 -29.30 11.12
CA LEU D 56 -13.38 -29.50 10.36
C LEU D 56 -12.18 -28.71 10.89
N PHE D 57 -12.26 -28.19 12.14
CA PHE D 57 -11.13 -27.46 12.71
C PHE D 57 -9.94 -28.40 12.90
N PRO D 58 -8.71 -27.93 12.60
CA PRO D 58 -7.54 -28.81 12.71
C PRO D 58 -7.14 -29.20 14.13
N GLN D 59 -7.65 -28.48 15.14
CA GLN D 59 -7.34 -28.81 16.52
C GLN D 59 -8.59 -28.79 17.43
N ASN D 60 -9.11 -27.59 17.81
CA ASN D 60 -10.25 -27.49 18.73
C ASN D 60 -11.63 -27.54 18.04
N ALA D 61 -11.82 -28.59 17.21
CA ALA D 61 -13.05 -28.83 16.46
C ALA D 61 -14.28 -29.13 17.33
N ALA D 62 -15.42 -28.53 16.97
CA ALA D 62 -16.67 -28.74 17.72
C ALA D 62 -17.26 -30.09 17.40
N ARG D 63 -17.73 -30.79 18.43
CA ARG D 63 -18.35 -32.10 18.29
C ARG D 63 -19.71 -32.13 19.04
N LEU D 64 -20.50 -33.18 18.84
CA LEU D 64 -21.78 -33.33 19.53
C LEU D 64 -21.57 -33.67 21.01
N PRO D 65 -22.53 -33.35 21.91
CA PRO D 65 -23.80 -32.66 21.65
C PRO D 65 -23.65 -31.15 21.82
N GLY D 66 -22.48 -30.63 21.44
CA GLY D 66 -22.21 -29.20 21.55
C GLY D 66 -23.02 -28.42 20.55
N PHE D 67 -23.07 -28.90 19.31
CA PHE D 67 -23.82 -28.23 18.26
C PHE D 67 -25.19 -28.88 17.97
N HIS D 68 -25.82 -29.51 18.95
CA HIS D 68 -27.18 -30.03 18.79
C HIS D 68 -28.10 -28.80 18.82
N VAL D 69 -29.21 -28.77 18.05
CA VAL D 69 -30.13 -27.62 18.03
C VAL D 69 -30.60 -27.25 19.47
N CYS D 70 -30.94 -25.98 19.82
CA CYS D 70 -31.06 -24.76 19.04
C CYS D 70 -29.88 -23.80 19.32
N VAL D 71 -28.62 -24.28 19.29
CA VAL D 71 -27.48 -23.41 19.60
C VAL D 71 -27.24 -22.34 18.53
N GLY D 72 -27.57 -22.64 17.27
CA GLY D 72 -27.38 -21.72 16.16
C GLY D 72 -28.27 -20.50 16.19
N GLU D 76 -29.50 -22.72 22.89
CA GLU D 76 -30.58 -23.46 23.55
C GLU D 76 -30.50 -24.97 23.26
N ARG D 77 -29.40 -25.62 23.66
CA ARG D 77 -29.14 -27.04 23.43
C ARG D 77 -30.30 -28.00 23.83
N GLN D 78 -30.56 -28.98 22.96
CA GLN D 78 -31.61 -30.01 23.11
C GLN D 78 -31.00 -31.40 22.93
N LEU D 79 -30.40 -31.95 23.99
CA LEU D 79 -29.80 -33.29 24.00
C LEU D 79 -30.91 -34.37 23.87
N PRO D 80 -30.61 -35.65 23.51
CA PRO D 80 -31.71 -36.65 23.39
C PRO D 80 -32.68 -36.69 24.58
N GLU D 81 -32.15 -36.49 25.80
CA GLU D 81 -32.89 -36.45 27.05
C GLU D 81 -34.04 -35.44 26.98
N TRP D 82 -33.79 -34.26 26.35
CA TRP D 82 -34.75 -33.16 26.14
C TRP D 82 -36.04 -33.69 25.49
N TYR D 83 -35.91 -34.59 24.51
CA TYR D 83 -37.04 -35.17 23.81
C TYR D 83 -37.84 -36.15 24.68
N SER D 84 -37.17 -37.05 25.43
CA SER D 84 -37.81 -38.02 26.32
C SER D 84 -38.61 -37.34 27.43
N GLU D 85 -38.05 -36.28 28.04
CA GLU D 85 -38.72 -35.52 29.10
C GLU D 85 -40.06 -34.94 28.62
N LYS D 86 -40.08 -34.35 27.42
CA LYS D 86 -41.30 -33.72 26.90
C LYS D 86 -42.35 -34.72 26.33
N GLY D 87 -42.00 -36.00 26.25
CA GLY D 87 -42.87 -37.04 25.72
C GLY D 87 -42.79 -37.14 24.20
N ILE D 88 -41.59 -36.91 23.66
CA ILE D 88 -41.32 -36.91 22.22
C ILE D 88 -40.54 -38.19 21.88
N GLU D 89 -41.11 -39.06 21.03
CA GLU D 89 -40.41 -40.30 20.68
C GLU D 89 -39.48 -40.09 19.48
N LEU D 90 -38.22 -39.70 19.76
CA LEU D 90 -37.20 -39.51 18.74
C LEU D 90 -36.70 -40.86 18.26
N ILE D 91 -37.42 -41.47 17.30
CA ILE D 91 -37.11 -42.77 16.72
C ILE D 91 -35.88 -42.62 15.82
N LEU D 92 -34.66 -42.90 16.33
CA LEU D 92 -33.43 -42.79 15.53
C LEU D 92 -33.11 -44.04 14.69
N SER D 93 -32.06 -43.97 13.83
CA SER D 93 -31.58 -45.05 12.94
C SER D 93 -32.72 -45.80 12.22
N THR D 94 -33.70 -45.07 11.69
CA THR D 94 -34.89 -45.64 11.05
C THR D 94 -35.20 -44.93 9.72
N GLU D 95 -34.86 -45.55 8.59
CA GLU D 95 -35.16 -44.95 7.29
C GLU D 95 -36.52 -45.36 6.75
N ILE D 96 -37.41 -44.38 6.55
CA ILE D 96 -38.73 -44.64 5.99
C ILE D 96 -38.53 -44.85 4.50
N VAL D 97 -38.76 -46.08 4.05
CA VAL D 97 -38.58 -46.45 2.65
C VAL D 97 -39.89 -46.43 1.82
N LYS D 98 -41.04 -46.16 2.46
CA LYS D 98 -42.32 -46.10 1.73
C LYS D 98 -43.29 -45.19 2.47
N ALA D 99 -43.99 -44.33 1.75
CA ALA D 99 -44.97 -43.44 2.36
C ALA D 99 -46.30 -43.47 1.60
N ASP D 100 -47.38 -43.88 2.29
CA ASP D 100 -48.73 -43.95 1.71
C ASP D 100 -49.57 -42.84 2.29
N LEU D 101 -49.77 -41.79 1.51
CA LEU D 101 -50.46 -40.61 1.95
C LEU D 101 -51.96 -40.79 2.18
N SER D 102 -52.64 -41.62 1.35
CA SER D 102 -54.07 -41.83 1.56
C SER D 102 -54.35 -42.70 2.80
N THR D 103 -53.44 -43.66 3.10
CA THR D 103 -53.60 -44.50 4.28
C THR D 103 -52.81 -43.99 5.50
N LYS D 104 -52.22 -42.78 5.43
CA LYS D 104 -51.42 -42.18 6.49
C LYS D 104 -50.37 -43.12 7.12
N THR D 105 -49.74 -43.97 6.29
CA THR D 105 -48.79 -44.96 6.80
C THR D 105 -47.37 -44.84 6.23
N LEU D 106 -46.39 -44.82 7.14
CA LEU D 106 -44.99 -44.79 6.77
C LEU D 106 -44.35 -46.14 7.11
N THR D 107 -43.70 -46.79 6.12
CA THR D 107 -43.06 -48.08 6.29
C THR D 107 -41.54 -47.89 6.31
N SER D 108 -40.85 -48.64 7.16
CA SER D 108 -39.40 -48.55 7.27
C SER D 108 -38.70 -49.62 6.44
N ALA D 109 -37.36 -49.61 6.42
CA ALA D 109 -36.59 -50.65 5.76
C ALA D 109 -36.83 -52.00 6.47
N ALA D 110 -37.00 -51.96 7.82
CA ALA D 110 -37.28 -53.12 8.67
C ALA D 110 -38.72 -53.67 8.54
N GLY D 111 -39.60 -52.92 7.88
CA GLY D 111 -40.98 -53.33 7.69
C GLY D 111 -41.93 -52.86 8.78
N ALA D 112 -41.42 -52.08 9.75
CA ALA D 112 -42.21 -51.54 10.86
C ALA D 112 -43.05 -50.40 10.34
N THR D 113 -44.37 -50.41 10.61
CA THR D 113 -45.23 -49.33 10.12
C THR D 113 -45.57 -48.31 11.21
N PHE D 114 -45.85 -47.08 10.77
CA PHE D 114 -46.15 -45.96 11.66
C PHE D 114 -47.29 -45.14 11.07
N THR D 115 -48.29 -44.76 11.88
CA THR D 115 -49.43 -43.99 11.39
C THR D 115 -49.49 -42.61 12.06
N TYR D 116 -49.89 -41.60 11.30
CA TYR D 116 -49.96 -40.23 11.78
C TYR D 116 -51.36 -39.62 11.59
N GLU D 117 -51.57 -38.41 12.11
CA GLU D 117 -52.75 -37.59 11.91
C GLU D 117 -52.30 -36.36 11.09
N ILE D 118 -51.17 -35.77 11.50
CA ILE D 118 -50.48 -34.69 10.81
C ILE D 118 -49.07 -35.19 10.51
N LEU D 119 -48.61 -35.02 9.26
CA LEU D 119 -47.27 -35.41 8.85
C LEU D 119 -46.45 -34.16 8.49
N ILE D 120 -45.26 -34.02 9.08
CA ILE D 120 -44.37 -32.92 8.74
C ILE D 120 -43.17 -33.51 8.04
N ILE D 121 -43.13 -33.36 6.70
CA ILE D 121 -42.05 -33.81 5.83
C ILE D 121 -40.86 -32.88 6.04
N ALA D 122 -39.77 -33.43 6.54
CA ALA D 122 -38.56 -32.63 6.79
C ALA D 122 -37.35 -33.45 6.38
N THR D 123 -37.41 -34.01 5.16
CA THR D 123 -36.41 -34.90 4.59
C THR D 123 -35.15 -34.19 4.01
N GLY D 124 -35.16 -32.85 3.96
CA GLY D 124 -33.99 -32.09 3.53
C GLY D 124 -33.55 -32.33 2.09
N SER D 125 -32.25 -32.17 1.86
CA SER D 125 -31.70 -32.34 0.52
C SER D 125 -30.79 -33.54 0.44
N SER D 126 -30.74 -34.08 -0.76
CA SER D 126 -29.89 -35.17 -1.20
C SER D 126 -28.49 -34.58 -1.54
N VAL D 127 -27.59 -35.41 -2.04
CA VAL D 127 -26.28 -34.97 -2.48
C VAL D 127 -26.17 -35.34 -3.93
N ILE D 128 -25.96 -34.36 -4.83
CA ILE D 128 -25.72 -34.69 -6.23
C ILE D 128 -24.29 -35.25 -6.27
N LYS D 129 -24.14 -36.46 -6.84
CA LYS D 129 -22.85 -37.13 -6.95
C LYS D 129 -22.35 -37.16 -8.39
N LEU D 130 -21.02 -37.20 -8.59
CA LEU D 130 -20.44 -37.24 -9.93
C LEU D 130 -20.77 -38.54 -10.66
N THR D 131 -21.04 -39.65 -9.93
CA THR D 131 -21.50 -40.88 -10.54
C THR D 131 -22.86 -40.68 -11.25
N ASP D 132 -23.67 -39.68 -10.79
CA ASP D 132 -24.95 -39.32 -11.43
C ASP D 132 -24.74 -38.81 -12.87
N PHE D 133 -23.54 -38.29 -13.17
CA PHE D 133 -23.14 -37.81 -14.47
C PHE D 133 -22.41 -38.88 -15.30
N GLY D 134 -22.26 -40.09 -14.77
CA GLY D 134 -21.55 -41.18 -15.41
C GLY D 134 -20.04 -40.98 -15.44
N THR D 135 -19.52 -39.97 -14.71
CA THR D 135 -18.11 -39.58 -14.65
C THR D 135 -17.21 -40.77 -14.40
N GLN D 136 -16.27 -40.99 -15.33
CA GLN D 136 -15.34 -42.11 -15.30
C GLN D 136 -14.52 -42.11 -13.99
N GLY D 137 -14.48 -43.26 -13.33
CA GLY D 137 -13.73 -43.40 -12.08
C GLY D 137 -14.23 -42.56 -10.92
N ALA D 138 -15.43 -41.96 -11.04
CA ALA D 138 -16.01 -41.16 -9.95
C ALA D 138 -16.36 -41.99 -8.69
N ASP D 139 -16.21 -43.32 -8.75
CA ASP D 139 -16.46 -44.28 -7.67
C ASP D 139 -15.21 -44.56 -6.79
N SER D 140 -14.06 -43.97 -7.12
CA SER D 140 -12.83 -44.20 -6.40
C SER D 140 -12.89 -43.77 -4.93
N ASN D 141 -12.11 -44.42 -4.04
CA ASN D 141 -12.11 -44.06 -2.62
C ASN D 141 -11.45 -42.68 -2.43
N ASN D 142 -11.89 -41.98 -1.40
CA ASN D 142 -11.41 -40.64 -1.06
C ASN D 142 -11.94 -39.53 -1.99
N ILE D 143 -13.09 -39.80 -2.66
CA ILE D 143 -13.89 -38.86 -3.44
C ILE D 143 -15.08 -38.71 -2.51
N LEU D 144 -15.02 -37.72 -1.64
CA LEU D 144 -15.95 -37.54 -0.56
C LEU D 144 -16.94 -36.42 -0.77
N TYR D 145 -18.10 -36.53 -0.10
CA TYR D 145 -19.23 -35.60 -0.11
C TYR D 145 -19.60 -35.26 1.33
N LEU D 146 -20.24 -34.11 1.56
CA LEU D 146 -20.60 -33.69 2.91
C LEU D 146 -22.04 -33.23 3.06
N ARG D 147 -22.84 -34.06 3.78
CA ARG D 147 -24.24 -33.77 4.05
C ARG D 147 -24.56 -34.01 5.54
N GLU D 148 -24.34 -35.25 6.02
CA GLU D 148 -24.63 -35.61 7.40
C GLU D 148 -23.36 -35.80 8.24
N ILE D 149 -23.49 -35.85 9.57
CA ILE D 149 -22.37 -36.01 10.51
C ILE D 149 -21.52 -37.28 10.24
N ASP D 150 -22.10 -38.32 9.62
CA ASP D 150 -21.32 -39.51 9.25
C ASP D 150 -20.36 -39.13 8.11
N ASP D 151 -20.85 -38.32 7.13
CA ASP D 151 -20.02 -37.84 6.02
C ASP D 151 -18.89 -36.96 6.54
N ALA D 152 -19.16 -36.18 7.60
CA ALA D 152 -18.21 -35.30 8.27
C ALA D 152 -17.15 -36.12 9.00
N ASP D 153 -17.57 -37.20 9.70
CA ASP D 153 -16.69 -38.15 10.41
C ASP D 153 -15.71 -38.80 9.44
N LYS D 154 -16.21 -39.28 8.30
CA LYS D 154 -15.40 -39.91 7.26
C LYS D 154 -14.41 -38.88 6.64
N LEU D 155 -14.84 -37.61 6.53
CA LEU D 155 -14.02 -36.51 6.00
C LEU D 155 -12.88 -36.18 6.96
N VAL D 156 -13.18 -36.07 8.28
CA VAL D 156 -12.18 -35.82 9.33
C VAL D 156 -11.12 -36.94 9.30
N ALA D 157 -11.56 -38.22 9.17
CA ALA D 157 -10.67 -39.38 9.11
C ALA D 157 -9.77 -39.33 7.89
N ALA D 158 -10.31 -38.90 6.75
CA ALA D 158 -9.53 -38.78 5.52
C ALA D 158 -8.49 -37.66 5.64
N ILE D 159 -8.84 -36.57 6.34
CA ILE D 159 -7.98 -35.43 6.54
C ILE D 159 -6.81 -35.74 7.49
N GLN D 160 -7.07 -36.39 8.64
CA GLN D 160 -6.01 -36.77 9.58
C GLN D 160 -5.02 -37.73 8.92
N ALA D 161 -5.55 -38.70 8.13
CA ALA D 161 -4.73 -39.69 7.45
C ALA D 161 -3.91 -39.14 6.27
N LYS D 162 -4.54 -38.45 5.31
CA LYS D 162 -3.80 -37.92 4.17
C LYS D 162 -3.28 -36.51 4.41
N LYS D 163 -3.13 -36.10 5.69
CA LYS D 163 -2.63 -34.79 6.15
C LYS D 163 -1.39 -34.31 5.43
N GLY D 164 -1.35 -33.03 5.10
CA GLY D 164 -0.22 -32.44 4.40
C GLY D 164 -0.12 -32.75 2.92
N GLY D 165 -1.15 -33.36 2.36
CA GLY D 165 -1.13 -33.76 0.96
C GLY D 165 -1.76 -32.79 -0.01
N LYS D 166 -2.24 -33.34 -1.13
CA LYS D 166 -2.91 -32.61 -2.19
C LYS D 166 -4.44 -32.80 -2.06
N ALA D 167 -5.20 -31.74 -2.36
CA ALA D 167 -6.65 -31.79 -2.27
C ALA D 167 -7.30 -31.05 -3.43
N VAL D 168 -8.37 -31.62 -3.95
CA VAL D 168 -9.10 -30.97 -5.04
C VAL D 168 -10.58 -30.91 -4.68
N VAL D 169 -11.09 -29.69 -4.60
CA VAL D 169 -12.47 -29.45 -4.27
C VAL D 169 -13.16 -29.22 -5.59
N VAL D 170 -14.06 -30.13 -5.98
CA VAL D 170 -14.81 -29.96 -7.23
C VAL D 170 -16.15 -29.30 -6.93
N GLY D 171 -16.26 -28.03 -7.30
CA GLY D 171 -17.44 -27.21 -7.07
C GLY D 171 -17.07 -25.81 -6.63
N GLY D 172 -17.84 -24.84 -7.10
CA GLY D 172 -17.60 -23.45 -6.76
C GLY D 172 -18.79 -22.78 -6.10
N GLY D 173 -19.48 -23.52 -5.25
CA GLY D 173 -20.64 -23.01 -4.53
C GLY D 173 -20.36 -22.84 -3.06
N TYR D 174 -21.32 -23.18 -2.22
CA TYR D 174 -21.17 -23.03 -0.78
C TYR D 174 -20.16 -24.01 -0.20
N ILE D 175 -20.26 -25.31 -0.55
CA ILE D 175 -19.33 -26.35 -0.12
C ILE D 175 -17.94 -26.07 -0.72
N GLY D 176 -17.91 -25.64 -1.98
CA GLY D 176 -16.67 -25.29 -2.67
C GLY D 176 -15.86 -24.23 -1.95
N LEU D 177 -16.51 -23.19 -1.43
CA LEU D 177 -15.82 -22.14 -0.68
C LEU D 177 -15.50 -22.57 0.75
N GLU D 178 -16.48 -23.15 1.46
CA GLU D 178 -16.27 -23.54 2.85
C GLU D 178 -15.26 -24.67 3.06
N LEU D 179 -15.28 -25.68 2.20
CA LEU D 179 -14.38 -26.82 2.33
C LEU D 179 -13.01 -26.58 1.70
N SER D 180 -12.87 -25.56 0.84
CA SER D 180 -11.56 -25.19 0.33
C SER D 180 -10.78 -24.49 1.43
N ALA D 181 -11.46 -23.64 2.21
CA ALA D 181 -10.87 -22.95 3.36
C ALA D 181 -10.60 -23.97 4.47
N ALA D 182 -11.49 -24.97 4.67
CA ALA D 182 -11.33 -26.00 5.69
C ALA D 182 -10.11 -26.89 5.40
N LEU D 183 -9.93 -27.25 4.12
CA LEU D 183 -8.80 -28.08 3.71
C LEU D 183 -7.48 -27.32 3.77
N LYS D 184 -7.50 -26.01 3.49
CA LYS D 184 -6.29 -25.19 3.53
C LYS D 184 -5.79 -24.98 4.97
N ILE D 185 -6.69 -24.74 5.95
CA ILE D 185 -6.24 -24.58 7.35
C ILE D 185 -5.82 -25.94 7.97
N ASN D 186 -6.08 -27.07 7.30
CA ASN D 186 -5.60 -28.37 7.77
C ASN D 186 -4.33 -28.80 7.00
N ASP D 187 -3.59 -27.82 6.41
CA ASP D 187 -2.33 -27.97 5.66
C ASP D 187 -2.46 -28.83 4.40
N PHE D 188 -3.24 -28.38 3.40
CA PHE D 188 -3.35 -29.10 2.13
C PHE D 188 -3.04 -28.20 0.93
N ASP D 189 -2.64 -28.79 -0.21
CA ASP D 189 -2.37 -28.03 -1.44
C ASP D 189 -3.69 -27.99 -2.16
N VAL D 190 -4.52 -27.03 -1.79
CA VAL D 190 -5.88 -26.94 -2.26
C VAL D 190 -6.04 -26.33 -3.65
N THR D 191 -6.81 -27.03 -4.50
CA THR D 191 -7.21 -26.61 -5.84
C THR D 191 -8.76 -26.68 -5.92
N MET D 192 -9.42 -25.69 -6.54
CA MET D 192 -10.86 -25.56 -6.66
C MET D 192 -11.28 -25.53 -8.11
N VAL D 193 -12.01 -26.54 -8.57
CA VAL D 193 -12.43 -26.61 -9.98
C VAL D 193 -13.94 -26.34 -10.12
N PHE D 194 -14.34 -25.44 -11.06
CA PHE D 194 -15.75 -25.11 -11.31
C PHE D 194 -15.94 -24.52 -12.71
N PRO D 195 -16.95 -24.97 -13.46
CA PRO D 195 -17.10 -24.51 -14.85
C PRO D 195 -17.57 -23.07 -15.05
N GLU D 196 -18.12 -22.43 -14.02
CA GLU D 196 -18.63 -21.07 -14.11
C GLU D 196 -17.48 -20.02 -14.13
N PRO D 197 -17.72 -18.76 -14.56
CA PRO D 197 -16.62 -17.79 -14.66
C PRO D 197 -16.17 -17.15 -13.36
N TRP D 198 -16.84 -17.46 -12.25
CA TRP D 198 -16.54 -16.98 -10.90
C TRP D 198 -17.34 -17.78 -9.88
N CYS D 199 -16.85 -17.85 -8.65
CA CYS D 199 -17.51 -18.61 -7.60
C CYS D 199 -18.89 -18.02 -7.25
N MET D 200 -19.84 -18.89 -6.85
CA MET D 200 -21.21 -18.51 -6.50
C MET D 200 -21.94 -17.72 -7.59
N PRO D 201 -22.01 -18.27 -8.82
CA PRO D 201 -22.66 -17.52 -9.92
C PRO D 201 -24.15 -17.21 -9.77
N ARG D 202 -24.83 -17.80 -8.77
CA ARG D 202 -26.25 -17.50 -8.57
C ARG D 202 -26.50 -16.56 -7.35
N LEU D 203 -25.45 -15.87 -6.86
CA LEU D 203 -25.53 -14.93 -5.76
C LEU D 203 -24.45 -13.84 -5.87
N PHE D 204 -23.18 -14.26 -5.97
CA PHE D 204 -22.07 -13.32 -6.09
C PHE D 204 -22.05 -12.73 -7.49
N THR D 205 -21.62 -11.49 -7.58
CA THR D 205 -21.36 -10.80 -8.83
C THR D 205 -19.85 -11.04 -9.11
N ALA D 206 -19.35 -10.67 -10.32
CA ALA D 206 -17.92 -10.81 -10.64
C ALA D 206 -17.06 -10.05 -9.60
N ASP D 207 -17.48 -8.83 -9.26
CA ASP D 207 -16.86 -7.97 -8.26
C ASP D 207 -16.73 -8.63 -6.87
N ILE D 208 -17.82 -9.25 -6.36
CA ILE D 208 -17.78 -9.90 -5.05
C ILE D 208 -16.88 -11.12 -5.15
N ALA D 209 -17.11 -11.97 -6.17
CA ALA D 209 -16.32 -13.18 -6.42
C ALA D 209 -14.80 -12.90 -6.40
N ALA D 210 -14.36 -11.83 -7.12
CA ALA D 210 -12.99 -11.37 -7.25
C ALA D 210 -12.30 -11.20 -5.92
N PHE D 211 -13.00 -10.62 -4.90
CA PHE D 211 -12.38 -10.49 -3.58
C PHE D 211 -12.04 -11.87 -2.99
N TYR D 212 -12.98 -12.83 -3.05
CA TYR D 212 -12.74 -14.15 -2.47
C TYR D 212 -11.79 -14.95 -3.29
N GLU D 213 -11.82 -14.81 -4.62
CA GLU D 213 -10.90 -15.51 -5.51
C GLU D 213 -9.47 -15.09 -5.23
N ALA D 214 -9.25 -13.78 -5.00
CA ALA D 214 -7.93 -13.28 -4.69
C ALA D 214 -7.53 -13.62 -3.27
N TYR D 215 -8.45 -13.50 -2.31
CA TYR D 215 -8.18 -13.80 -0.90
C TYR D 215 -7.80 -15.27 -0.74
N TYR D 216 -8.51 -16.16 -1.44
CA TYR D 216 -8.25 -17.59 -1.40
C TYR D 216 -6.88 -17.88 -2.01
N THR D 217 -6.56 -17.25 -3.15
CA THR D 217 -5.26 -17.37 -3.80
C THR D 217 -4.13 -16.93 -2.87
N ASN D 218 -4.30 -15.76 -2.23
CA ASN D 218 -3.33 -15.21 -1.26
C ASN D 218 -3.14 -16.18 -0.09
N LYS D 219 -4.21 -16.87 0.33
CA LYS D 219 -4.15 -17.86 1.39
C LYS D 219 -3.53 -19.22 0.95
N GLY D 220 -3.24 -19.38 -0.34
CA GLY D 220 -2.60 -20.58 -0.87
C GLY D 220 -3.48 -21.49 -1.71
N VAL D 221 -4.68 -21.03 -2.07
CA VAL D 221 -5.63 -21.84 -2.82
C VAL D 221 -5.62 -21.54 -4.35
N LYS D 222 -5.63 -22.61 -5.17
CA LYS D 222 -5.68 -22.45 -6.62
C LYS D 222 -7.14 -22.36 -7.03
N VAL D 223 -7.53 -21.29 -7.72
CA VAL D 223 -8.91 -21.17 -8.19
C VAL D 223 -8.93 -21.39 -9.69
N LEU D 224 -9.48 -22.53 -10.13
CA LEU D 224 -9.54 -22.84 -11.55
C LEU D 224 -10.94 -22.69 -12.12
N LYS D 225 -11.28 -21.46 -12.56
CA LYS D 225 -12.58 -21.16 -13.16
C LYS D 225 -12.66 -21.74 -14.59
N GLY D 226 -13.87 -21.83 -15.13
CA GLY D 226 -14.10 -22.35 -16.47
C GLY D 226 -13.80 -23.82 -16.70
N THR D 227 -13.27 -24.53 -15.69
CA THR D 227 -12.92 -25.94 -15.85
C THR D 227 -13.97 -26.92 -15.32
N LEU D 228 -14.03 -28.10 -15.95
CA LEU D 228 -14.95 -29.18 -15.61
C LEU D 228 -14.19 -30.49 -15.32
N ALA D 229 -14.49 -31.15 -14.20
CA ALA D 229 -13.89 -32.45 -13.91
C ALA D 229 -14.54 -33.49 -14.84
N VAL D 230 -13.75 -34.38 -15.45
CA VAL D 230 -14.29 -35.37 -16.39
C VAL D 230 -13.89 -36.83 -16.06
N GLY D 231 -12.84 -37.00 -15.28
CA GLY D 231 -12.38 -38.33 -14.92
C GLY D 231 -11.57 -38.35 -13.63
N PHE D 232 -11.36 -39.55 -13.07
CA PHE D 232 -10.61 -39.69 -11.84
C PHE D 232 -9.67 -40.88 -11.91
N ASP D 233 -8.36 -40.63 -11.87
CA ASP D 233 -7.37 -41.71 -11.86
C ASP D 233 -7.39 -42.38 -10.48
N ALA D 234 -7.20 -43.70 -10.46
CA ALA D 234 -7.16 -44.44 -9.19
C ALA D 234 -6.00 -45.44 -9.20
N ASN D 235 -5.36 -45.66 -8.05
CA ASN D 235 -4.22 -46.56 -7.97
C ASN D 235 -4.65 -48.05 -7.81
N ALA D 236 -3.70 -48.96 -7.54
CA ALA D 236 -3.96 -50.38 -7.36
C ALA D 236 -4.99 -50.65 -6.24
N ASN D 237 -4.95 -49.85 -5.16
CA ASN D 237 -5.87 -50.01 -4.03
C ASN D 237 -7.26 -49.36 -4.24
N GLY D 238 -7.52 -48.85 -5.44
CA GLY D 238 -8.79 -48.22 -5.77
C GLY D 238 -8.95 -46.78 -5.29
N ASP D 239 -7.94 -46.25 -4.56
CA ASP D 239 -7.92 -44.88 -4.02
C ASP D 239 -7.65 -43.84 -5.10
N VAL D 240 -8.24 -42.66 -4.97
CA VAL D 240 -8.07 -41.59 -5.95
C VAL D 240 -6.62 -41.08 -6.00
N THR D 241 -6.13 -40.77 -7.20
CA THR D 241 -4.78 -40.25 -7.36
C THR D 241 -4.79 -38.96 -8.17
N ALA D 242 -5.70 -38.82 -9.14
CA ALA D 242 -5.73 -37.62 -9.96
C ALA D 242 -7.12 -37.21 -10.48
N VAL D 243 -7.29 -35.93 -10.87
CA VAL D 243 -8.53 -35.43 -11.44
C VAL D 243 -8.26 -34.96 -12.86
N LYS D 244 -8.98 -35.52 -13.85
CA LYS D 244 -8.81 -35.17 -15.25
C LYS D 244 -9.76 -34.04 -15.68
N LEU D 245 -9.23 -32.96 -16.28
CA LEU D 245 -10.06 -31.84 -16.69
C LEU D 245 -10.47 -31.90 -18.17
N LYS D 246 -11.52 -31.15 -18.56
CA LYS D 246 -12.05 -31.12 -19.92
C LYS D 246 -11.04 -30.59 -20.94
N ASP D 247 -10.17 -29.66 -20.50
CA ASP D 247 -9.13 -29.07 -21.33
C ASP D 247 -8.14 -30.15 -21.78
N GLY D 248 -7.63 -30.91 -20.81
CA GLY D 248 -6.69 -31.98 -21.07
C GLY D 248 -5.81 -32.27 -19.87
N LYS D 249 -5.47 -31.22 -19.11
CA LYS D 249 -4.60 -31.33 -17.93
C LYS D 249 -5.13 -32.22 -16.83
N VAL D 250 -4.21 -32.88 -16.10
CA VAL D 250 -4.57 -33.72 -14.96
C VAL D 250 -4.06 -33.08 -13.65
N LEU D 251 -4.57 -33.51 -12.49
CA LEU D 251 -4.21 -32.89 -11.22
C LEU D 251 -4.12 -33.87 -10.07
N GLU D 252 -2.93 -34.01 -9.50
CA GLU D 252 -2.67 -34.92 -8.40
C GLU D 252 -3.49 -34.60 -7.17
N ALA D 253 -4.00 -35.64 -6.49
CA ALA D 253 -4.85 -35.49 -5.31
C ALA D 253 -4.85 -36.74 -4.43
N ASP D 254 -4.76 -36.54 -3.12
CA ASP D 254 -4.89 -37.65 -2.16
C ASP D 254 -6.37 -37.73 -1.74
N ILE D 255 -6.97 -36.55 -1.48
CA ILE D 255 -8.35 -36.34 -1.08
C ILE D 255 -9.04 -35.49 -2.13
N VAL D 256 -10.25 -35.86 -2.54
CA VAL D 256 -11.07 -35.11 -3.48
C VAL D 256 -12.41 -34.84 -2.79
N VAL D 257 -12.78 -33.57 -2.61
CA VAL D 257 -14.06 -33.24 -1.96
C VAL D 257 -15.04 -32.60 -2.96
N VAL D 258 -16.18 -33.24 -3.21
CA VAL D 258 -17.14 -32.78 -4.22
C VAL D 258 -18.38 -32.08 -3.64
N GLY D 259 -18.58 -30.86 -4.08
CA GLY D 259 -19.72 -30.05 -3.66
C GLY D 259 -20.37 -29.45 -4.88
N VAL D 260 -21.17 -30.28 -5.58
CA VAL D 260 -21.85 -29.89 -6.82
C VAL D 260 -23.38 -29.83 -6.66
N GLY D 261 -23.84 -29.44 -5.49
CA GLY D 261 -25.27 -29.23 -5.27
C GLY D 261 -26.08 -30.33 -4.63
N GLY D 262 -27.27 -29.95 -4.17
CA GLY D 262 -28.24 -30.83 -3.55
C GLY D 262 -29.60 -30.73 -4.21
N ARG D 263 -30.51 -31.63 -3.84
CA ARG D 263 -31.86 -31.65 -4.39
C ARG D 263 -32.83 -32.15 -3.32
N PRO D 264 -34.04 -31.54 -3.21
CA PRO D 264 -34.98 -31.97 -2.16
C PRO D 264 -35.36 -33.45 -2.24
N LEU D 265 -35.30 -34.12 -1.08
CA LEU D 265 -35.64 -35.53 -0.93
C LEU D 265 -37.14 -35.69 -0.90
N THR D 266 -37.77 -35.53 -2.06
CA THR D 266 -39.22 -35.64 -2.19
C THR D 266 -39.64 -36.98 -2.85
N THR D 267 -38.70 -37.90 -3.05
CA THR D 267 -38.90 -39.15 -3.79
C THR D 267 -40.05 -40.03 -3.25
N LEU D 268 -40.27 -40.08 -1.93
CA LEU D 268 -41.33 -40.89 -1.33
C LEU D 268 -42.75 -40.38 -1.57
N PHE D 269 -42.88 -39.14 -2.03
CA PHE D 269 -44.20 -38.52 -2.19
C PHE D 269 -44.54 -38.20 -3.65
N LYS D 270 -43.76 -38.74 -4.61
CA LYS D 270 -43.96 -38.54 -6.05
C LYS D 270 -45.34 -39.04 -6.47
N GLY D 271 -46.11 -38.12 -7.02
CA GLY D 271 -47.46 -38.39 -7.48
C GLY D 271 -48.53 -38.20 -6.42
N GLN D 272 -48.15 -38.15 -5.14
CA GLN D 272 -49.11 -38.00 -4.06
C GLN D 272 -49.36 -36.52 -3.71
N VAL D 273 -48.31 -35.71 -3.70
CA VAL D 273 -48.43 -34.27 -3.45
C VAL D 273 -48.20 -33.49 -4.77
N ALA D 274 -48.68 -32.24 -4.85
CA ALA D 274 -48.42 -31.40 -6.02
C ALA D 274 -46.97 -30.86 -5.90
N GLU D 275 -46.25 -30.74 -7.03
CA GLU D 275 -44.87 -30.27 -6.99
C GLU D 275 -44.63 -29.05 -7.88
N GLU D 276 -43.70 -28.17 -7.46
CA GLU D 276 -43.34 -26.96 -8.21
C GLU D 276 -41.88 -26.64 -7.99
N LYS D 277 -41.23 -26.10 -9.02
CA LYS D 277 -39.83 -25.68 -9.00
C LYS D 277 -38.88 -26.64 -8.26
N GLY D 278 -39.10 -27.94 -8.42
CA GLY D 278 -38.23 -28.92 -7.79
C GLY D 278 -38.63 -29.43 -6.43
N GLY D 279 -39.50 -28.70 -5.72
CA GLY D 279 -39.95 -29.13 -4.40
C GLY D 279 -41.44 -29.42 -4.25
N ILE D 280 -41.87 -29.76 -3.02
CA ILE D 280 -43.28 -30.03 -2.76
C ILE D 280 -43.96 -28.69 -2.57
N LYS D 281 -44.97 -28.36 -3.38
CA LYS D 281 -45.65 -27.06 -3.29
C LYS D 281 -46.46 -26.93 -1.96
N THR D 282 -46.44 -25.72 -1.35
CA THR D 282 -47.15 -25.46 -0.10
C THR D 282 -47.86 -24.09 -0.14
N ASP D 283 -48.79 -23.87 0.82
CA ASP D 283 -49.46 -22.58 1.00
C ASP D 283 -48.57 -21.71 1.96
N ALA D 284 -49.07 -20.52 2.38
CA ALA D 284 -48.33 -19.65 3.29
C ALA D 284 -48.17 -20.23 4.71
N PHE D 285 -48.54 -21.51 4.92
CA PHE D 285 -48.51 -22.20 6.20
C PHE D 285 -47.70 -23.50 6.17
N PHE D 286 -47.14 -23.85 4.98
CA PHE D 286 -46.37 -25.04 4.69
C PHE D 286 -47.23 -26.28 4.55
N GLU D 287 -48.54 -26.12 4.21
CA GLU D 287 -49.39 -27.26 3.99
C GLU D 287 -49.38 -27.59 2.51
N THR D 288 -49.26 -28.89 2.18
CA THR D 288 -49.18 -29.40 0.81
C THR D 288 -50.60 -29.50 0.13
N SER D 289 -50.68 -30.07 -1.09
CA SER D 289 -51.95 -30.29 -1.79
C SER D 289 -52.81 -31.39 -1.11
N VAL D 290 -52.22 -32.13 -0.14
CA VAL D 290 -52.88 -33.17 0.65
C VAL D 290 -53.12 -32.56 2.03
N PRO D 291 -54.39 -32.43 2.45
CA PRO D 291 -54.66 -31.81 3.76
C PRO D 291 -54.23 -32.68 4.94
N GLY D 292 -53.49 -32.07 5.85
CA GLY D 292 -52.93 -32.78 7.00
C GLY D 292 -51.45 -33.07 6.85
N VAL D 293 -50.91 -32.90 5.63
CA VAL D 293 -49.49 -33.11 5.35
C VAL D 293 -48.84 -31.75 5.12
N TYR D 294 -47.75 -31.52 5.81
CA TYR D 294 -46.95 -30.30 5.80
C TYR D 294 -45.53 -30.61 5.29
N ALA D 295 -44.89 -29.62 4.66
CA ALA D 295 -43.53 -29.75 4.11
C ALA D 295 -42.78 -28.51 4.50
N ILE D 296 -41.66 -28.65 5.19
CA ILE D 296 -40.88 -27.50 5.63
C ILE D 296 -39.39 -27.62 5.20
N GLY D 297 -38.62 -26.55 5.40
CA GLY D 297 -37.19 -26.54 5.12
C GLY D 297 -36.84 -26.61 3.64
N ASP D 298 -35.75 -27.34 3.32
CA ASP D 298 -35.22 -27.52 1.97
C ASP D 298 -36.22 -28.03 0.91
N VAL D 299 -37.13 -28.92 1.32
CA VAL D 299 -38.08 -29.63 0.47
C VAL D 299 -39.27 -28.80 -0.01
N ALA D 300 -39.69 -27.81 0.75
CA ALA D 300 -40.88 -27.03 0.40
C ALA D 300 -40.72 -25.87 -0.64
N THR D 301 -41.69 -25.77 -1.60
CA THR D 301 -41.80 -24.68 -2.59
C THR D 301 -43.00 -23.86 -2.08
N PHE D 302 -42.70 -22.83 -1.31
CA PHE D 302 -43.67 -22.01 -0.61
C PHE D 302 -43.82 -20.64 -1.23
N PRO D 303 -44.87 -19.87 -0.89
CA PRO D 303 -44.97 -18.51 -1.42
C PRO D 303 -44.06 -17.54 -0.64
N LEU D 304 -43.14 -16.89 -1.36
CA LEU D 304 -42.27 -15.90 -0.77
C LEU D 304 -43.05 -14.61 -0.95
N LYS D 305 -43.93 -14.30 0.02
CA LYS D 305 -44.87 -13.17 0.09
C LYS D 305 -44.32 -11.84 -0.48
N MET D 306 -43.16 -11.41 0.01
CA MET D 306 -42.47 -10.18 -0.36
C MET D 306 -42.30 -9.98 -1.87
N TYR D 307 -42.10 -11.07 -2.64
CA TYR D 307 -41.87 -10.92 -4.07
C TYR D 307 -42.96 -11.55 -4.97
N ASN D 308 -44.07 -12.03 -4.37
CA ASN D 308 -45.19 -12.68 -5.05
C ASN D 308 -44.72 -13.75 -6.05
N GLU D 309 -44.05 -14.75 -5.51
CA GLU D 309 -43.48 -15.86 -6.25
C GLU D 309 -43.45 -17.08 -5.37
N LEU D 310 -43.69 -18.25 -5.96
CA LEU D 310 -43.49 -19.50 -5.24
C LEU D 310 -41.98 -19.76 -5.37
N ARG D 311 -41.33 -20.12 -4.28
CA ARG D 311 -39.89 -20.33 -4.27
C ARG D 311 -39.46 -21.45 -3.34
N ARG D 312 -38.24 -21.93 -3.51
CA ARG D 312 -37.68 -22.96 -2.65
C ARG D 312 -36.34 -22.42 -2.09
N VAL D 313 -36.13 -22.56 -0.77
CA VAL D 313 -34.92 -22.08 -0.10
C VAL D 313 -34.20 -23.23 0.59
N GLU D 314 -32.97 -23.49 0.17
CA GLU D 314 -32.16 -24.56 0.74
C GLU D 314 -31.15 -24.04 1.75
N HIS D 315 -31.59 -23.19 2.68
CA HIS D 315 -30.69 -22.61 3.69
C HIS D 315 -31.23 -22.75 5.12
N VAL D 316 -30.31 -22.69 6.12
CA VAL D 316 -30.58 -22.97 7.53
C VAL D 316 -31.61 -22.03 8.16
N ASP D 317 -31.56 -20.72 7.87
CA ASP D 317 -32.51 -19.78 8.45
C ASP D 317 -33.96 -20.15 8.12
N HIS D 318 -34.23 -20.46 6.84
CA HIS D 318 -35.55 -20.86 6.38
C HIS D 318 -36.03 -22.16 6.99
N SER D 319 -35.13 -23.09 7.24
CA SER D 319 -35.50 -24.40 7.80
C SER D 319 -36.04 -24.27 9.20
N ARG D 320 -35.51 -23.32 9.99
CA ARG D 320 -35.94 -23.07 11.36
C ARG D 320 -37.26 -22.28 11.37
N LYS D 321 -37.32 -21.20 10.56
CA LYS D 321 -38.49 -20.35 10.54
C LYS D 321 -39.71 -21.00 9.90
N SER D 322 -39.48 -21.85 8.90
CA SER D 322 -40.57 -22.57 8.25
C SER D 322 -41.10 -23.66 9.17
N ALA D 323 -40.23 -24.25 10.04
CA ALA D 323 -40.62 -25.24 11.02
C ALA D 323 -41.56 -24.58 12.04
N GLU D 324 -41.19 -23.36 12.51
CA GLU D 324 -42.03 -22.62 13.45
C GLU D 324 -43.36 -22.27 12.79
N GLN D 325 -43.35 -21.82 11.53
CA GLN D 325 -44.58 -21.45 10.84
C GLN D 325 -45.52 -22.62 10.71
N ALA D 326 -45.01 -23.81 10.39
CA ALA D 326 -45.87 -24.97 10.18
C ALA D 326 -46.57 -25.37 11.46
N VAL D 327 -45.81 -25.52 12.58
CA VAL D 327 -46.33 -25.86 13.91
C VAL D 327 -47.34 -24.80 14.36
N LYS D 328 -47.02 -23.49 14.21
CA LYS D 328 -47.92 -22.39 14.54
C LYS D 328 -49.25 -22.50 13.77
N ALA D 329 -49.21 -22.96 12.52
CA ALA D 329 -50.39 -23.12 11.69
C ALA D 329 -51.18 -24.35 12.11
N ILE D 330 -50.50 -25.41 12.56
CA ILE D 330 -51.12 -26.65 13.02
C ILE D 330 -51.90 -26.36 14.31
N LYS D 331 -51.26 -25.69 15.29
CA LYS D 331 -51.88 -25.30 16.55
C LYS D 331 -53.02 -24.29 16.31
N GLY D 332 -52.85 -23.42 15.31
CA GLY D 332 -53.85 -22.44 14.92
C GLY D 332 -55.08 -23.07 14.30
N LYS D 333 -54.93 -24.24 13.68
CA LYS D 333 -56.06 -24.97 13.10
C LYS D 333 -56.88 -25.62 14.22
N GLU D 334 -56.21 -26.12 15.27
CA GLU D 334 -56.85 -26.73 16.43
C GLU D 334 -57.65 -25.66 17.22
N SER D 335 -56.98 -24.55 17.61
CA SER D 335 -57.59 -23.47 18.38
C SER D 335 -58.45 -22.47 17.56
N GLY D 336 -58.49 -22.62 16.23
CA GLY D 336 -59.27 -21.72 15.37
C GLY D 336 -58.74 -20.30 15.26
N GLU D 337 -57.54 -20.05 15.84
CA GLU D 337 -56.91 -18.73 15.85
C GLU D 337 -56.32 -18.31 14.49
N SER D 338 -56.39 -17.00 14.18
CA SER D 338 -55.86 -16.46 12.93
C SER D 338 -54.34 -16.32 12.97
N VAL D 339 -53.64 -17.23 12.27
CA VAL D 339 -52.18 -17.20 12.17
C VAL D 339 -51.78 -16.52 10.87
N PRO D 340 -50.86 -15.55 10.93
CA PRO D 340 -50.50 -14.81 9.70
C PRO D 340 -49.67 -15.63 8.72
N GLU D 341 -49.67 -15.18 7.46
CA GLU D 341 -48.94 -15.79 6.38
C GLU D 341 -47.43 -15.68 6.60
N TYR D 342 -46.68 -16.68 6.11
CA TYR D 342 -45.23 -16.72 6.22
C TYR D 342 -44.63 -15.53 5.48
N ASP D 343 -44.03 -14.57 6.20
CA ASP D 343 -43.43 -13.40 5.56
C ASP D 343 -41.94 -13.56 5.71
N TYR D 344 -41.34 -14.27 4.77
CA TYR D 344 -39.93 -14.58 4.84
C TYR D 344 -39.04 -13.57 4.10
N LEU D 345 -37.89 -13.25 4.71
CA LEU D 345 -36.87 -12.38 4.13
C LEU D 345 -35.64 -13.27 3.95
N PRO D 346 -35.31 -13.64 2.70
CA PRO D 346 -34.14 -14.50 2.47
C PRO D 346 -32.85 -14.01 3.12
N TYR D 347 -32.19 -14.88 3.89
CA TYR D 347 -30.97 -14.54 4.56
C TYR D 347 -29.94 -15.65 4.30
N PHE D 348 -28.81 -15.31 3.65
CA PHE D 348 -27.73 -16.25 3.35
C PHE D 348 -26.42 -15.81 4.04
N TYR D 349 -25.55 -16.78 4.41
CA TYR D 349 -24.29 -16.45 5.07
C TYR D 349 -23.18 -17.50 4.91
N SER D 350 -21.93 -17.09 5.09
CA SER D 350 -20.78 -18.00 4.98
C SER D 350 -19.57 -17.45 5.73
N ARG D 351 -18.94 -18.29 6.54
CA ARG D 351 -17.76 -17.88 7.28
C ARG D 351 -16.62 -18.79 6.85
N SER D 352 -15.61 -18.20 6.22
CA SER D 352 -14.47 -18.94 5.71
C SER D 352 -13.21 -18.24 6.17
N PHE D 353 -12.24 -19.02 6.69
CA PHE D 353 -10.98 -18.49 7.22
C PHE D 353 -11.26 -17.41 8.31
N ASP D 354 -10.89 -16.14 8.08
CA ASP D 354 -11.21 -15.05 9.01
C ASP D 354 -12.40 -14.18 8.52
N LEU D 355 -12.90 -14.43 7.28
CA LEU D 355 -14.02 -13.78 6.65
C LEU D 355 -15.36 -14.32 7.13
N GLY D 356 -16.41 -13.54 6.89
CA GLY D 356 -17.79 -13.84 7.23
C GLY D 356 -18.71 -12.81 6.60
N TRP D 357 -19.61 -13.23 5.72
CA TRP D 357 -20.54 -12.31 5.05
C TRP D 357 -21.99 -12.71 5.27
N GLN D 358 -22.90 -11.75 5.09
CA GLN D 358 -24.34 -11.97 5.12
C GLN D 358 -24.96 -11.30 3.88
N PHE D 359 -26.05 -11.87 3.38
CA PHE D 359 -26.85 -11.32 2.28
C PHE D 359 -28.32 -11.43 2.70
N TYR D 360 -29.11 -10.40 2.36
CA TYR D 360 -30.53 -10.35 2.65
C TYR D 360 -31.30 -9.88 1.43
N GLY D 361 -32.49 -10.44 1.20
CA GLY D 361 -33.31 -10.03 0.08
C GLY D 361 -33.34 -10.91 -1.15
N ASP D 362 -33.25 -10.27 -2.30
CA ASP D 362 -33.29 -10.93 -3.59
C ASP D 362 -32.17 -10.34 -4.43
N ASN D 363 -31.40 -11.18 -5.14
CA ASN D 363 -30.30 -10.66 -5.95
C ASN D 363 -30.77 -10.25 -7.37
N VAL D 364 -31.73 -9.33 -7.44
CA VAL D 364 -32.26 -8.88 -8.73
C VAL D 364 -31.96 -7.39 -8.96
N GLY D 365 -31.75 -7.00 -10.20
CA GLY D 365 -31.49 -5.61 -10.53
C GLY D 365 -30.03 -5.24 -10.66
N GLU D 366 -29.77 -3.92 -10.73
CA GLU D 366 -28.44 -3.34 -10.87
C GLU D 366 -27.60 -3.50 -9.63
N THR D 367 -26.30 -3.69 -9.78
CA THR D 367 -25.42 -3.85 -8.61
C THR D 367 -24.36 -2.78 -8.47
N ILE D 368 -24.02 -2.46 -7.21
CA ILE D 368 -22.94 -1.54 -6.88
C ILE D 368 -22.16 -2.07 -5.67
N LEU D 369 -20.82 -2.11 -5.77
CA LEU D 369 -19.95 -2.50 -4.66
C LEU D 369 -19.58 -1.24 -3.91
N PHE D 370 -19.37 -1.38 -2.60
CA PHE D 370 -19.04 -0.24 -1.73
C PHE D 370 -18.12 -0.69 -0.59
N GLY D 371 -17.51 0.27 0.10
CA GLY D 371 -16.59 -0.04 1.19
C GLY D 371 -15.23 -0.43 0.67
N ASP D 372 -14.44 -1.11 1.49
CA ASP D 372 -13.10 -1.54 1.07
C ASP D 372 -13.09 -3.01 0.63
N SER D 373 -12.93 -3.22 -0.67
CA SER D 373 -12.92 -4.56 -1.24
C SER D 373 -11.52 -5.04 -1.66
N ASP D 374 -10.46 -4.57 -0.97
CA ASP D 374 -9.08 -4.98 -1.22
C ASP D 374 -8.81 -6.30 -0.47
N PRO D 375 -8.30 -7.34 -1.16
CA PRO D 375 -8.08 -8.64 -0.49
C PRO D 375 -6.97 -8.65 0.55
N THR D 376 -5.92 -7.82 0.35
CA THR D 376 -4.81 -7.76 1.31
C THR D 376 -5.14 -6.96 2.58
N SER D 377 -6.24 -6.20 2.59
CA SER D 377 -6.64 -5.42 3.76
C SER D 377 -6.95 -6.34 4.92
N SER D 378 -6.57 -5.93 6.14
CA SER D 378 -6.85 -6.75 7.32
C SER D 378 -8.27 -6.41 7.77
N LYS D 379 -9.11 -7.45 7.99
CA LYS D 379 -10.53 -7.32 8.34
C LYS D 379 -11.25 -6.40 7.35
N PRO D 380 -11.46 -6.84 6.09
CA PRO D 380 -12.12 -5.96 5.11
C PRO D 380 -13.63 -5.87 5.32
N LYS D 381 -14.17 -4.68 5.07
CA LYS D 381 -15.60 -4.45 5.23
C LYS D 381 -16.09 -3.83 3.95
N PHE D 382 -16.75 -4.63 3.14
CA PHE D 382 -17.33 -4.15 1.90
C PHE D 382 -18.69 -4.84 1.67
N GLY D 383 -19.60 -4.15 1.01
CA GLY D 383 -20.90 -4.72 0.70
C GLY D 383 -21.37 -4.43 -0.70
N SER D 384 -22.61 -4.81 -1.01
CA SER D 384 -23.17 -4.59 -2.35
C SER D 384 -24.69 -4.42 -2.26
N TYR D 385 -25.29 -3.65 -3.18
CA TYR D 385 -26.76 -3.48 -3.20
C TYR D 385 -27.28 -3.87 -4.57
N TRP D 386 -28.51 -4.39 -4.61
CA TRP D 386 -29.21 -4.79 -5.83
C TRP D 386 -30.39 -3.85 -5.92
N ILE D 387 -30.44 -3.06 -6.97
CA ILE D 387 -31.47 -2.05 -7.15
C ILE D 387 -32.32 -2.33 -8.38
N LYS D 388 -33.59 -2.59 -8.14
CA LYS D 388 -34.59 -2.87 -9.17
C LYS D 388 -35.79 -1.98 -8.87
N ASP D 389 -36.51 -1.54 -9.92
CA ASP D 389 -37.68 -0.66 -9.87
C ASP D 389 -37.49 0.57 -8.98
N GLY D 390 -36.27 1.12 -9.00
CA GLY D 390 -35.90 2.30 -8.23
C GLY D 390 -35.77 2.09 -6.73
N LYS D 391 -35.65 0.83 -6.27
CA LYS D 391 -35.54 0.53 -4.84
C LYS D 391 -34.57 -0.64 -4.55
N VAL D 392 -34.09 -0.76 -3.31
CA VAL D 392 -33.16 -1.84 -2.95
C VAL D 392 -33.87 -3.17 -2.77
N PHE D 393 -33.50 -4.20 -3.55
CA PHE D 393 -34.07 -5.53 -3.42
C PHE D 393 -33.17 -6.41 -2.54
N GLY D 394 -31.86 -6.36 -2.78
CA GLY D 394 -30.90 -7.12 -2.02
C GLY D 394 -29.76 -6.31 -1.45
N ALA D 395 -29.18 -6.79 -0.36
CA ALA D 395 -28.06 -6.12 0.30
C ALA D 395 -27.12 -7.20 0.80
N PHE D 396 -25.85 -7.10 0.45
CA PHE D 396 -24.80 -8.02 0.87
C PHE D 396 -23.81 -7.23 1.78
N LEU D 397 -23.15 -7.90 2.73
CA LEU D 397 -22.15 -7.26 3.59
C LEU D 397 -21.08 -8.24 4.07
N GLU D 398 -19.81 -7.94 3.78
CA GLU D 398 -18.68 -8.72 4.27
C GLU D 398 -18.06 -7.98 5.47
N GLY D 399 -17.84 -8.71 6.56
CA GLY D 399 -17.18 -8.20 7.76
C GLY D 399 -17.95 -7.21 8.61
N GLY D 400 -19.26 -7.23 8.50
CA GLY D 400 -20.10 -6.34 9.28
C GLY D 400 -20.23 -6.81 10.71
N SER D 401 -20.38 -5.87 11.62
CA SER D 401 -20.62 -6.20 13.02
C SER D 401 -22.10 -6.63 13.10
N PRO D 402 -22.56 -7.30 14.17
CA PRO D 402 -23.99 -7.68 14.24
C PRO D 402 -24.96 -6.54 13.94
N ASP D 403 -24.68 -5.33 14.45
CA ASP D 403 -25.55 -4.19 14.22
C ASP D 403 -25.52 -3.70 12.79
N GLU D 404 -24.36 -3.76 12.14
CA GLU D 404 -24.25 -3.39 10.73
C GLU D 404 -25.03 -4.41 9.87
N ASN D 405 -24.99 -5.71 10.25
CA ASN D 405 -25.69 -6.76 9.53
C ASN D 405 -27.19 -6.55 9.66
N ASN D 406 -27.67 -6.18 10.87
CA ASN D 406 -29.09 -5.89 11.12
C ASN D 406 -29.57 -4.70 10.26
N ALA D 407 -28.68 -3.76 9.96
CA ALA D 407 -29.02 -2.59 9.15
C ALA D 407 -29.23 -3.03 7.71
N ILE D 408 -28.33 -3.87 7.13
CA ILE D 408 -28.53 -4.35 5.76
C ILE D 408 -29.75 -5.29 5.65
N ALA D 409 -30.16 -5.92 6.76
CA ALA D 409 -31.35 -6.75 6.84
C ALA D 409 -32.59 -5.82 6.77
N LYS D 410 -32.55 -4.66 7.49
CA LYS D 410 -33.62 -3.66 7.47
C LYS D 410 -33.73 -3.00 6.08
N VAL D 411 -32.62 -2.90 5.34
CA VAL D 411 -32.65 -2.34 3.99
C VAL D 411 -33.40 -3.29 3.03
N ALA D 412 -33.10 -4.59 3.12
CA ALA D 412 -33.74 -5.58 2.27
C ALA D 412 -35.21 -5.80 2.67
N LYS D 413 -35.53 -5.62 3.96
CA LYS D 413 -36.90 -5.76 4.45
C LYS D 413 -37.75 -4.57 4.04
N THR D 414 -37.24 -3.33 4.20
CA THR D 414 -38.05 -2.14 3.89
C THR D 414 -38.01 -1.73 2.42
N GLN D 415 -37.02 -2.19 1.65
CA GLN D 415 -36.82 -1.87 0.23
C GLN D 415 -36.86 -0.39 -0.03
N PRO D 416 -35.97 0.38 0.61
CA PRO D 416 -35.99 1.83 0.47
C PRO D 416 -35.83 2.32 -0.97
N PRO D 417 -36.47 3.46 -1.28
CA PRO D 417 -36.31 4.01 -2.63
C PRO D 417 -34.92 4.60 -2.85
N VAL D 418 -34.43 4.45 -4.07
CA VAL D 418 -33.12 4.92 -4.49
C VAL D 418 -33.32 5.97 -5.59
N ALA D 419 -33.01 7.24 -5.30
CA ALA D 419 -33.15 8.31 -6.29
C ALA D 419 -32.02 8.22 -7.32
N SER D 420 -30.79 7.91 -6.85
CA SER D 420 -29.64 7.78 -7.74
C SER D 420 -28.65 6.72 -7.24
N ILE D 421 -28.23 5.81 -8.14
CA ILE D 421 -27.26 4.78 -7.78
C ILE D 421 -25.85 5.37 -7.55
N GLU D 422 -25.57 6.57 -8.08
CA GLU D 422 -24.28 7.24 -7.89
C GLU D 422 -24.17 7.69 -6.43
N GLU D 423 -25.24 8.32 -5.92
CA GLU D 423 -25.33 8.77 -4.53
C GLU D 423 -25.33 7.58 -3.55
N LEU D 424 -25.91 6.45 -3.99
CA LEU D 424 -25.98 5.23 -3.21
C LEU D 424 -24.60 4.63 -3.00
N LYS D 425 -23.77 4.64 -4.06
CA LYS D 425 -22.42 4.08 -3.96
C LYS D 425 -21.57 4.91 -2.99
N LYS D 426 -21.72 6.25 -3.05
CA LYS D 426 -21.00 7.20 -2.21
C LYS D 426 -21.40 7.08 -0.73
N GLU D 427 -22.67 6.75 -0.45
CA GLU D 427 -23.12 6.58 0.93
C GLU D 427 -22.54 5.27 1.49
N GLY D 428 -22.61 4.20 0.70
CA GLY D 428 -22.08 2.91 1.11
C GLY D 428 -22.85 2.27 2.25
N LEU D 429 -22.14 1.85 3.31
CA LEU D 429 -22.80 1.26 4.48
C LEU D 429 -23.58 2.30 5.33
N GLN D 430 -23.24 3.59 5.18
CA GLN D 430 -23.93 4.67 5.88
C GLN D 430 -25.42 4.77 5.46
N PHE D 431 -25.77 4.31 4.24
CA PHE D 431 -27.17 4.31 3.77
C PHE D 431 -28.00 3.32 4.61
N ALA D 432 -27.39 2.16 4.97
CA ALA D 432 -28.04 1.12 5.75
C ALA D 432 -28.14 1.55 7.21
N SER D 433 -27.05 2.12 7.75
CA SER D 433 -26.97 2.59 9.13
C SER D 433 -27.89 3.77 9.43
N LYS D 434 -28.03 4.72 8.47
CA LYS D 434 -28.83 5.94 8.69
C LYS D 434 -30.29 5.69 9.10
N ILE D 435 -30.84 4.48 8.89
CA ILE D 435 -32.19 4.19 9.33
C ILE D 435 -32.26 4.07 10.86
#